data_4WHQ
#
_entry.id   4WHQ
#
_cell.length_a   128.259
_cell.length_b   140.724
_cell.length_c   167.824
_cell.angle_alpha   90.000
_cell.angle_beta   90.000
_cell.angle_gamma   90.000
#
_symmetry.space_group_name_H-M   'I 2 2 2'
#
loop_
_entity.id
_entity.type
_entity.pdbx_description
1 polymer 'Protocatechuate 3,4-dioxygenase alpha chain'
2 polymer 'Protocatechuate 3,4-dioxygenase beta chain'
3 non-polymer 'CHLORIDE ION'
4 non-polymer 4-fluorobenzene-1,2-diol
5 non-polymer 'FE (III) ION'
6 non-polymer BETA-MERCAPTOETHANOL
7 non-polymer 'BICARBONATE ION'
8 non-polymer 'SULFATE ION'
9 non-polymer 'SODIUM ION'
10 non-polymer GLYCEROL
11 non-polymer (6S)-4-fluoro-6-hydroperoxy-6-hydroxycyclohexa-2,4-dien-1-one
12 water water
#
loop_
_entity_poly.entity_id
_entity_poly.type
_entity_poly.pdbx_seq_one_letter_code
_entity_poly.pdbx_strand_id
1 'polypeptide(L)'
;PIELLPETPSQTAGPYVHIGLALEAAGNPTRDQEIWNRLAKPDAPGEHILLLGQVYDGNGHLVRDSFLEVWQADANGEYQ
DAYNLENAFNSFGRTATTFDAGEWTLHTVKPGVVNNAAGVPMAPHINISLFARGINIHLHTRLYFDDEAQANAKCPVLNL
IEQPQRRETLIAKRCEVDGKTAYRFDIRIQGEGETVFFDF
;
A,E,C
2 'polypeptide(L)'
;PAQDNSRFVIRDRNWHPKALTPDYKTSIARSPRQALVSIPQSISETTGPNFSHLGFGAHDHDLLLNFNNGGLPIGERIIV
AGRVVDQYGKPVPNTLVEMWQANAGGRYRHKNDRYLAPLDPNFGGVGRCLTDSDGYYSFRTIKPGPYPWRNGPNDWRPAH
IHFGISGPSIATKLITQLYFEGDPLIPMCPIVKSIANPEAVQQLIAKLDMNNANPMDCLAYRFDIVLRGQRKTHFENC
;
F,D,B
#
loop_
_chem_comp.id
_chem_comp.type
_chem_comp.name
_chem_comp.formula
3N8 non-polymer 4-fluorobenzene-1,2-diol 'C6 H5 F O2'
3N9 non-polymer (6S)-4-fluoro-6-hydroperoxy-6-hydroxycyclohexa-2,4-dien-1-one 'C6 H5 F O4'
BCT non-polymer 'BICARBONATE ION' 'C H O3 -1'
BME non-polymer BETA-MERCAPTOETHANOL 'C2 H6 O S'
CL non-polymer 'CHLORIDE ION' 'Cl -1'
FE non-polymer 'FE (III) ION' 'Fe 3'
GOL non-polymer GLYCEROL 'C3 H8 O3'
NA non-polymer 'SODIUM ION' 'Na 1'
SO4 non-polymer 'SULFATE ION' 'O4 S -2'
#
# COMPACT_ATOMS: atom_id res chain seq x y z
N PRO A 1 15.42 0.87 26.78
CA PRO A 1 14.31 0.17 27.44
C PRO A 1 14.66 -1.28 27.57
N ILE A 2 13.88 -2.01 28.36
CA ILE A 2 14.12 -3.43 28.55
C ILE A 2 13.66 -4.14 27.29
N GLU A 3 14.56 -4.95 26.74
CA GLU A 3 14.24 -5.81 25.61
C GLU A 3 14.34 -7.26 26.05
N LEU A 4 13.29 -8.04 25.81
CA LEU A 4 13.29 -9.47 26.08
C LEU A 4 13.84 -10.23 24.91
N LEU A 5 13.84 -11.55 24.96
CA LEU A 5 14.12 -12.31 23.74
C LEU A 5 13.00 -12.04 22.71
N PRO A 6 13.35 -11.94 21.43
CA PRO A 6 12.28 -11.72 20.49
C PRO A 6 11.49 -13.01 20.25
N GLU A 7 10.19 -12.87 20.01
CA GLU A 7 9.34 -14.04 19.70
C GLU A 7 9.80 -14.61 18.35
N THR A 8 9.71 -15.92 18.18
CA THR A 8 9.91 -16.54 16.89
C THR A 8 8.87 -15.98 15.92
N PRO A 9 9.28 -15.49 14.76
CA PRO A 9 8.29 -14.92 13.88
C PRO A 9 7.38 -15.94 13.21
N SER A 10 6.15 -15.51 12.95
CA SER A 10 5.16 -16.32 12.27
C SER A 10 5.51 -16.51 10.79
N GLN A 11 4.98 -17.59 10.20
CA GLN A 11 4.98 -17.75 8.75
C GLN A 11 3.65 -18.39 8.35
N THR A 12 3.29 -18.27 7.09
CA THR A 12 2.03 -18.87 6.63
C THR A 12 2.02 -20.36 6.93
N ALA A 13 0.83 -20.87 7.22
CA ALA A 13 0.62 -22.29 7.35
C ALA A 13 0.76 -22.97 6.01
N GLY A 14 0.52 -22.22 4.93
CA GLY A 14 0.70 -22.73 3.57
C GLY A 14 -0.44 -23.64 3.14
N PRO A 15 -0.51 -23.98 1.85
CA PRO A 15 -1.65 -24.75 1.30
C PRO A 15 -1.72 -26.18 1.80
N TYR A 16 -0.60 -26.71 2.29
CA TYR A 16 -0.58 -28.11 2.70
C TYR A 16 -0.57 -28.25 4.20
N VAL A 17 -1.06 -27.22 4.91
CA VAL A 17 -1.28 -27.30 6.36
C VAL A 17 -2.00 -28.57 6.83
N HIS A 18 -2.87 -29.11 5.99
CA HIS A 18 -3.64 -30.30 6.36
C HIS A 18 -2.75 -31.53 6.64
N ILE A 19 -1.60 -31.62 5.97
CA ILE A 19 -0.68 -32.74 6.18
C ILE A 19 -0.44 -32.84 7.68
N GLY A 20 -0.23 -31.70 8.31
CA GLY A 20 0.16 -31.65 9.72
C GLY A 20 -1.00 -31.60 10.68
N LEU A 21 -2.07 -30.90 10.29
CA LEU A 21 -3.13 -30.57 11.26
C LEU A 21 -4.57 -30.95 10.87
N ALA A 22 -4.76 -31.47 9.65
CA ALA A 22 -6.09 -31.89 9.17
C ALA A 22 -5.87 -33.08 8.24
N LEU A 23 -5.40 -34.18 8.84
CA LEU A 23 -4.82 -35.30 8.06
C LEU A 23 -5.76 -35.87 6.98
N GLU A 24 -6.98 -36.20 7.37
CA GLU A 24 -7.94 -36.75 6.41
C GLU A 24 -8.21 -35.76 5.28
N ALA A 25 -8.30 -34.47 5.61
CA ALA A 25 -8.50 -33.44 4.58
C ALA A 25 -7.40 -33.41 3.52
N ALA A 26 -6.16 -33.72 3.91
CA ALA A 26 -5.04 -33.84 2.97
C ALA A 26 -5.17 -35.03 2.00
N GLY A 27 -5.98 -36.02 2.39
CA GLY A 27 -6.12 -37.26 1.61
C GLY A 27 -5.35 -38.41 2.26
N ASN A 28 -4.91 -38.21 3.51
CA ASN A 28 -3.99 -39.15 4.15
C ASN A 28 -4.64 -39.95 5.27
N PRO A 29 -4.00 -41.05 5.68
CA PRO A 29 -4.48 -41.76 6.87
C PRO A 29 -4.37 -40.89 8.13
N THR A 30 -5.20 -41.20 9.12
CA THR A 30 -5.19 -40.53 10.39
C THR A 30 -4.56 -41.42 11.46
N ARG A 31 -4.12 -40.79 12.53
CA ARG A 31 -3.59 -41.50 13.69
C ARG A 31 -4.73 -41.85 14.64
N ASP A 32 -4.43 -42.66 15.66
CA ASP A 32 -5.47 -43.12 16.58
C ASP A 32 -6.19 -41.96 17.26
N GLN A 33 -5.44 -40.94 17.67
CA GLN A 33 -6.04 -39.75 18.31
C GLN A 33 -5.76 -38.50 17.48
N GLU A 34 -6.82 -37.79 17.09
CA GLU A 34 -6.70 -36.51 16.35
C GLU A 34 -7.50 -35.40 17.03
N ILE A 35 -6.98 -34.18 16.95
CA ILE A 35 -7.67 -33.02 17.48
C ILE A 35 -8.54 -32.49 16.37
N TRP A 36 -9.86 -32.46 16.57
CA TRP A 36 -10.75 -32.11 15.46
C TRP A 36 -12.05 -31.36 15.89
N ASN A 37 -13.14 -31.55 15.17
CA ASN A 37 -14.21 -30.54 15.13
C ASN A 37 -15.45 -30.87 15.97
N ARG A 38 -15.32 -31.88 16.84
CA ARG A 38 -16.41 -32.24 17.73
C ARG A 38 -15.98 -31.93 19.13
N LEU A 39 -16.37 -30.77 19.65
CA LEU A 39 -16.02 -30.38 21.00
C LEU A 39 -16.89 -31.04 22.06
N ALA A 40 -18.10 -31.46 21.68
CA ALA A 40 -19.04 -32.03 22.64
C ALA A 40 -19.50 -33.40 22.19
N LYS A 41 -19.38 -34.39 23.06
CA LYS A 41 -20.06 -35.67 22.78
C LYS A 41 -21.56 -35.43 22.97
N PRO A 42 -22.39 -36.24 22.31
CA PRO A 42 -23.84 -36.18 22.46
C PRO A 42 -24.35 -35.95 23.88
N ASP A 43 -23.65 -36.48 24.88
CA ASP A 43 -24.08 -36.44 26.27
C ASP A 43 -23.65 -35.23 27.10
N ALA A 44 -22.84 -34.32 26.55
CA ALA A 44 -22.33 -33.19 27.33
C ALA A 44 -23.47 -32.26 27.78
N PRO A 45 -23.36 -31.63 28.95
CA PRO A 45 -24.36 -30.60 29.32
C PRO A 45 -24.33 -29.35 28.43
N GLY A 46 -25.50 -28.74 28.27
CA GLY A 46 -25.67 -27.51 27.49
C GLY A 46 -26.47 -27.72 26.23
N GLU A 47 -26.68 -26.64 25.50
CA GLU A 47 -27.43 -26.69 24.25
C GLU A 47 -26.48 -27.06 23.13
N HIS A 48 -26.70 -28.23 22.53
CA HIS A 48 -25.90 -28.72 21.44
C HIS A 48 -26.21 -27.94 20.18
N ILE A 49 -25.16 -27.46 19.52
CA ILE A 49 -25.32 -26.66 18.31
C ILE A 49 -24.34 -27.09 17.24
N LEU A 50 -24.72 -26.83 15.99
CA LEU A 50 -23.86 -26.98 14.83
C LEU A 50 -23.42 -25.60 14.42
N LEU A 51 -22.11 -25.45 14.17
CA LEU A 51 -21.58 -24.22 13.55
C LEU A 51 -21.05 -24.54 12.18
N LEU A 52 -21.26 -23.63 11.25
CA LEU A 52 -20.73 -23.79 9.91
C LEU A 52 -20.44 -22.46 9.29
N GLY A 53 -19.57 -22.44 8.29
CA GLY A 53 -19.20 -21.19 7.67
C GLY A 53 -18.31 -21.35 6.47
N GLN A 54 -18.21 -20.27 5.72
CA GLN A 54 -17.30 -20.19 4.60
C GLN A 54 -16.40 -18.95 4.80
N VAL A 55 -15.26 -18.96 4.15
CA VAL A 55 -14.26 -17.91 4.27
C VAL A 55 -14.04 -17.28 2.88
N TYR A 56 -14.05 -15.95 2.79
CA TYR A 56 -13.93 -15.26 1.51
C TYR A 56 -12.70 -14.39 1.48
N ASP A 57 -12.07 -14.34 0.32
CA ASP A 57 -10.97 -13.44 0.12
C ASP A 57 -11.46 -12.07 -0.38
N GLY A 58 -10.53 -11.16 -0.61
CA GLY A 58 -10.82 -9.79 -1.03
C GLY A 58 -11.50 -9.62 -2.39
N ASN A 59 -11.52 -10.68 -3.18
CA ASN A 59 -12.23 -10.66 -4.46
C ASN A 59 -13.57 -11.37 -4.38
N GLY A 60 -13.99 -11.75 -3.18
CA GLY A 60 -15.24 -12.45 -3.02
C GLY A 60 -15.21 -13.95 -3.30
N HIS A 61 -14.02 -14.54 -3.44
CA HIS A 61 -13.89 -15.95 -3.73
C HIS A 61 -13.60 -16.77 -2.48
N LEU A 62 -14.08 -18.01 -2.46
CA LEU A 62 -13.90 -18.88 -1.32
C LEU A 62 -12.42 -19.18 -1.09
N VAL A 63 -12.03 -19.18 0.17
CA VAL A 63 -10.72 -19.65 0.60
C VAL A 63 -10.95 -21.08 0.98
N ARG A 64 -10.60 -21.97 0.07
CA ARG A 64 -10.95 -23.36 0.22
C ARG A 64 -9.97 -24.14 1.07
N ASP A 65 -8.82 -23.52 1.38
CA ASP A 65 -7.76 -24.18 2.13
C ASP A 65 -7.55 -23.56 3.54
N SER A 66 -8.58 -23.00 4.14
N SER A 66 -8.63 -23.04 4.12
CA SER A 66 -8.40 -22.40 5.44
CA SER A 66 -8.67 -22.45 5.46
C SER A 66 -8.59 -23.41 6.55
C SER A 66 -8.53 -23.52 6.55
N PHE A 67 -7.88 -23.16 7.64
CA PHE A 67 -7.78 -23.99 8.81
C PHE A 67 -8.16 -23.09 9.99
N LEU A 68 -9.06 -23.55 10.86
CA LEU A 68 -9.51 -22.77 12.01
C LEU A 68 -9.29 -23.51 13.33
N GLU A 69 -8.83 -22.80 14.34
CA GLU A 69 -8.77 -23.30 15.70
C GLU A 69 -9.74 -22.52 16.56
N VAL A 70 -10.47 -23.22 17.41
CA VAL A 70 -11.51 -22.59 18.23
C VAL A 70 -11.26 -22.88 19.68
N TRP A 71 -11.68 -21.94 20.50
CA TRP A 71 -11.50 -22.02 21.94
C TRP A 71 -12.73 -21.36 22.59
N GLN A 72 -13.47 -22.12 23.42
CA GLN A 72 -14.71 -21.62 23.97
C GLN A 72 -14.93 -22.17 25.38
N ALA A 73 -15.74 -21.44 26.15
CA ALA A 73 -16.13 -21.90 27.49
C ALA A 73 -17.12 -23.03 27.35
N ASP A 74 -17.25 -23.81 28.43
CA ASP A 74 -18.31 -24.81 28.51
C ASP A 74 -19.63 -24.08 28.75
N ALA A 75 -20.70 -24.83 28.93
CA ALA A 75 -22.04 -24.23 29.13
C ALA A 75 -22.15 -23.40 30.41
N ASN A 76 -21.28 -23.64 31.40
CA ASN A 76 -21.21 -22.88 32.66
C ASN A 76 -20.35 -21.61 32.56
N GLY A 77 -19.70 -21.40 31.42
CA GLY A 77 -18.86 -20.25 31.31
C GLY A 77 -17.48 -20.52 31.88
N GLU A 78 -17.05 -21.78 31.86
CA GLU A 78 -15.73 -22.16 32.33
C GLU A 78 -14.89 -22.77 31.21
N TYR A 79 -13.64 -22.34 31.12
CA TYR A 79 -12.70 -22.89 30.16
C TYR A 79 -12.10 -24.17 30.70
N GLN A 80 -12.10 -25.21 29.87
CA GLN A 80 -11.62 -26.53 30.24
C GLN A 80 -10.36 -26.81 29.43
N ASP A 81 -9.21 -26.59 30.07
CA ASP A 81 -7.92 -26.76 29.37
C ASP A 81 -7.34 -28.17 29.31
N ALA A 82 -7.85 -29.11 30.10
CA ALA A 82 -7.30 -30.48 30.10
C ALA A 82 -7.89 -31.26 28.94
N TYR A 83 -7.21 -31.18 27.79
CA TYR A 83 -7.69 -31.78 26.55
C TYR A 83 -7.60 -33.30 26.58
N ASN A 84 -8.71 -33.97 26.32
CA ASN A 84 -8.74 -35.43 26.35
C ASN A 84 -9.92 -35.90 25.53
N LEU A 85 -9.68 -36.81 24.60
CA LEU A 85 -10.74 -37.28 23.70
C LEU A 85 -11.78 -38.12 24.44
N GLU A 86 -11.47 -38.47 25.68
CA GLU A 86 -12.42 -39.17 26.55
C GLU A 86 -13.43 -38.22 27.21
N ASN A 87 -13.14 -36.91 27.18
CA ASN A 87 -14.01 -35.94 27.85
C ASN A 87 -15.30 -35.81 27.11
N ALA A 88 -16.40 -35.57 27.85
CA ALA A 88 -17.66 -35.25 27.20
C ALA A 88 -17.55 -33.91 26.47
N PHE A 89 -16.73 -32.99 26.98
CA PHE A 89 -16.59 -31.66 26.39
C PHE A 89 -15.11 -31.22 26.45
N ASN A 90 -14.63 -30.65 25.37
CA ASN A 90 -13.32 -29.97 25.34
C ASN A 90 -13.55 -28.56 24.88
N SER A 91 -12.85 -27.61 25.47
CA SER A 91 -12.94 -26.22 25.10
C SER A 91 -12.26 -25.89 23.77
N PHE A 92 -11.42 -26.79 23.29
CA PHE A 92 -10.59 -26.57 22.09
C PHE A 92 -10.99 -27.47 20.95
N GLY A 93 -10.93 -26.96 19.72
CA GLY A 93 -11.04 -27.83 18.58
C GLY A 93 -10.44 -27.22 17.33
N ARG A 94 -10.47 -28.00 16.27
CA ARG A 94 -9.97 -27.58 14.95
C ARG A 94 -10.97 -27.96 13.90
N THR A 95 -11.02 -27.19 12.83
CA THR A 95 -11.80 -27.55 11.65
C THR A 95 -11.13 -26.95 10.40
N ALA A 96 -11.58 -27.34 9.23
CA ALA A 96 -11.03 -26.82 7.99
C ALA A 96 -12.09 -26.74 6.95
N THR A 97 -11.87 -25.86 5.99
CA THR A 97 -12.77 -25.75 4.87
C THR A 97 -12.56 -26.91 3.88
N THR A 98 -13.70 -27.39 3.42
CA THR A 98 -13.80 -28.43 2.45
C THR A 98 -13.34 -27.85 1.10
N PHE A 99 -12.59 -28.59 0.27
CA PHE A 99 -11.98 -28.00 -0.95
C PHE A 99 -12.97 -27.75 -2.06
N ASP A 100 -14.05 -28.54 -2.13
CA ASP A 100 -15.08 -28.31 -3.18
C ASP A 100 -16.09 -27.21 -2.83
N ALA A 101 -16.69 -27.29 -1.65
CA ALA A 101 -17.70 -26.34 -1.19
C ALA A 101 -17.14 -25.19 -0.34
N GLY A 102 -15.92 -25.33 0.18
CA GLY A 102 -15.35 -24.28 1.01
C GLY A 102 -15.96 -24.11 2.40
N GLU A 103 -16.68 -25.13 2.90
CA GLU A 103 -17.39 -25.00 4.16
C GLU A 103 -16.71 -25.75 5.29
N TRP A 104 -16.60 -25.11 6.45
CA TRP A 104 -16.17 -25.81 7.67
C TRP A 104 -17.38 -26.08 8.55
N THR A 105 -17.28 -27.06 9.44
CA THR A 105 -18.29 -27.31 10.44
C THR A 105 -17.67 -27.61 11.79
N LEU A 106 -18.47 -27.39 12.83
CA LEU A 106 -18.08 -27.67 14.20
C LEU A 106 -19.30 -28.11 15.00
N HIS A 107 -19.07 -29.10 15.85
CA HIS A 107 -20.11 -29.65 16.71
C HIS A 107 -19.75 -29.35 18.14
N THR A 108 -20.60 -28.57 18.80
CA THR A 108 -20.28 -28.05 20.10
C THR A 108 -21.51 -27.80 20.95
N VAL A 109 -21.34 -27.10 22.05
CA VAL A 109 -22.43 -26.56 22.85
C VAL A 109 -22.26 -25.07 22.93
N LYS A 110 -23.37 -24.37 23.14
CA LYS A 110 -23.27 -22.94 23.23
C LYS A 110 -22.54 -22.58 24.48
N PRO A 111 -21.52 -21.72 24.38
CA PRO A 111 -20.79 -21.35 25.59
C PRO A 111 -21.57 -20.49 26.56
N GLY A 112 -21.26 -20.64 27.85
CA GLY A 112 -21.80 -19.76 28.89
C GLY A 112 -21.07 -18.44 28.93
N VAL A 113 -21.57 -17.53 29.75
CA VAL A 113 -20.99 -16.19 29.93
C VAL A 113 -19.69 -16.20 30.74
N VAL A 114 -18.72 -15.43 30.26
CA VAL A 114 -17.48 -15.23 30.99
C VAL A 114 -17.20 -13.76 31.17
N ASN A 115 -16.70 -13.37 32.34
CA ASN A 115 -16.37 -11.98 32.60
C ASN A 115 -15.02 -11.61 32.01
N ASN A 116 -14.91 -10.36 31.58
CA ASN A 116 -13.58 -9.77 31.29
C ASN A 116 -12.77 -9.52 32.56
N ALA A 117 -11.57 -8.98 32.40
CA ALA A 117 -10.61 -8.88 33.51
C ALA A 117 -11.13 -7.88 34.52
N ALA A 118 -11.98 -6.96 34.08
CA ALA A 118 -12.55 -5.95 34.99
C ALA A 118 -13.88 -6.39 35.62
N GLY A 119 -14.27 -7.63 35.40
CA GLY A 119 -15.51 -8.17 35.97
C GLY A 119 -16.82 -7.91 35.21
N VAL A 120 -16.71 -7.42 33.97
CA VAL A 120 -17.89 -7.10 33.15
C VAL A 120 -18.21 -8.28 32.22
N PRO A 121 -19.49 -8.74 32.20
CA PRO A 121 -19.76 -9.98 31.48
C PRO A 121 -19.66 -9.79 29.99
N MET A 122 -19.01 -10.73 29.34
CA MET A 122 -18.93 -10.77 27.89
C MET A 122 -20.08 -11.58 27.34
N ALA A 123 -20.59 -11.20 26.17
CA ALA A 123 -21.64 -12.04 25.53
C ALA A 123 -21.04 -13.38 25.16
N PRO A 124 -21.87 -14.43 25.08
CA PRO A 124 -21.35 -15.73 24.68
C PRO A 124 -20.58 -15.69 23.37
N HIS A 125 -19.37 -16.27 23.34
CA HIS A 125 -18.56 -16.18 22.16
C HIS A 125 -17.64 -17.38 22.05
N ILE A 126 -17.26 -17.68 20.81
CA ILE A 126 -16.24 -18.65 20.51
C ILE A 126 -15.03 -17.88 19.92
N ASN A 127 -13.85 -18.11 20.47
CA ASN A 127 -12.62 -17.48 19.98
C ASN A 127 -12.12 -18.30 18.79
N ILE A 128 -11.81 -17.64 17.68
CA ILE A 128 -11.39 -18.27 16.46
C ILE A 128 -10.01 -17.74 16.03
N SER A 129 -9.12 -18.66 15.66
CA SER A 129 -7.88 -18.31 14.94
C SER A 129 -7.93 -18.92 13.55
N LEU A 130 -7.72 -18.10 12.54
CA LEU A 130 -7.80 -18.49 11.14
C LEU A 130 -6.41 -18.51 10.50
N PHE A 131 -6.07 -19.65 9.93
CA PHE A 131 -4.83 -19.89 9.21
C PHE A 131 -5.11 -20.31 7.77
N ALA A 132 -4.18 -19.96 6.88
CA ALA A 132 -4.24 -20.39 5.48
C ALA A 132 -3.05 -19.93 4.69
N ARG A 133 -2.85 -20.60 3.56
CA ARG A 133 -2.01 -20.07 2.53
C ARG A 133 -2.37 -18.61 2.31
N GLY A 134 -1.33 -17.75 2.22
CA GLY A 134 -1.51 -16.36 2.02
C GLY A 134 -1.68 -15.53 3.27
N ILE A 135 -1.87 -16.20 4.39
CA ILE A 135 -2.06 -15.53 5.69
C ILE A 135 -0.77 -15.70 6.48
N ASN A 136 0.02 -14.62 6.62
CA ASN A 136 1.39 -14.72 7.17
C ASN A 136 1.40 -14.90 8.68
N ILE A 137 0.44 -14.26 9.34
CA ILE A 137 0.18 -14.49 10.74
C ILE A 137 -1.33 -14.67 10.92
N HIS A 138 -1.69 -15.62 11.74
CA HIS A 138 -3.09 -15.98 11.87
C HIS A 138 -3.94 -14.83 12.34
N LEU A 139 -5.21 -14.87 11.95
CA LEU A 139 -6.18 -13.82 12.18
C LEU A 139 -7.06 -14.23 13.33
N HIS A 140 -7.18 -13.37 14.35
CA HIS A 140 -8.02 -13.66 15.52
C HIS A 140 -9.39 -13.03 15.34
N THR A 141 -10.47 -13.78 15.58
CA THR A 141 -11.78 -13.16 15.62
C THR A 141 -12.64 -13.82 16.69
N ARG A 142 -13.88 -13.35 16.82
CA ARG A 142 -14.86 -13.97 17.71
C ARG A 142 -16.16 -14.21 16.99
N LEU A 143 -16.74 -15.37 17.27
CA LEU A 143 -18.10 -15.73 16.83
C LEU A 143 -19.06 -15.48 18.00
N TYR A 144 -19.96 -14.51 17.83
CA TYR A 144 -21.05 -14.30 18.77
C TYR A 144 -22.36 -14.79 18.08
N PHE A 145 -23.49 -14.74 18.81
CA PHE A 145 -24.71 -15.39 18.35
C PHE A 145 -25.87 -14.39 18.21
N ASP A 146 -26.63 -14.50 17.12
CA ASP A 146 -27.70 -13.54 16.86
C ASP A 146 -28.92 -13.74 17.75
N ASP A 147 -28.98 -14.84 18.47
CA ASP A 147 -30.01 -14.98 19.50
C ASP A 147 -29.55 -14.48 20.88
N GLU A 148 -28.47 -13.70 20.93
CA GLU A 148 -27.98 -13.07 22.16
C GLU A 148 -27.90 -11.56 22.00
N ALA A 149 -28.82 -10.98 21.24
CA ALA A 149 -28.70 -9.59 20.86
C ALA A 149 -28.58 -8.66 22.05
N GLN A 150 -29.32 -8.95 23.12
CA GLN A 150 -29.28 -8.05 24.28
C GLN A 150 -27.95 -8.13 25.03
N ALA A 151 -27.40 -9.33 25.13
CA ALA A 151 -26.06 -9.54 25.71
C ALA A 151 -24.95 -8.95 24.84
N ASN A 152 -25.05 -9.15 23.53
CA ASN A 152 -24.08 -8.57 22.56
C ASN A 152 -24.05 -7.05 22.68
N ALA A 153 -25.22 -6.41 22.84
CA ALA A 153 -25.26 -4.95 22.90
C ALA A 153 -24.45 -4.35 24.06
N LYS A 154 -24.24 -5.13 25.12
CA LYS A 154 -23.51 -4.74 26.31
C LYS A 154 -22.12 -5.39 26.41
N CYS A 155 -21.68 -6.15 25.43
CA CYS A 155 -20.40 -6.86 25.55
C CYS A 155 -19.29 -5.83 25.54
N PRO A 156 -18.40 -5.87 26.55
CA PRO A 156 -17.30 -4.88 26.54
C PRO A 156 -16.23 -5.12 25.46
N VAL A 157 -16.18 -6.31 24.86
CA VAL A 157 -15.30 -6.53 23.72
C VAL A 157 -15.97 -5.96 22.44
N LEU A 158 -17.22 -6.33 22.16
CA LEU A 158 -17.90 -5.74 21.02
C LEU A 158 -17.92 -4.21 21.10
N ASN A 159 -18.06 -3.68 22.30
CA ASN A 159 -18.09 -2.24 22.46
C ASN A 159 -16.75 -1.53 22.19
N LEU A 160 -15.65 -2.28 22.09
CA LEU A 160 -14.37 -1.70 21.68
C LEU A 160 -14.27 -1.50 20.17
N ILE A 161 -15.20 -2.12 19.43
CA ILE A 161 -15.29 -1.90 17.99
C ILE A 161 -16.03 -0.59 17.80
N GLU A 162 -15.38 0.42 17.23
CA GLU A 162 -15.91 1.80 17.25
C GLU A 162 -17.23 1.92 16.48
N GLN A 163 -17.32 1.28 15.31
CA GLN A 163 -18.55 1.29 14.49
C GLN A 163 -19.46 0.12 14.67
N PRO A 164 -20.72 0.38 15.05
CA PRO A 164 -21.73 -0.66 15.12
C PRO A 164 -21.87 -1.52 13.89
N GLN A 165 -21.77 -0.94 12.69
CA GLN A 165 -21.82 -1.75 11.49
C GLN A 165 -20.74 -2.86 11.51
N ARG A 166 -19.56 -2.58 12.06
CA ARG A 166 -18.51 -3.59 12.07
C ARG A 166 -18.81 -4.68 13.12
N ARG A 167 -19.49 -4.34 14.21
CA ARG A 167 -19.85 -5.39 15.18
C ARG A 167 -20.73 -6.48 14.56
N GLU A 168 -21.56 -6.10 13.56
CA GLU A 168 -22.46 -7.05 12.90
C GLU A 168 -21.69 -8.18 12.22
N THR A 169 -20.44 -7.93 11.85
CA THR A 169 -19.63 -8.92 11.18
C THR A 169 -19.30 -10.08 12.09
N LEU A 170 -19.45 -9.92 13.39
CA LEU A 170 -19.10 -10.99 14.31
C LEU A 170 -20.31 -11.80 14.77
N ILE A 171 -21.48 -11.55 14.21
CA ILE A 171 -22.68 -12.18 14.73
C ILE A 171 -23.14 -13.30 13.82
N ALA A 172 -23.03 -14.54 14.33
CA ALA A 172 -23.42 -15.71 13.57
C ALA A 172 -24.96 -15.74 13.47
N LYS A 173 -25.47 -16.27 12.36
CA LYS A 173 -26.91 -16.25 12.09
C LYS A 173 -27.52 -17.63 12.32
N ARG A 174 -28.48 -17.67 13.23
CA ARG A 174 -29.14 -18.89 13.65
C ARG A 174 -30.03 -19.44 12.55
N CYS A 175 -30.03 -20.76 12.45
CA CYS A 175 -30.81 -21.46 11.44
C CYS A 175 -31.08 -22.87 11.97
N GLU A 176 -31.65 -23.71 11.12
CA GLU A 176 -31.97 -25.10 11.47
C GLU A 176 -31.32 -26.00 10.45
N VAL A 177 -30.67 -27.06 10.92
CA VAL A 177 -30.09 -28.07 10.02
C VAL A 177 -30.48 -29.45 10.58
N ASP A 178 -31.29 -30.18 9.82
CA ASP A 178 -31.87 -31.46 10.26
C ASP A 178 -32.48 -31.35 11.65
N GLY A 179 -33.32 -30.33 11.85
CA GLY A 179 -34.00 -30.14 13.12
C GLY A 179 -33.11 -29.80 14.31
N LYS A 180 -31.84 -29.49 14.06
CA LYS A 180 -30.94 -29.08 15.13
C LYS A 180 -30.59 -27.59 14.92
N THR A 181 -30.42 -26.89 16.04
CA THR A 181 -30.00 -25.52 16.04
C THR A 181 -28.59 -25.43 15.47
N ALA A 182 -28.45 -24.53 14.49
CA ALA A 182 -27.18 -24.29 13.85
C ALA A 182 -26.97 -22.76 13.76
N TYR A 183 -25.73 -22.36 13.55
CA TYR A 183 -25.44 -20.96 13.23
C TYR A 183 -24.41 -20.91 12.12
N ARG A 184 -24.63 -20.03 11.16
CA ARG A 184 -23.68 -19.77 10.12
C ARG A 184 -22.80 -18.59 10.48
N PHE A 185 -21.48 -18.76 10.35
CA PHE A 185 -20.56 -17.65 10.60
C PHE A 185 -19.59 -17.59 9.45
N ASP A 186 -19.86 -16.68 8.52
CA ASP A 186 -18.95 -16.48 7.41
C ASP A 186 -17.93 -15.42 7.77
N ILE A 187 -16.73 -15.55 7.21
CA ILE A 187 -15.63 -14.63 7.46
C ILE A 187 -15.22 -14.06 6.13
N ARG A 188 -15.09 -12.75 6.09
CA ARG A 188 -14.67 -12.03 4.89
C ARG A 188 -13.34 -11.39 5.28
N ILE A 189 -12.27 -11.87 4.69
CA ILE A 189 -10.92 -11.41 5.10
C ILE A 189 -10.70 -9.98 4.74
N GLN A 190 -11.27 -9.54 3.62
CA GLN A 190 -10.95 -8.27 3.09
C GLN A 190 -12.07 -7.68 2.28
N GLY A 191 -12.28 -6.37 2.39
CA GLY A 191 -13.19 -5.60 1.53
C GLY A 191 -14.56 -5.40 2.14
N GLU A 192 -15.60 -5.43 1.30
CA GLU A 192 -16.95 -5.18 1.79
C GLU A 192 -17.35 -6.20 2.85
N GLY A 193 -17.83 -5.73 4.00
CA GLY A 193 -18.21 -6.60 5.12
C GLY A 193 -17.04 -7.28 5.80
N GLU A 194 -15.86 -6.70 5.65
CA GLU A 194 -14.66 -7.29 6.22
C GLU A 194 -14.89 -7.61 7.69
N THR A 195 -14.58 -8.84 8.07
CA THR A 195 -14.76 -9.33 9.44
C THR A 195 -13.81 -8.62 10.38
N VAL A 196 -14.26 -8.25 11.57
CA VAL A 196 -13.32 -7.63 12.53
C VAL A 196 -12.31 -8.68 13.02
N PHE A 197 -11.04 -8.29 13.03
CA PHE A 197 -9.96 -9.16 13.54
C PHE A 197 -9.29 -8.41 14.70
N PHE A 198 -8.90 -9.15 15.72
CA PHE A 198 -8.38 -8.57 16.93
C PHE A 198 -6.89 -8.72 17.09
N ASP A 199 -6.29 -7.82 17.88
CA ASP A 199 -4.97 -8.03 18.42
C ASP A 199 -5.09 -8.06 19.92
N PHE A 200 -4.31 -8.92 20.54
CA PHE A 200 -4.25 -8.97 21.97
C PHE A 200 -2.96 -9.64 22.40
N PRO B 1 22.62 20.43 -4.81
CA PRO B 1 21.66 21.53 -4.96
C PRO B 1 21.60 22.32 -3.69
N ILE B 2 20.92 23.46 -3.74
CA ILE B 2 20.72 24.28 -2.56
C ILE B 2 19.64 23.68 -1.67
N GLU B 3 19.96 23.54 -0.39
CA GLU B 3 19.01 22.97 0.56
C GLU B 3 18.84 23.98 1.68
N LEU B 4 17.58 24.34 1.95
CA LEU B 4 17.23 25.33 2.98
C LEU B 4 17.08 24.62 4.33
N LEU B 5 16.69 25.35 5.36
CA LEU B 5 16.28 24.66 6.59
C LEU B 5 15.04 23.82 6.30
N PRO B 6 14.96 22.61 6.87
CA PRO B 6 13.76 21.80 6.70
C PRO B 6 12.58 22.36 7.46
N GLU B 7 11.40 22.31 6.86
CA GLU B 7 10.17 22.69 7.56
C GLU B 7 9.94 21.74 8.73
N THR B 8 9.40 22.26 9.82
CA THR B 8 9.01 21.46 10.98
C THR B 8 7.94 20.53 10.48
N PRO B 9 8.10 19.23 10.70
CA PRO B 9 7.09 18.33 10.12
C PRO B 9 5.74 18.37 10.84
N SER B 10 4.69 18.10 10.08
CA SER B 10 3.34 18.05 10.59
C SER B 10 3.14 16.83 11.49
N GLN B 11 2.13 16.91 12.35
CA GLN B 11 1.64 15.74 13.04
C GLN B 11 0.13 15.89 13.15
N THR B 12 -0.55 14.78 13.40
CA THR B 12 -2.00 14.83 13.55
C THR B 12 -2.43 15.84 14.61
N ALA B 13 -3.55 16.52 14.40
CA ALA B 13 -4.13 17.33 15.47
C ALA B 13 -4.67 16.46 16.64
N GLY B 14 -4.95 15.20 16.34
CA GLY B 14 -5.42 14.25 17.36
C GLY B 14 -6.88 14.48 17.77
N PRO B 15 -7.47 13.53 18.51
CA PRO B 15 -8.89 13.57 18.95
C PRO B 15 -9.26 14.69 19.93
N TYR B 16 -8.26 15.28 20.61
CA TYR B 16 -8.52 16.29 21.66
C TYR B 16 -8.12 17.67 21.17
N VAL B 17 -8.00 17.82 19.85
CA VAL B 17 -7.75 19.11 19.22
C VAL B 17 -8.62 20.27 19.73
N HIS B 18 -9.84 19.95 20.13
CA HIS B 18 -10.80 20.94 20.64
C HIS B 18 -10.32 21.65 21.91
N ILE B 19 -9.51 20.96 22.73
CA ILE B 19 -8.93 21.59 23.93
C ILE B 19 -8.26 22.91 23.54
N GLY B 20 -7.50 22.87 22.46
CA GLY B 20 -6.71 24.01 22.02
C GLY B 20 -7.44 25.00 21.13
N LEU B 21 -8.28 24.48 20.25
CA LEU B 21 -8.78 25.26 19.11
C LEU B 21 -10.29 25.35 19.01
N ALA B 22 -11.00 24.67 19.93
CA ALA B 22 -12.48 24.61 19.88
C ALA B 22 -12.98 24.32 21.29
N LEU B 23 -12.77 25.28 22.17
CA LEU B 23 -12.88 25.05 23.62
C LEU B 23 -14.26 24.55 24.06
N GLU B 24 -15.32 25.17 23.57
CA GLU B 24 -16.68 24.75 23.93
C GLU B 24 -16.95 23.29 23.55
N ALA B 25 -16.50 22.87 22.36
CA ALA B 25 -16.75 21.50 21.88
C ALA B 25 -16.03 20.45 22.76
N ALA B 26 -14.93 20.83 23.41
CA ALA B 26 -14.22 19.94 24.34
C ALA B 26 -15.01 19.72 25.64
N GLY B 27 -16.02 20.55 25.87
CA GLY B 27 -16.77 20.58 27.13
C GLY B 27 -16.21 21.61 28.09
N ASN B 28 -15.36 22.52 27.59
CA ASN B 28 -14.60 23.44 28.44
C ASN B 28 -15.10 24.89 28.42
N PRO B 29 -14.81 25.66 29.50
CA PRO B 29 -15.02 27.12 29.47
C PRO B 29 -14.20 27.75 28.33
N THR B 30 -14.69 28.86 27.79
CA THR B 30 -13.96 29.56 26.73
C THR B 30 -13.39 30.85 27.27
N ARG B 31 -12.50 31.46 26.50
CA ARG B 31 -11.84 32.69 26.91
C ARG B 31 -12.70 33.86 26.41
N ASP B 32 -12.35 35.06 26.80
CA ASP B 32 -13.10 36.26 26.36
C ASP B 32 -13.26 36.31 24.82
N GLN B 33 -12.15 36.16 24.11
CA GLN B 33 -12.16 36.19 22.65
C GLN B 33 -11.77 34.82 22.05
N GLU B 34 -12.65 34.26 21.20
CA GLU B 34 -12.39 33.00 20.48
C GLU B 34 -12.54 33.19 18.97
N ILE B 35 -11.77 32.42 18.21
CA ILE B 35 -11.84 32.38 16.77
C ILE B 35 -12.79 31.25 16.43
N TRP B 36 -13.91 31.57 15.80
CA TRP B 36 -14.96 30.58 15.59
C TRP B 36 -15.68 30.77 14.23
N ASN B 37 -16.93 30.34 14.14
CA ASN B 37 -17.55 30.03 12.85
C ASN B 37 -18.48 31.10 12.24
N ARG B 38 -18.45 32.30 12.80
CA ARG B 38 -19.28 33.42 12.30
C ARG B 38 -18.37 34.45 11.64
N LEU B 39 -18.22 34.35 10.32
CA LEU B 39 -17.32 35.24 9.60
C LEU B 39 -17.98 36.60 9.34
N ALA B 40 -19.31 36.63 9.29
CA ALA B 40 -20.02 37.88 8.99
C ALA B 40 -21.05 38.20 10.06
N LYS B 41 -20.93 39.39 10.65
CA LYS B 41 -22.02 39.93 11.46
C LYS B 41 -23.20 40.25 10.50
N PRO B 42 -24.44 40.26 11.03
CA PRO B 42 -25.63 40.45 10.18
C PRO B 42 -25.58 41.67 9.23
N ASP B 43 -24.87 42.71 9.62
CA ASP B 43 -24.79 43.96 8.85
C ASP B 43 -23.72 44.02 7.76
N ALA B 44 -22.94 42.95 7.57
CA ALA B 44 -21.87 42.98 6.58
C ALA B 44 -22.45 42.93 5.18
N PRO B 45 -21.84 43.67 4.22
CA PRO B 45 -22.30 43.60 2.83
C PRO B 45 -22.18 42.20 2.22
N GLY B 46 -23.09 41.85 1.34
CA GLY B 46 -23.02 40.60 0.58
C GLY B 46 -24.20 39.69 0.87
N GLU B 47 -24.31 38.63 0.09
CA GLU B 47 -25.38 37.68 0.32
C GLU B 47 -24.99 36.79 1.51
N HIS B 48 -25.78 36.90 2.58
CA HIS B 48 -25.56 36.11 3.78
C HIS B 48 -25.96 34.66 3.55
N ILE B 49 -25.04 33.73 3.89
CA ILE B 49 -25.28 32.31 3.66
C ILE B 49 -24.87 31.45 4.86
N LEU B 50 -25.60 30.35 5.05
CA LEU B 50 -25.21 29.32 5.99
C LEU B 50 -24.52 28.23 5.20
N LEU B 51 -23.41 27.72 5.72
CA LEU B 51 -22.73 26.58 5.11
C LEU B 51 -22.75 25.46 6.10
N LEU B 52 -22.96 24.25 5.64
CA LEU B 52 -22.92 23.09 6.50
C LEU B 52 -22.43 21.87 5.75
N GLY B 53 -21.92 20.91 6.50
CA GLY B 53 -21.41 19.70 5.91
C GLY B 53 -21.03 18.65 6.91
N GLN B 54 -20.83 17.45 6.38
CA GLN B 54 -20.41 16.30 7.13
C GLN B 54 -19.13 15.78 6.47
N VAL B 55 -18.35 15.00 7.22
CA VAL B 55 -17.06 14.49 6.74
C VAL B 55 -17.09 12.98 6.88
N TYR B 56 -16.77 12.27 5.80
CA TYR B 56 -16.84 10.82 5.78
C TYR B 56 -15.46 10.21 5.58
N ASP B 57 -15.19 9.15 6.33
CA ASP B 57 -14.00 8.32 6.13
C ASP B 57 -14.17 7.31 5.00
N GLY B 58 -13.16 6.46 4.80
CA GLY B 58 -13.13 5.54 3.69
C GLY B 58 -14.13 4.39 3.76
N ASN B 59 -14.72 4.20 4.94
CA ASN B 59 -15.72 3.19 5.14
C ASN B 59 -17.12 3.81 5.15
N GLY B 60 -17.21 5.08 4.76
CA GLY B 60 -18.49 5.77 4.71
C GLY B 60 -19.04 6.25 6.04
N HIS B 61 -18.23 6.21 7.09
CA HIS B 61 -18.68 6.60 8.42
C HIS B 61 -18.28 8.03 8.73
N LEU B 62 -19.10 8.73 9.48
CA LEU B 62 -18.83 10.13 9.85
C LEU B 62 -17.52 10.31 10.65
N VAL B 63 -16.80 11.37 10.32
CA VAL B 63 -15.62 11.78 11.08
C VAL B 63 -16.12 12.85 12.02
N ARG B 64 -16.37 12.43 13.25
CA ARG B 64 -17.08 13.27 14.20
C ARG B 64 -16.18 14.22 14.94
N ASP B 65 -14.88 14.05 14.79
CA ASP B 65 -13.92 14.90 15.46
C ASP B 65 -13.10 15.76 14.46
N SER B 66 -13.71 16.12 13.33
CA SER B 66 -13.09 16.99 12.35
C SER B 66 -13.03 18.41 12.84
N PHE B 67 -11.98 19.10 12.44
CA PHE B 67 -11.78 20.51 12.71
C PHE B 67 -11.46 21.18 11.35
N LEU B 68 -12.19 22.22 10.97
CA LEU B 68 -12.01 22.88 9.69
C LEU B 68 -11.59 24.34 9.88
N GLU B 69 -10.61 24.80 9.10
CA GLU B 69 -10.29 26.22 9.02
C GLU B 69 -10.60 26.74 7.64
N VAL B 70 -11.20 27.93 7.60
CA VAL B 70 -11.64 28.46 6.31
C VAL B 70 -11.07 29.85 6.02
N TRP B 71 -10.91 30.14 4.75
CA TRP B 71 -10.31 31.40 4.33
C TRP B 71 -10.99 31.78 3.06
N GLN B 72 -11.63 32.97 3.07
CA GLN B 72 -12.38 33.41 1.89
C GLN B 72 -12.38 34.92 1.69
N ALA B 73 -12.58 35.34 0.45
CA ALA B 73 -12.70 36.77 0.13
C ALA B 73 -14.05 37.31 0.66
N ASP B 74 -14.13 38.61 0.95
CA ASP B 74 -15.43 39.23 1.25
C ASP B 74 -16.27 39.30 -0.06
N ALA B 75 -17.46 39.90 0.01
CA ALA B 75 -18.35 39.96 -1.14
C ALA B 75 -17.76 40.71 -2.33
N ASN B 76 -16.86 41.65 -2.08
CA ASN B 76 -16.20 42.41 -3.13
C ASN B 76 -14.92 41.74 -3.67
N GLY B 77 -14.68 40.47 -3.29
CA GLY B 77 -13.51 39.75 -3.77
C GLY B 77 -12.19 40.20 -3.18
N GLU B 78 -12.21 40.71 -1.96
CA GLU B 78 -10.98 41.11 -1.26
C GLU B 78 -10.78 40.28 0.01
N TYR B 79 -9.57 39.76 0.19
CA TYR B 79 -9.22 39.05 1.42
C TYR B 79 -8.91 40.05 2.54
N GLN B 80 -9.54 39.83 3.69
CA GLN B 80 -9.40 40.72 4.83
C GLN B 80 -8.56 40.04 5.89
N ASP B 81 -7.28 40.35 5.94
CA ASP B 81 -6.38 39.65 6.86
C ASP B 81 -6.31 40.21 8.27
N ALA B 82 -6.81 41.41 8.50
CA ALA B 82 -6.70 42.00 9.84
C ALA B 82 -7.80 41.41 10.72
N TYR B 83 -7.51 40.27 11.35
CA TYR B 83 -8.51 39.61 12.16
C TYR B 83 -8.85 40.39 13.45
N ASN B 84 -10.15 40.57 13.69
CA ASN B 84 -10.68 41.40 14.80
C ASN B 84 -12.15 41.07 15.00
N LEU B 85 -12.53 40.63 16.20
CA LEU B 85 -13.92 40.27 16.51
C LEU B 85 -14.89 41.46 16.44
N GLU B 86 -14.35 42.67 16.35
CA GLU B 86 -15.16 43.86 16.08
C GLU B 86 -15.55 44.01 14.61
N ASN B 87 -14.75 43.49 13.67
CA ASN B 87 -15.02 43.64 12.23
C ASN B 87 -16.41 43.14 11.85
N ALA B 88 -17.04 43.77 10.86
CA ALA B 88 -18.33 43.25 10.38
C ALA B 88 -18.08 41.95 9.62
N PHE B 89 -16.89 41.86 9.02
CA PHE B 89 -16.47 40.66 8.31
C PHE B 89 -14.99 40.29 8.53
N ASN B 90 -14.75 39.00 8.76
CA ASN B 90 -13.40 38.42 8.75
C ASN B 90 -13.31 37.30 7.67
N SER B 91 -12.20 37.29 6.96
CA SER B 91 -11.95 36.30 5.89
C SER B 91 -11.64 34.90 6.46
N PHE B 92 -11.34 34.84 7.75
CA PHE B 92 -10.94 33.58 8.40
C PHE B 92 -11.91 33.13 9.46
N GLY B 93 -12.13 31.82 9.56
CA GLY B 93 -12.84 31.26 10.69
C GLY B 93 -12.50 29.80 10.89
N ARG B 94 -13.10 29.20 11.91
CA ARG B 94 -12.88 27.85 12.32
C ARG B 94 -14.22 27.24 12.61
N THR B 95 -14.36 25.96 12.34
CA THR B 95 -15.51 25.19 12.75
C THR B 95 -15.12 23.76 13.10
N ALA B 96 -16.07 23.01 13.64
CA ALA B 96 -15.83 21.63 14.00
C ALA B 96 -17.11 20.87 13.85
N THR B 97 -17.00 19.57 13.60
CA THR B 97 -18.16 18.69 13.56
C THR B 97 -18.62 18.37 14.99
N THR B 98 -19.94 18.37 15.24
CA THR B 98 -20.49 17.93 16.53
C THR B 98 -20.29 16.42 16.71
N PHE B 99 -20.11 15.97 17.95
CA PHE B 99 -19.76 14.55 18.20
C PHE B 99 -20.93 13.58 17.99
N ASP B 100 -22.16 14.06 18.11
CA ASP B 100 -23.35 13.20 17.92
C ASP B 100 -23.76 13.10 16.45
N ALA B 101 -23.98 14.26 15.81
CA ALA B 101 -24.48 14.38 14.42
C ALA B 101 -23.38 14.43 13.35
N GLY B 102 -22.19 14.85 13.74
CA GLY B 102 -21.08 14.99 12.81
C GLY B 102 -21.16 16.16 11.86
N GLU B 103 -21.94 17.18 12.19
CA GLU B 103 -22.18 18.26 11.26
C GLU B 103 -21.44 19.52 11.70
N TRP B 104 -20.81 20.22 10.74
CA TRP B 104 -20.24 21.52 11.02
C TRP B 104 -21.09 22.61 10.35
N THR B 105 -21.01 23.81 10.86
CA THR B 105 -21.69 24.96 10.29
C THR B 105 -20.80 26.17 10.27
N LEU B 106 -21.05 27.03 9.31
CA LEU B 106 -20.37 28.31 9.13
C LEU B 106 -21.43 29.36 8.78
N HIS B 107 -21.25 30.58 9.25
CA HIS B 107 -22.12 31.71 8.93
C HIS B 107 -21.25 32.77 8.29
N THR B 108 -21.50 33.07 7.02
CA THR B 108 -20.63 33.93 6.22
C THR B 108 -21.41 34.63 5.11
N VAL B 109 -20.68 35.19 4.17
CA VAL B 109 -21.25 35.77 2.97
C VAL B 109 -20.62 35.08 1.81
N LYS B 110 -21.31 35.07 0.66
CA LYS B 110 -20.76 34.47 -0.53
C LYS B 110 -19.60 35.30 -0.98
N PRO B 111 -18.41 34.70 -1.18
CA PRO B 111 -17.26 35.49 -1.60
C PRO B 111 -17.35 35.97 -3.03
N GLY B 112 -16.79 37.15 -3.30
CA GLY B 112 -16.69 37.66 -4.66
C GLY B 112 -15.58 37.00 -5.44
N VAL B 113 -15.50 37.32 -6.71
CA VAL B 113 -14.49 36.77 -7.61
C VAL B 113 -13.09 37.36 -7.35
N VAL B 114 -12.09 36.49 -7.36
CA VAL B 114 -10.68 36.93 -7.25
C VAL B 114 -9.86 36.32 -8.38
N ASN B 115 -8.91 37.07 -8.92
CA ASN B 115 -8.09 36.59 -10.03
C ASN B 115 -6.94 35.72 -9.52
N ASN B 116 -6.57 34.72 -10.29
CA ASN B 116 -5.32 34.01 -10.07
C ASN B 116 -4.11 34.89 -10.44
N ALA B 117 -2.92 34.34 -10.29
CA ALA B 117 -1.69 35.11 -10.43
C ALA B 117 -1.47 35.56 -11.87
N ALA B 118 -2.08 34.85 -12.84
CA ALA B 118 -1.97 35.23 -14.26
C ALA B 118 -3.08 36.20 -14.70
N GLY B 119 -3.93 36.63 -13.79
CA GLY B 119 -5.01 37.56 -14.10
C GLY B 119 -6.34 36.93 -14.52
N VAL B 120 -6.43 35.60 -14.44
CA VAL B 120 -7.65 34.92 -14.83
C VAL B 120 -8.60 34.77 -13.63
N PRO B 121 -9.86 35.19 -13.80
CA PRO B 121 -10.85 35.06 -12.70
C PRO B 121 -11.10 33.63 -12.24
N MET B 122 -11.07 33.41 -10.93
CA MET B 122 -11.48 32.14 -10.33
C MET B 122 -12.92 32.24 -9.92
N ALA B 123 -13.62 31.13 -10.00
CA ALA B 123 -15.01 31.12 -9.53
C ALA B 123 -15.03 31.37 -8.02
N PRO B 124 -16.16 31.88 -7.50
CA PRO B 124 -16.28 32.08 -6.06
C PRO B 124 -15.95 30.81 -5.29
N HIS B 125 -15.10 30.93 -4.29
CA HIS B 125 -14.64 29.77 -3.52
C HIS B 125 -14.28 30.15 -2.09
N ILE B 126 -14.40 29.16 -1.22
CA ILE B 126 -13.89 29.20 0.14
C ILE B 126 -12.78 28.13 0.24
N ASN B 127 -11.63 28.56 0.71
CA ASN B 127 -10.47 27.66 0.94
C ASN B 127 -10.67 26.98 2.29
N ILE B 128 -10.50 25.66 2.32
CA ILE B 128 -10.74 24.88 3.49
C ILE B 128 -9.49 24.05 3.81
N SER B 129 -9.13 24.03 5.07
CA SER B 129 -8.12 23.08 5.58
C SER B 129 -8.77 22.18 6.60
N LEU B 130 -8.64 20.88 6.40
CA LEU B 130 -9.29 19.87 7.22
C LEU B 130 -8.26 19.16 8.11
N PHE B 131 -8.52 19.13 9.42
CA PHE B 131 -7.66 18.50 10.43
C PHE B 131 -8.50 17.50 11.22
N ALA B 132 -7.89 16.42 11.67
CA ALA B 132 -8.54 15.44 12.54
C ALA B 132 -7.58 14.39 13.03
N ARG B 133 -7.95 13.72 14.12
CA ARG B 133 -7.38 12.46 14.47
C ARG B 133 -7.28 11.58 13.22
N GLY B 134 -6.09 10.98 13.04
CA GLY B 134 -5.81 10.12 11.89
C GLY B 134 -5.41 10.81 10.61
N ILE B 135 -5.46 12.13 10.58
CA ILE B 135 -4.99 12.96 9.47
C ILE B 135 -3.60 13.55 9.84
N ASN B 136 -2.55 13.05 9.21
CA ASN B 136 -1.18 13.36 9.65
C ASN B 136 -0.73 14.78 9.24
N ILE B 137 -1.19 15.21 8.08
CA ILE B 137 -0.97 16.58 7.60
C ILE B 137 -2.32 17.00 7.04
N HIS B 138 -2.74 18.21 7.36
CA HIS B 138 -4.08 18.68 6.95
C HIS B 138 -4.30 18.65 5.46
N LEU B 139 -5.57 18.49 5.09
CA LEU B 139 -5.98 18.36 3.70
C LEU B 139 -6.58 19.68 3.26
N HIS B 140 -6.11 20.19 2.10
CA HIS B 140 -6.57 21.44 1.50
C HIS B 140 -7.65 21.14 0.45
N THR B 141 -8.75 21.88 0.48
CA THR B 141 -9.73 21.77 -0.59
C THR B 141 -10.39 23.13 -0.79
N ARG B 142 -11.30 23.19 -1.75
CA ARG B 142 -12.08 24.40 -2.00
C ARG B 142 -13.53 24.02 -2.11
N LEU B 143 -14.35 24.93 -1.60
CA LEU B 143 -15.80 24.85 -1.69
C LEU B 143 -16.23 25.89 -2.73
N TYR B 144 -16.80 25.41 -3.83
CA TYR B 144 -17.40 26.26 -4.86
C TYR B 144 -18.94 26.13 -4.77
N PHE B 145 -19.69 26.87 -5.59
CA PHE B 145 -21.14 26.95 -5.40
C PHE B 145 -21.90 26.50 -6.66
N ASP B 146 -22.90 25.63 -6.51
CA ASP B 146 -23.61 25.08 -7.69
C ASP B 146 -24.43 26.11 -8.45
N ASP B 147 -24.62 27.29 -7.89
CA ASP B 147 -25.34 28.36 -8.63
C ASP B 147 -24.36 29.31 -9.33
N GLU B 148 -23.11 28.89 -9.50
CA GLU B 148 -22.11 29.64 -10.27
C GLU B 148 -21.59 28.78 -11.41
N ALA B 149 -22.49 28.04 -12.05
CA ALA B 149 -22.05 27.09 -13.08
C ALA B 149 -21.15 27.71 -14.14
N GLN B 150 -21.50 28.92 -14.63
CA GLN B 150 -20.74 29.50 -15.74
C GLN B 150 -19.33 29.83 -15.28
N ALA B 151 -19.22 30.43 -14.11
CA ALA B 151 -17.91 30.75 -13.55
C ALA B 151 -17.13 29.46 -13.23
N ASN B 152 -17.79 28.44 -12.66
CA ASN B 152 -17.09 27.19 -12.32
C ASN B 152 -16.50 26.53 -13.56
N ALA B 153 -17.30 26.51 -14.64
CA ALA B 153 -16.85 26.00 -15.92
C ALA B 153 -15.54 26.64 -16.43
N LYS B 154 -15.30 27.90 -16.09
CA LYS B 154 -14.11 28.61 -16.58
C LYS B 154 -13.02 28.81 -15.52
N CYS B 155 -13.20 28.26 -14.33
CA CYS B 155 -12.21 28.47 -13.25
C CYS B 155 -10.89 27.79 -13.59
N PRO B 156 -9.78 28.55 -13.60
CA PRO B 156 -8.51 27.95 -13.92
C PRO B 156 -7.96 26.99 -12.86
N VAL B 157 -8.52 27.02 -11.65
CA VAL B 157 -8.16 25.99 -10.64
C VAL B 157 -8.97 24.72 -10.87
N LEU B 158 -10.28 24.87 -10.99
CA LEU B 158 -11.12 23.71 -11.31
C LEU B 158 -10.63 23.00 -12.58
N ASN B 159 -10.24 23.77 -13.60
CA ASN B 159 -9.73 23.20 -14.83
C ASN B 159 -8.38 22.48 -14.71
N LEU B 160 -7.68 22.61 -13.57
CA LEU B 160 -6.52 21.77 -13.34
C LEU B 160 -6.86 20.36 -12.87
N ILE B 161 -8.11 20.12 -12.50
CA ILE B 161 -8.55 18.77 -12.17
C ILE B 161 -8.87 18.06 -13.50
N GLU B 162 -8.15 16.98 -13.79
CA GLU B 162 -8.15 16.34 -15.11
C GLU B 162 -9.52 15.78 -15.47
N GLN B 163 -10.20 15.15 -14.50
CA GLN B 163 -11.52 14.55 -14.72
C GLN B 163 -12.68 15.41 -14.25
N PRO B 164 -13.62 15.77 -15.15
CA PRO B 164 -14.84 16.51 -14.76
C PRO B 164 -15.61 15.97 -13.58
N GLN B 165 -15.66 14.65 -13.48
CA GLN B 165 -16.38 13.97 -12.45
C GLN B 165 -15.78 14.34 -11.08
N ARG B 166 -14.46 14.53 -11.04
CA ARG B 166 -13.79 14.94 -9.79
C ARG B 166 -14.08 16.40 -9.47
N ARG B 167 -14.22 17.25 -10.49
CA ARG B 167 -14.60 18.63 -10.22
C ARG B 167 -15.90 18.75 -9.44
N GLU B 168 -16.84 17.83 -9.68
CA GLU B 168 -18.15 17.88 -9.06
C GLU B 168 -18.04 17.76 -7.54
N THR B 169 -16.95 17.16 -7.07
CA THR B 169 -16.79 16.95 -5.61
C THR B 169 -16.59 18.25 -4.84
N LEU B 170 -16.23 19.33 -5.54
CA LEU B 170 -15.97 20.61 -4.90
C LEU B 170 -17.14 21.61 -5.00
N ILE B 171 -18.27 21.16 -5.52
CA ILE B 171 -19.44 22.04 -5.72
C ILE B 171 -20.49 21.82 -4.65
N ALA B 172 -20.68 22.84 -3.82
CA ALA B 172 -21.64 22.76 -2.72
C ALA B 172 -23.06 22.94 -3.27
N LYS B 173 -24.02 22.29 -2.62
CA LYS B 173 -25.43 22.26 -3.05
C LYS B 173 -26.31 23.29 -2.34
N ARG B 174 -26.89 24.18 -3.12
CA ARG B 174 -27.76 25.23 -2.60
C ARG B 174 -29.03 24.58 -2.07
N CYS B 175 -29.49 25.07 -0.93
CA CYS B 175 -30.72 24.62 -0.31
C CYS B 175 -31.23 25.78 0.58
N GLU B 176 -32.25 25.49 1.38
CA GLU B 176 -32.78 26.44 2.35
C GLU B 176 -32.82 25.79 3.73
N VAL B 177 -32.35 26.50 4.74
CA VAL B 177 -32.40 26.02 6.13
C VAL B 177 -33.05 27.11 6.97
N ASP B 178 -34.28 26.84 7.42
CA ASP B 178 -35.08 27.81 8.15
C ASP B 178 -35.25 29.08 7.32
N GLY B 179 -35.78 28.92 6.10
CA GLY B 179 -36.05 30.04 5.21
C GLY B 179 -34.86 30.81 4.68
N LYS B 180 -33.65 30.42 5.10
CA LYS B 180 -32.41 31.13 4.74
C LYS B 180 -31.59 30.34 3.73
N THR B 181 -30.89 31.04 2.85
CA THR B 181 -30.06 30.40 1.83
C THR B 181 -28.92 29.64 2.49
N ALA B 182 -28.79 28.36 2.14
CA ALA B 182 -27.69 27.54 2.63
C ALA B 182 -27.03 26.74 1.51
N TYR B 183 -25.82 26.23 1.77
CA TYR B 183 -25.16 25.29 0.85
C TYR B 183 -24.58 24.15 1.68
N ARG B 184 -24.75 22.91 1.22
CA ARG B 184 -24.20 21.74 1.88
C ARG B 184 -22.91 21.37 1.14
N PHE B 185 -21.84 21.12 1.90
CA PHE B 185 -20.58 20.72 1.30
C PHE B 185 -20.05 19.55 2.11
N ASP B 186 -20.29 18.34 1.61
CA ASP B 186 -19.79 17.16 2.28
C ASP B 186 -18.41 16.84 1.70
N ILE B 187 -17.56 16.31 2.57
CA ILE B 187 -16.22 15.90 2.21
C ILE B 187 -16.13 14.40 2.44
N ARG B 188 -15.64 13.68 1.43
CA ARG B 188 -15.35 12.26 1.50
C ARG B 188 -13.83 12.13 1.39
N ILE B 189 -13.20 11.73 2.49
CA ILE B 189 -11.75 11.67 2.53
C ILE B 189 -11.22 10.61 1.61
N GLN B 190 -11.97 9.53 1.46
CA GLN B 190 -11.47 8.36 0.81
C GLN B 190 -12.55 7.56 0.16
N GLY B 191 -12.30 7.11 -1.07
CA GLY B 191 -13.10 6.10 -1.72
C GLY B 191 -14.03 6.69 -2.76
N GLU B 192 -15.24 6.15 -2.85
CA GLU B 192 -16.19 6.64 -3.83
C GLU B 192 -16.56 8.09 -3.53
N GLY B 193 -16.52 8.90 -4.58
CA GLY B 193 -16.78 10.31 -4.48
C GLY B 193 -15.73 11.09 -3.71
N GLU B 194 -14.53 10.55 -3.64
CA GLU B 194 -13.44 11.16 -2.87
C GLU B 194 -13.21 12.62 -3.26
N THR B 195 -13.23 13.48 -2.28
CA THR B 195 -13.09 14.90 -2.51
C THR B 195 -11.70 15.23 -3.04
N VAL B 196 -11.62 16.10 -4.05
CA VAL B 196 -10.33 16.59 -4.53
C VAL B 196 -9.62 17.33 -3.40
N PHE B 197 -8.36 16.96 -3.15
CA PHE B 197 -7.49 17.70 -2.23
C PHE B 197 -6.29 18.24 -3.00
N PHE B 198 -5.85 19.45 -2.61
CA PHE B 198 -4.83 20.20 -3.34
C PHE B 198 -3.49 20.22 -2.62
N ASP B 199 -2.43 20.36 -3.41
CA ASP B 199 -1.09 20.69 -2.89
C ASP B 199 -0.72 21.98 -3.56
N PHE B 200 -0.15 22.86 -2.77
CA PHE B 200 0.33 24.12 -3.27
C PHE B 200 1.39 24.63 -2.31
N PRO C 1 -7.96 43.92 1.32
CA PRO C 1 -6.66 44.37 0.86
C PRO C 1 -5.45 43.60 1.41
N ALA C 2 -5.58 42.30 1.66
CA ALA C 2 -4.38 41.44 1.65
C ALA C 2 -3.92 41.38 0.19
N GLN C 3 -2.60 41.27 -0.05
CA GLN C 3 -2.06 41.26 -1.41
C GLN C 3 -1.17 40.04 -1.71
N ASP C 4 -1.24 39.58 -2.96
CA ASP C 4 -0.35 38.55 -3.47
C ASP C 4 1.02 39.12 -3.81
N ASN C 5 1.96 39.01 -2.88
CA ASN C 5 3.30 39.51 -3.13
C ASN C 5 4.41 38.58 -2.67
N SER C 6 4.09 37.29 -2.52
CA SER C 6 5.12 36.34 -2.17
C SER C 6 4.70 34.95 -2.56
N ARG C 7 5.69 34.08 -2.61
CA ARG C 7 5.53 32.68 -2.92
C ARG C 7 6.19 31.89 -1.78
N PHE C 8 5.67 30.71 -1.54
CA PHE C 8 6.14 29.88 -0.44
C PHE C 8 6.75 28.61 -1.01
N VAL C 9 7.92 28.26 -0.50
CA VAL C 9 8.65 27.10 -0.95
C VAL C 9 7.77 25.85 -0.85
N ILE C 10 7.80 25.05 -1.90
CA ILE C 10 6.91 23.88 -2.01
C ILE C 10 7.24 22.92 -0.87
N ARG C 11 6.21 22.32 -0.28
CA ARG C 11 6.43 21.38 0.82
C ARG C 11 7.11 20.12 0.37
N ASP C 12 7.94 19.54 1.24
CA ASP C 12 8.51 18.23 0.97
C ASP C 12 7.63 17.23 1.66
N ARG C 13 6.78 16.54 0.89
CA ARG C 13 5.82 15.60 1.48
C ARG C 13 6.39 14.17 1.74
N ASN C 14 7.71 14.00 1.59
CA ASN C 14 8.39 12.86 2.19
C ASN C 14 9.15 13.20 3.48
N TRP C 15 9.19 14.48 3.84
CA TRP C 15 9.71 14.95 5.11
C TRP C 15 8.60 14.96 6.13
N HIS C 16 7.51 15.62 5.80
CA HIS C 16 6.27 15.48 6.52
C HIS C 16 5.83 14.03 6.50
N PRO C 17 4.99 13.64 7.48
CA PRO C 17 4.39 12.31 7.40
C PRO C 17 3.48 12.19 6.18
N LYS C 18 3.49 11.02 5.55
CA LYS C 18 2.54 10.73 4.49
C LYS C 18 1.15 10.54 5.12
N ALA C 19 0.13 10.55 4.28
CA ALA C 19 -1.24 10.38 4.80
C ALA C 19 -1.51 8.95 5.28
N LEU C 20 -1.09 7.96 4.50
CA LEU C 20 -1.34 6.57 4.85
C LEU C 20 -0.14 5.96 5.60
N THR C 21 -0.28 5.80 6.91
CA THR C 21 0.77 5.28 7.78
C THR C 21 0.11 4.22 8.66
N PRO C 22 -0.04 2.98 8.14
CA PRO C 22 -1.02 2.06 8.75
C PRO C 22 -0.77 1.68 10.21
N ASP C 23 0.46 1.79 10.72
CA ASP C 23 0.68 1.44 12.16
C ASP C 23 -0.05 2.43 13.07
N TYR C 24 -0.31 3.62 12.53
CA TYR C 24 -1.19 4.58 13.16
C TYR C 24 -2.57 4.25 12.59
N LYS C 25 -3.33 3.47 13.33
CA LYS C 25 -4.47 2.74 12.75
C LYS C 25 -5.53 3.66 12.15
N THR C 26 -5.83 4.74 12.82
CA THR C 26 -6.92 5.65 12.37
C THR C 26 -6.56 6.34 11.02
N SER C 27 -5.28 6.38 10.65
CA SER C 27 -4.90 6.93 9.37
C SER C 27 -5.34 6.06 8.16
N ILE C 28 -5.62 4.78 8.38
CA ILE C 28 -5.96 3.91 7.27
C ILE C 28 -7.23 4.41 6.56
N ALA C 29 -8.26 4.73 7.31
CA ALA C 29 -9.55 5.11 6.71
C ALA C 29 -9.68 6.61 6.54
N ARG C 30 -8.67 7.39 6.98
CA ARG C 30 -8.75 8.84 6.94
C ARG C 30 -7.64 9.45 6.08
N SER C 31 -7.13 8.64 5.18
CA SER C 31 -6.14 9.10 4.21
C SER C 31 -6.72 9.00 2.81
N PRO C 32 -6.46 10.01 1.98
CA PRO C 32 -6.98 9.88 0.59
C PRO C 32 -6.35 8.72 -0.17
N ARG C 33 -7.03 8.22 -1.17
CA ARG C 33 -6.42 7.25 -2.06
C ARG C 33 -6.14 7.84 -3.42
N GLN C 34 -6.65 9.02 -3.74
CA GLN C 34 -6.24 9.69 -4.97
C GLN C 34 -5.10 10.64 -4.68
N ALA C 35 -4.25 10.87 -5.66
CA ALA C 35 -3.17 11.85 -5.49
C ALA C 35 -3.73 13.24 -5.26
N LEU C 36 -3.01 14.03 -4.47
CA LEU C 36 -3.30 15.44 -4.35
C LEU C 36 -3.17 16.09 -5.73
N VAL C 37 -3.98 17.10 -5.99
CA VAL C 37 -3.88 17.85 -7.22
C VAL C 37 -3.03 19.12 -6.99
N SER C 38 -1.90 19.23 -7.67
CA SER C 38 -1.02 20.39 -7.53
C SER C 38 -1.63 21.60 -8.21
N ILE C 39 -1.62 22.74 -7.53
CA ILE C 39 -2.07 23.96 -8.16
C ILE C 39 -1.06 25.09 -7.89
N PRO C 40 -1.01 26.09 -8.79
CA PRO C 40 -0.08 27.17 -8.56
C PRO C 40 -0.61 28.07 -7.47
N GLN C 41 0.29 28.78 -6.81
CA GLN C 41 -0.11 29.68 -5.76
C GLN C 41 -0.83 30.90 -6.35
N SER C 42 -1.90 31.30 -5.69
CA SER C 42 -2.62 32.55 -5.98
C SER C 42 -2.78 33.31 -4.70
N ILE C 43 -3.42 34.47 -4.79
CA ILE C 43 -3.70 35.25 -3.60
C ILE C 43 -4.51 34.45 -2.56
N SER C 44 -5.31 33.48 -3.01
CA SER C 44 -6.05 32.62 -2.10
C SER C 44 -5.15 31.81 -1.17
N GLU C 45 -3.98 31.40 -1.66
CA GLU C 45 -3.08 30.55 -0.89
C GLU C 45 -1.98 31.32 -0.20
N THR C 46 -1.63 32.49 -0.75
CA THR C 46 -0.43 33.22 -0.30
C THR C 46 -0.75 34.30 0.73
N THR C 47 -2.01 34.40 1.12
CA THR C 47 -2.45 35.32 2.17
C THR C 47 -3.04 34.48 3.29
N GLY C 48 -3.30 35.14 4.42
CA GLY C 48 -3.92 34.53 5.55
C GLY C 48 -4.10 35.51 6.69
N PRO C 49 -4.78 35.05 7.73
CA PRO C 49 -5.11 35.90 8.86
C PRO C 49 -3.88 36.38 9.64
N ASN C 50 -3.92 37.66 10.01
CA ASN C 50 -3.00 38.29 10.94
C ASN C 50 -3.77 38.49 12.24
N PHE C 51 -3.23 37.99 13.34
CA PHE C 51 -3.95 38.00 14.61
C PHE C 51 -3.43 39.06 15.58
N SER C 52 -2.77 40.08 15.06
CA SER C 52 -2.22 41.17 15.89
C SER C 52 -3.25 41.79 16.87
N HIS C 53 -4.51 41.90 16.45
CA HIS C 53 -5.55 42.53 17.26
C HIS C 53 -6.61 41.56 17.76
N LEU C 54 -6.21 40.29 17.89
CA LEU C 54 -7.00 39.34 18.66
C LEU C 54 -6.73 39.74 20.12
N GLY C 55 -7.75 39.69 20.96
CA GLY C 55 -7.59 40.14 22.31
C GLY C 55 -7.13 39.00 23.19
N PHE C 56 -5.87 39.07 23.63
CA PHE C 56 -5.34 38.06 24.57
C PHE C 56 -5.55 38.47 26.02
N GLY C 57 -6.03 37.53 26.83
CA GLY C 57 -6.00 37.67 28.28
C GLY C 57 -4.60 37.65 28.86
N ALA C 58 -4.50 38.21 30.07
CA ALA C 58 -3.27 38.30 30.85
C ALA C 58 -2.49 37.00 30.95
N HIS C 59 -3.21 35.91 31.11
CA HIS C 59 -2.61 34.62 31.42
C HIS C 59 -2.74 33.63 30.26
N ASP C 60 -3.03 34.10 29.05
CA ASP C 60 -3.34 33.17 27.95
C ASP C 60 -2.14 32.23 27.64
N HIS C 61 -0.94 32.72 27.87
CA HIS C 61 0.30 31.98 27.62
C HIS C 61 0.82 31.26 28.86
N ASP C 62 0.08 31.29 29.96
CA ASP C 62 0.57 30.78 31.25
C ASP C 62 -0.41 29.79 31.84
N LEU C 63 -0.17 28.51 31.58
CA LEU C 63 -1.07 27.44 31.99
C LEU C 63 -1.02 27.18 33.49
N LEU C 64 -0.07 27.80 34.20
CA LEU C 64 -0.05 27.68 35.66
C LEU C 64 -1.05 28.61 36.35
N LEU C 65 -1.51 29.61 35.62
CA LEU C 65 -2.46 30.60 36.14
C LEU C 65 -3.73 30.80 35.35
N ASN C 66 -3.84 30.20 34.16
CA ASN C 66 -5.03 30.44 33.34
C ASN C 66 -6.23 29.53 33.61
N PHE C 67 -6.08 28.56 34.53
CA PHE C 67 -7.16 27.68 34.99
C PHE C 67 -7.17 27.59 36.51
N ASN C 68 -7.11 28.77 37.15
CA ASN C 68 -6.90 28.91 38.60
C ASN C 68 -8.24 28.69 39.30
N ASN C 69 -8.30 27.60 40.04
CA ASN C 69 -9.44 27.27 40.91
C ASN C 69 -9.00 27.16 42.38
N GLY C 70 -8.12 28.07 42.78
CA GLY C 70 -7.63 28.18 44.17
C GLY C 70 -6.29 27.58 44.50
N GLY C 71 -5.55 27.11 43.49
CA GLY C 71 -4.19 26.64 43.71
C GLY C 71 -3.42 26.49 42.40
N LEU C 72 -2.18 26.06 42.55
CA LEU C 72 -1.28 25.77 41.44
C LEU C 72 -1.49 24.34 40.96
N PRO C 73 -1.27 24.09 39.66
CA PRO C 73 -1.33 22.73 39.15
C PRO C 73 -0.17 21.91 39.73
N ILE C 74 -0.40 20.63 39.83
CA ILE C 74 0.62 19.70 40.31
C ILE C 74 1.40 19.24 39.09
N GLY C 75 2.72 19.26 39.20
CA GLY C 75 3.54 18.78 38.09
C GLY C 75 4.82 19.58 37.89
N GLU C 76 5.59 19.15 36.91
CA GLU C 76 6.92 19.72 36.64
C GLU C 76 6.76 21.08 35.99
N ARG C 77 7.06 22.16 36.71
CA ARG C 77 6.95 23.48 36.18
C ARG C 77 8.00 23.74 35.11
N ILE C 78 7.56 24.19 33.95
CA ILE C 78 8.44 24.44 32.84
C ILE C 78 8.02 25.64 32.00
N ILE C 79 9.02 26.31 31.45
CA ILE C 79 8.83 27.26 30.38
C ILE C 79 9.08 26.53 29.07
N VAL C 80 8.22 26.77 28.07
CA VAL C 80 8.42 26.24 26.73
C VAL C 80 8.56 27.44 25.81
N ALA C 81 9.74 27.62 25.23
CA ALA C 81 10.05 28.81 24.49
C ALA C 81 10.80 28.48 23.21
N GLY C 82 10.77 29.38 22.25
CA GLY C 82 11.55 29.19 21.06
C GLY C 82 11.31 30.31 20.09
N ARG C 83 11.82 30.11 18.88
CA ARG C 83 11.69 31.04 17.78
C ARG C 83 10.96 30.41 16.62
N VAL C 84 10.13 31.21 15.94
CA VAL C 84 9.50 30.79 14.71
C VAL C 84 10.22 31.54 13.60
N VAL C 85 10.79 30.77 12.68
CA VAL C 85 11.50 31.31 11.51
C VAL C 85 10.96 30.60 10.27
N ASP C 86 11.27 31.15 9.09
CA ASP C 86 11.01 30.41 7.86
C ASP C 86 12.23 29.67 7.38
N GLN C 87 12.12 28.96 6.26
CA GLN C 87 13.20 28.10 5.81
C GLN C 87 14.45 28.85 5.39
N TYR C 88 14.29 30.14 5.08
CA TYR C 88 15.43 31.03 4.77
C TYR C 88 16.10 31.58 6.02
N GLY C 89 15.58 31.19 7.18
CA GLY C 89 16.06 31.68 8.50
C GLY C 89 15.46 33.00 8.92
N LYS C 90 14.47 33.51 8.20
CA LYS C 90 13.82 34.79 8.57
C LYS C 90 12.85 34.61 9.75
N PRO C 91 12.93 35.47 10.77
CA PRO C 91 11.95 35.39 11.84
C PRO C 91 10.55 35.66 11.36
N VAL C 92 9.58 35.06 12.06
CA VAL C 92 8.17 35.20 11.72
C VAL C 92 7.51 35.91 12.89
N PRO C 93 7.53 37.27 12.85
CA PRO C 93 6.99 38.05 13.97
C PRO C 93 5.48 38.10 13.98
N ASN C 94 4.92 38.37 15.16
CA ASN C 94 3.49 38.61 15.32
C ASN C 94 2.61 37.50 14.76
N THR C 95 3.06 36.25 14.88
CA THR C 95 2.30 35.11 14.39
C THR C 95 1.64 34.36 15.57
N LEU C 96 0.48 33.74 15.31
CA LEU C 96 -0.26 33.06 16.33
C LEU C 96 0.25 31.63 16.62
N VAL C 97 0.58 31.39 17.88
CA VAL C 97 1.02 30.08 18.35
C VAL C 97 0.05 29.64 19.41
N GLU C 98 -0.55 28.48 19.18
CA GLU C 98 -1.50 27.88 20.07
C GLU C 98 -0.99 26.52 20.50
N MET C 99 -1.31 26.12 21.74
CA MET C 99 -0.85 24.87 22.27
C MET C 99 -1.88 24.23 23.19
N TRP C 100 -1.91 22.90 23.18
CA TRP C 100 -2.77 22.13 24.05
C TRP C 100 -2.12 20.84 24.49
N GLN C 101 -2.42 20.40 25.70
CA GLN C 101 -1.72 19.26 26.27
C GLN C 101 -2.52 18.66 27.40
N ALA C 102 -2.14 17.46 27.78
CA ALA C 102 -2.68 16.79 28.96
C ALA C 102 -2.01 17.33 30.22
N ASN C 103 -2.51 16.91 31.38
CA ASN C 103 -1.90 17.32 32.64
C ASN C 103 -0.72 16.43 33.01
N ALA C 104 -0.22 16.59 34.24
CA ALA C 104 0.97 15.86 34.66
C ALA C 104 0.83 14.33 34.60
N GLY C 105 -0.40 13.84 34.70
CA GLY C 105 -0.66 12.44 34.69
C GLY C 105 -1.12 11.88 33.37
N GLY C 106 -1.13 12.70 32.33
CA GLY C 106 -1.55 12.22 31.03
C GLY C 106 -3.05 12.32 30.80
N ARG C 107 -3.75 13.05 31.67
CA ARG C 107 -5.19 13.24 31.53
C ARG C 107 -5.53 14.54 30.83
N TYR C 108 -6.32 14.44 29.77
CA TYR C 108 -6.81 15.60 29.04
C TYR C 108 -8.12 16.07 29.62
N ARG C 109 -8.30 17.36 29.71
CA ARG C 109 -9.58 17.95 30.11
C ARG C 109 -10.45 18.08 28.85
N HIS C 110 -11.08 16.96 28.49
CA HIS C 110 -11.89 16.83 27.29
C HIS C 110 -12.88 15.70 27.57
N LYS C 111 -14.14 15.89 27.22
CA LYS C 111 -15.18 14.92 27.57
C LYS C 111 -14.94 13.54 26.97
N ASN C 112 -14.20 13.47 25.87
CA ASN C 112 -13.95 12.19 25.21
C ASN C 112 -12.76 11.40 25.79
N ASP C 113 -12.02 11.97 26.73
CA ASP C 113 -10.86 11.25 27.30
C ASP C 113 -11.31 10.25 28.37
N ARG C 114 -11.17 8.96 28.10
CA ARG C 114 -11.63 7.93 29.02
C ARG C 114 -10.51 7.39 29.92
N TYR C 115 -9.29 7.93 29.79
CA TYR C 115 -8.21 7.51 30.69
C TYR C 115 -8.54 7.80 32.13
N LEU C 116 -8.20 6.83 32.99
CA LEU C 116 -8.54 6.80 34.41
C LEU C 116 -7.79 7.80 35.26
N ALA C 117 -6.63 8.32 34.81
CA ALA C 117 -5.85 9.26 35.58
C ALA C 117 -6.64 10.53 35.90
N PRO C 118 -6.47 11.10 37.10
CA PRO C 118 -7.37 12.19 37.46
C PRO C 118 -7.11 13.52 36.78
N LEU C 119 -8.17 14.31 36.66
CA LEU C 119 -8.00 15.71 36.36
C LEU C 119 -7.32 16.43 37.50
N ASP C 120 -6.70 17.55 37.15
CA ASP C 120 -6.07 18.45 38.08
C ASP C 120 -6.99 19.68 38.07
N PRO C 121 -7.60 19.99 39.23
CA PRO C 121 -8.57 21.07 39.27
C PRO C 121 -7.99 22.45 38.95
N ASN C 122 -6.67 22.62 38.99
CA ASN C 122 -6.08 23.90 38.63
C ASN C 122 -5.32 23.83 37.31
N PHE C 123 -5.63 22.86 36.46
CA PHE C 123 -5.00 22.81 35.14
C PHE C 123 -6.01 22.62 34.04
N GLY C 124 -5.99 23.53 33.08
CA GLY C 124 -6.83 23.42 31.89
C GLY C 124 -6.20 22.75 30.68
N GLY C 125 -5.04 23.21 30.23
CA GLY C 125 -4.30 22.53 29.17
C GLY C 125 -4.21 23.31 27.86
N VAL C 126 -4.68 24.56 27.80
CA VAL C 126 -4.58 25.38 26.58
C VAL C 126 -3.81 26.65 26.82
N GLY C 127 -3.01 27.02 25.83
CA GLY C 127 -2.40 28.32 25.80
C GLY C 127 -2.34 28.92 24.41
N ARG C 128 -2.14 30.22 24.34
CA ARG C 128 -1.91 30.88 23.06
C ARG C 128 -1.09 32.12 23.28
N CYS C 129 -0.37 32.54 22.25
CA CYS C 129 0.37 33.80 22.26
C CYS C 129 0.71 34.17 20.83
N LEU C 130 1.28 35.36 20.68
CA LEU C 130 1.83 35.85 19.45
C LEU C 130 3.34 35.82 19.60
N THR C 131 4.06 35.48 18.54
CA THR C 131 5.49 35.68 18.57
C THR C 131 5.74 37.20 18.65
N ASP C 132 6.84 37.57 19.29
CA ASP C 132 7.24 38.98 19.34
C ASP C 132 7.85 39.45 18.02
N SER C 133 8.34 40.67 18.01
CA SER C 133 8.84 41.25 16.78
C SER C 133 10.11 40.59 16.27
N ASP C 134 10.79 39.77 17.09
CA ASP C 134 11.96 39.02 16.65
C ASP C 134 11.65 37.52 16.41
N GLY C 135 10.38 37.14 16.48
CA GLY C 135 9.93 35.78 16.20
C GLY C 135 9.86 34.85 17.39
N TYR C 136 10.09 35.36 18.60
CA TYR C 136 10.13 34.51 19.81
C TYR C 136 8.77 34.37 20.48
N TYR C 137 8.49 33.17 20.99
CA TYR C 137 7.29 32.94 21.79
C TYR C 137 7.73 32.30 23.12
N SER C 138 6.83 32.36 24.09
CA SER C 138 7.04 31.59 25.31
C SER C 138 5.74 31.30 26.09
N PHE C 139 5.69 30.09 26.63
CA PHE C 139 4.61 29.64 27.45
C PHE C 139 5.18 29.18 28.79
N ARG C 140 4.35 29.17 29.82
CA ARG C 140 4.71 28.47 31.05
C ARG C 140 3.64 27.43 31.30
N THR C 141 4.03 26.22 31.70
CA THR C 141 3.12 25.11 31.83
C THR C 141 3.71 24.07 32.77
N ILE C 142 3.05 22.92 32.86
CA ILE C 142 3.60 21.76 33.50
C ILE C 142 3.91 20.71 32.42
N LYS C 143 4.94 19.93 32.63
CA LYS C 143 5.25 18.88 31.70
C LYS C 143 4.12 17.85 31.68
N PRO C 144 3.55 17.60 30.49
CA PRO C 144 2.51 16.60 30.38
C PRO C 144 3.04 15.18 30.56
N GLY C 145 2.20 14.31 31.12
CA GLY C 145 2.52 12.93 31.22
C GLY C 145 2.22 12.16 29.95
N PRO C 146 2.89 11.03 29.76
CA PRO C 146 2.53 10.16 28.66
C PRO C 146 1.10 9.64 28.81
N TYR C 147 0.56 9.15 27.70
N TYR C 147 0.49 9.18 27.75
CA TYR C 147 -0.87 8.81 27.51
CA TYR C 147 -0.80 8.59 27.99
C TYR C 147 -1.05 7.39 26.88
C TYR C 147 -1.14 7.49 27.01
N PRO C 148 -1.79 6.48 27.55
CA PRO C 148 -2.07 5.26 26.83
C PRO C 148 -3.24 5.52 25.88
N TRP C 149 -3.23 4.81 24.76
CA TRP C 149 -4.25 4.99 23.78
C TRP C 149 -4.53 3.69 23.01
N ARG C 150 -5.74 3.58 22.48
CA ARG C 150 -6.20 2.35 21.86
C ARG C 150 -5.77 2.29 20.39
N ASN C 151 -4.49 2.10 20.18
CA ASN C 151 -3.92 1.83 18.86
C ASN C 151 -3.53 0.34 18.86
N GLY C 152 -2.28 0.01 19.07
CA GLY C 152 -1.93 -1.35 19.44
C GLY C 152 -2.32 -1.64 20.89
N PRO C 153 -2.07 -2.87 21.37
CA PRO C 153 -2.58 -3.21 22.70
C PRO C 153 -1.81 -2.65 23.90
N ASN C 154 -0.66 -2.04 23.65
CA ASN C 154 0.09 -1.39 24.73
C ASN C 154 0.87 -0.21 24.19
N ASP C 155 0.14 0.72 23.57
CA ASP C 155 0.72 1.91 22.98
C ASP C 155 0.54 3.07 23.91
N TRP C 156 1.60 3.88 23.99
CA TRP C 156 1.62 5.04 24.87
C TRP C 156 2.22 6.20 24.11
N ARG C 157 1.53 7.34 24.09
CA ARG C 157 2.11 8.54 23.54
C ARG C 157 3.23 8.98 24.46
N PRO C 158 4.38 9.35 23.87
CA PRO C 158 5.35 10.10 24.69
C PRO C 158 4.74 11.38 25.23
N ALA C 159 5.35 11.95 26.26
CA ALA C 159 4.94 13.26 26.72
C ALA C 159 4.95 14.20 25.52
N HIS C 160 3.88 14.95 25.34
CA HIS C 160 3.84 15.85 24.18
C HIS C 160 2.90 17.03 24.37
N ILE C 161 3.19 18.11 23.63
CA ILE C 161 2.35 19.26 23.62
C ILE C 161 2.01 19.49 22.16
N HIS C 162 0.72 19.64 21.89
CA HIS C 162 0.24 19.96 20.53
C HIS C 162 0.47 21.45 20.24
N PHE C 163 0.91 21.78 19.01
CA PHE C 163 1.18 23.15 18.60
C PHE C 163 0.46 23.45 17.30
N GLY C 164 -0.10 24.65 17.22
CA GLY C 164 -0.63 25.19 15.97
C GLY C 164 0.04 26.52 15.72
N ILE C 165 0.52 26.74 14.50
CA ILE C 165 1.22 27.99 14.15
C ILE C 165 0.63 28.51 12.87
N SER C 166 0.20 29.77 12.86
CA SER C 166 -0.48 30.32 11.66
C SER C 166 0.52 30.71 10.56
N GLY C 167 1.52 31.51 10.93
CA GLY C 167 2.43 32.03 9.95
C GLY C 167 1.76 33.00 9.01
N PRO C 168 2.50 33.44 8.00
CA PRO C 168 2.03 34.54 7.14
C PRO C 168 0.90 34.22 6.17
N SER C 169 0.63 32.95 5.93
CA SER C 169 -0.43 32.61 4.97
C SER C 169 -1.06 31.29 5.32
N ILE C 170 -2.19 31.00 4.70
CA ILE C 170 -2.77 29.67 4.88
C ILE C 170 -1.85 28.56 4.35
N ALA C 171 -0.95 28.90 3.42
CA ALA C 171 0.03 27.97 2.93
C ALA C 171 1.06 27.57 3.98
N THR C 172 1.28 28.42 5.00
CA THR C 172 2.30 28.16 6.04
C THR C 172 1.70 27.54 7.28
N LYS C 173 0.37 27.57 7.42
CA LYS C 173 -0.28 27.09 8.65
C LYS C 173 0.15 25.65 8.92
N LEU C 174 0.46 25.37 10.16
CA LEU C 174 0.99 24.04 10.55
C LEU C 174 0.43 23.61 11.92
N ILE C 175 0.06 22.34 12.04
CA ILE C 175 -0.14 21.71 13.33
C ILE C 175 0.91 20.62 13.48
N THR C 176 1.50 20.56 14.66
CA THR C 176 2.56 19.59 14.92
C THR C 176 2.55 19.21 16.42
N GLN C 177 3.54 18.43 16.86
CA GLN C 177 3.63 18.05 18.28
C GLN C 177 5.08 18.18 18.72
N LEU C 178 5.24 18.70 19.93
CA LEU C 178 6.53 18.77 20.57
C LEU C 178 6.72 17.56 21.49
N TYR C 179 7.91 16.98 21.45
CA TYR C 179 8.30 15.89 22.36
C TYR C 179 9.49 16.37 23.16
N PHE C 180 9.85 15.61 24.21
CA PHE C 180 10.85 16.06 25.17
C PHE C 180 12.12 15.25 25.12
N GLU C 181 13.26 15.96 25.15
CA GLU C 181 14.55 15.37 25.05
C GLU C 181 14.68 14.11 25.91
N GLY C 182 15.16 13.05 25.28
CA GLY C 182 15.51 11.83 25.97
C GLY C 182 14.37 10.85 26.24
N ASP C 183 13.12 11.23 26.00
CA ASP C 183 11.96 10.37 26.34
C ASP C 183 12.05 9.03 25.58
N PRO C 184 12.21 7.93 26.31
CA PRO C 184 12.38 6.65 25.65
C PRO C 184 11.11 6.16 24.90
N LEU C 185 9.97 6.80 25.12
CA LEU C 185 8.75 6.46 24.37
C LEU C 185 8.76 6.95 22.92
N ILE C 186 9.58 7.95 22.61
CA ILE C 186 9.54 8.60 21.30
C ILE C 186 9.77 7.60 20.14
N PRO C 187 10.81 6.75 20.21
CA PRO C 187 11.00 5.87 19.03
C PRO C 187 10.01 4.73 18.92
N MET C 188 9.17 4.57 19.94
CA MET C 188 8.16 3.49 19.98
C MET C 188 6.78 3.96 19.49
N CYS C 189 6.61 5.27 19.28
CA CYS C 189 5.28 5.80 18.99
C CYS C 189 4.93 5.76 17.51
N PRO C 190 3.81 5.10 17.15
CA PRO C 190 3.41 5.11 15.73
C PRO C 190 2.97 6.46 15.14
N ILE C 191 2.59 7.42 15.98
CA ILE C 191 2.33 8.77 15.49
C ILE C 191 3.66 9.50 15.19
N VAL C 192 4.64 9.42 16.10
CA VAL C 192 5.96 9.96 15.80
C VAL C 192 6.44 9.32 14.49
N LYS C 193 6.34 8.00 14.42
CA LYS C 193 6.86 7.25 13.28
C LYS C 193 6.04 7.31 12.01
N SER C 194 4.96 8.09 12.02
CA SER C 194 4.32 8.52 10.79
C SER C 194 5.28 9.35 9.94
N ILE C 195 6.24 10.00 10.60
CA ILE C 195 7.35 10.64 9.93
C ILE C 195 8.39 9.57 9.60
N ALA C 196 8.63 9.35 8.30
CA ALA C 196 9.52 8.28 7.84
C ALA C 196 10.98 8.56 8.12
N ASN C 197 11.38 9.83 8.06
CA ASN C 197 12.79 10.20 8.19
C ASN C 197 13.14 10.53 9.65
N PRO C 198 13.96 9.69 10.33
CA PRO C 198 14.28 10.04 11.71
C PRO C 198 14.90 11.43 11.95
N GLU C 199 15.58 12.00 10.97
CA GLU C 199 16.09 13.36 11.08
C GLU C 199 14.99 14.38 11.13
N ALA C 200 13.83 14.07 10.52
CA ALA C 200 12.70 14.95 10.67
C ALA C 200 12.10 14.87 12.08
N VAL C 201 12.01 13.67 12.63
CA VAL C 201 11.54 13.52 14.01
C VAL C 201 12.41 14.34 14.97
N GLN C 202 13.71 14.37 14.75
CA GLN C 202 14.61 15.15 15.60
C GLN C 202 14.18 16.61 15.74
N GLN C 203 13.60 17.16 14.68
CA GLN C 203 13.12 18.53 14.68
C GLN C 203 11.94 18.80 15.62
N LEU C 204 11.26 17.73 16.05
CA LEU C 204 10.16 17.84 16.99
C LEU C 204 10.55 17.65 18.46
N ILE C 205 11.82 17.40 18.72
CA ILE C 205 12.24 17.10 20.07
C ILE C 205 12.78 18.40 20.73
N ALA C 206 12.08 18.90 21.74
CA ALA C 206 12.49 20.10 22.46
C ALA C 206 13.67 19.74 23.37
N LYS C 207 14.65 20.63 23.44
CA LYS C 207 15.83 20.39 24.22
C LYS C 207 15.72 21.12 25.56
N LEU C 208 16.20 20.45 26.60
CA LEU C 208 16.29 21.05 27.94
C LEU C 208 17.18 22.28 27.79
N ASP C 209 16.76 23.38 28.38
CA ASP C 209 17.39 24.68 28.19
C ASP C 209 17.65 25.31 29.57
N MET C 210 18.75 24.91 30.19
CA MET C 210 19.00 25.28 31.60
C MET C 210 19.21 26.79 31.66
N ASN C 211 19.69 27.36 30.56
CA ASN C 211 19.97 28.81 30.49
C ASN C 211 18.69 29.66 30.60
N ASN C 212 17.55 29.07 30.28
CA ASN C 212 16.29 29.80 30.33
C ASN C 212 15.46 29.43 31.54
N ALA C 213 16.00 28.59 32.40
CA ALA C 213 15.28 28.19 33.59
C ALA C 213 15.27 29.31 34.64
N ASN C 214 14.24 29.33 35.50
CA ASN C 214 14.21 30.14 36.72
C ASN C 214 14.66 29.28 37.88
N PRO C 215 15.85 29.53 38.44
CA PRO C 215 16.31 28.73 39.59
C PRO C 215 15.31 28.71 40.73
N MET C 216 15.22 27.57 41.39
CA MET C 216 14.31 27.33 42.52
C MET C 216 12.82 27.51 42.13
N ASP C 217 12.52 27.37 40.83
CA ASP C 217 11.21 27.72 40.33
C ASP C 217 10.78 26.78 39.21
N CYS C 218 11.36 26.95 38.02
CA CYS C 218 10.91 26.14 36.89
C CYS C 218 12.06 25.86 35.91
N LEU C 219 11.99 24.68 35.28
CA LEU C 219 12.91 24.36 34.19
C LEU C 219 12.43 24.98 32.91
N ALA C 220 13.13 24.73 31.81
CA ALA C 220 12.77 25.31 30.52
C ALA C 220 13.21 24.36 29.42
N TYR C 221 12.43 24.38 28.34
CA TYR C 221 12.68 23.61 27.12
C TYR C 221 12.60 24.55 25.94
N ARG C 222 13.41 24.26 24.93
CA ARG C 222 13.46 25.11 23.75
C ARG C 222 12.90 24.34 22.55
N PHE C 223 11.98 24.98 21.83
CA PHE C 223 11.35 24.37 20.67
C PHE C 223 11.26 25.42 19.58
N ASP C 224 12.13 25.31 18.59
CA ASP C 224 12.14 26.24 17.47
C ASP C 224 11.29 25.64 16.35
N ILE C 225 10.62 26.50 15.61
CA ILE C 225 9.67 26.06 14.58
C ILE C 225 10.07 26.70 13.26
N VAL C 226 10.13 25.90 12.20
CA VAL C 226 10.46 26.38 10.86
C VAL C 226 9.27 26.23 9.92
N LEU C 227 8.78 27.36 9.42
CA LEU C 227 7.68 27.42 8.49
C LEU C 227 8.25 27.54 7.09
N ARG C 228 7.39 27.35 6.09
CA ARG C 228 7.84 27.34 4.72
C ARG C 228 8.55 28.64 4.36
N GLY C 229 9.61 28.53 3.62
CA GLY C 229 10.33 29.68 3.07
C GLY C 229 9.42 30.63 2.28
N GLN C 230 9.52 31.91 2.57
CA GLN C 230 8.77 32.95 1.85
C GLN C 230 9.73 33.80 1.00
N ARG C 231 9.42 33.96 -0.28
CA ARG C 231 10.28 34.74 -1.16
C ARG C 231 9.39 35.61 -2.04
N LYS C 232 9.98 36.64 -2.63
CA LYS C 232 9.24 37.46 -3.59
C LYS C 232 9.08 36.69 -4.89
N THR C 233 8.04 37.03 -5.63
CA THR C 233 7.87 36.58 -7.00
C THR C 233 9.01 37.14 -7.87
N HIS C 234 9.39 36.42 -8.91
CA HIS C 234 10.36 36.93 -9.86
C HIS C 234 10.07 36.36 -11.22
N PHE C 235 10.17 37.22 -12.22
CA PHE C 235 9.97 36.84 -13.61
C PHE C 235 8.62 36.17 -13.88
N GLU C 236 7.59 36.62 -13.17
N GLU C 236 7.54 36.61 -13.25
CA GLU C 236 6.20 36.15 -13.39
CA GLU C 236 6.24 36.03 -13.58
C GLU C 236 5.43 37.12 -14.29
C GLU C 236 5.36 36.93 -14.49
N PRO D 1 25.15 -17.24 -4.93
CA PRO D 1 24.55 -17.78 -6.17
C PRO D 1 25.11 -17.10 -7.39
N ILE D 2 24.81 -17.62 -8.56
CA ILE D 2 25.29 -17.02 -9.80
C ILE D 2 24.43 -15.81 -10.10
N GLU D 3 25.08 -14.68 -10.32
CA GLU D 3 24.37 -13.47 -10.70
C GLU D 3 24.86 -13.00 -12.07
N LEU D 4 23.93 -12.83 -12.99
CA LEU D 4 24.26 -12.35 -14.34
C LEU D 4 24.33 -10.82 -14.35
N LEU D 5 24.58 -10.22 -15.50
CA LEU D 5 24.42 -8.78 -15.61
C LEU D 5 22.95 -8.45 -15.33
N PRO D 6 22.67 -7.37 -14.62
CA PRO D 6 21.28 -6.98 -14.42
C PRO D 6 20.65 -6.41 -15.69
N GLU D 7 19.38 -6.72 -15.91
CA GLU D 7 18.62 -6.15 -17.02
C GLU D 7 18.53 -4.62 -16.82
N THR D 8 18.56 -3.86 -17.91
CA THR D 8 18.29 -2.44 -17.85
C THR D 8 16.86 -2.27 -17.32
N PRO D 9 16.65 -1.42 -16.30
CA PRO D 9 15.30 -1.32 -15.74
C PRO D 9 14.36 -0.55 -16.63
N SER D 10 13.09 -0.93 -16.57
CA SER D 10 12.04 -0.26 -17.34
C SER D 10 11.76 1.12 -16.77
N GLN D 11 11.18 1.97 -17.60
CA GLN D 11 10.57 3.21 -17.14
C GLN D 11 9.29 3.41 -17.98
N THR D 12 8.41 4.27 -17.50
CA THR D 12 7.20 4.57 -18.23
C THR D 12 7.51 5.06 -19.65
N ALA D 13 6.61 4.69 -20.57
CA ALA D 13 6.68 5.23 -21.92
C ALA D 13 6.27 6.72 -21.95
N GLY D 14 5.52 7.14 -20.94
CA GLY D 14 5.19 8.55 -20.76
C GLY D 14 4.11 8.97 -21.74
N PRO D 15 3.56 10.16 -21.54
CA PRO D 15 2.43 10.71 -22.33
C PRO D 15 2.74 10.96 -23.80
N TYR D 16 4.03 11.15 -24.11
CA TYR D 16 4.45 11.56 -25.44
C TYR D 16 5.08 10.40 -26.18
N VAL D 17 4.78 9.18 -25.72
CA VAL D 17 5.20 7.95 -26.41
C VAL D 17 4.95 7.98 -27.94
N HIS D 18 3.92 8.69 -28.37
CA HIS D 18 3.51 8.70 -29.79
C HIS D 18 4.57 9.35 -30.70
N ILE D 19 5.31 10.31 -30.16
CA ILE D 19 6.43 10.95 -30.89
C ILE D 19 7.33 9.88 -31.53
N GLY D 20 7.67 8.88 -30.73
CA GLY D 20 8.62 7.85 -31.17
C GLY D 20 7.96 6.68 -31.88
N LEU D 21 6.74 6.31 -31.47
CA LEU D 21 6.12 5.02 -31.87
C LEU D 21 4.73 5.13 -32.50
N ALA D 22 4.16 6.34 -32.52
CA ALA D 22 2.83 6.53 -33.12
C ALA D 22 2.77 7.96 -33.67
N LEU D 23 3.61 8.20 -34.67
CA LEU D 23 3.92 9.57 -35.15
C LEU D 23 2.70 10.40 -35.55
N GLU D 24 1.83 9.80 -36.36
CA GLU D 24 0.59 10.46 -36.76
C GLU D 24 -0.21 10.91 -35.54
N ALA D 25 -0.35 10.02 -34.56
CA ALA D 25 -1.18 10.30 -33.36
C ALA D 25 -0.62 11.47 -32.53
N ALA D 26 0.70 11.65 -32.58
CA ALA D 26 1.37 12.78 -31.93
C ALA D 26 0.98 14.12 -32.58
N GLY D 27 0.49 14.03 -33.82
CA GLY D 27 0.22 15.21 -34.66
C GLY D 27 1.34 15.50 -35.65
N ASN D 28 2.25 14.54 -35.83
CA ASN D 28 3.46 14.79 -36.61
C ASN D 28 3.46 14.09 -37.98
N PRO D 29 4.30 14.58 -38.91
CA PRO D 29 4.60 13.86 -40.15
C PRO D 29 5.07 12.42 -39.87
N THR D 30 4.82 11.51 -40.80
CA THR D 30 5.29 10.14 -40.71
C THR D 30 6.43 9.86 -41.70
N ARG D 31 7.20 8.82 -41.43
CA ARG D 31 8.28 8.44 -42.29
C ARG D 31 7.72 7.52 -43.37
N ASP D 32 8.53 7.20 -44.38
CA ASP D 32 8.10 6.32 -45.47
C ASP D 32 7.46 5.03 -44.96
N GLN D 33 8.12 4.39 -43.98
CA GLN D 33 7.66 3.10 -43.45
C GLN D 33 7.42 3.18 -41.93
N GLU D 34 6.19 2.85 -41.52
CA GLU D 34 5.82 2.83 -40.11
C GLU D 34 5.25 1.47 -39.71
N ILE D 35 5.53 1.08 -38.46
CA ILE D 35 5.03 -0.13 -37.85
C ILE D 35 3.71 0.22 -37.23
N TRP D 36 2.62 -0.34 -37.75
CA TRP D 36 1.31 0.09 -37.29
C TRP D 36 0.25 -1.05 -37.21
N ASN D 37 -1.03 -0.72 -37.43
CA ASN D 37 -2.14 -1.50 -36.91
C ASN D 37 -2.86 -2.35 -37.96
N ARG D 38 -2.30 -2.44 -39.16
CA ARG D 38 -2.82 -3.31 -40.21
C ARG D 38 -1.90 -4.50 -40.42
N LEU D 39 -2.21 -5.63 -39.78
CA LEU D 39 -1.37 -6.82 -39.79
C LEU D 39 -1.56 -7.61 -41.10
N ALA D 40 -2.71 -7.44 -41.74
CA ALA D 40 -3.06 -8.30 -42.87
C ALA D 40 -3.39 -7.49 -44.12
N LYS D 41 -2.71 -7.77 -45.22
CA LYS D 41 -3.15 -7.23 -46.52
C LYS D 41 -4.52 -7.85 -46.80
N PRO D 42 -5.39 -7.19 -47.59
CA PRO D 42 -6.72 -7.74 -47.81
C PRO D 42 -6.77 -9.19 -48.32
N ASP D 43 -5.79 -9.64 -49.08
CA ASP D 43 -5.80 -11.02 -49.57
C ASP D 43 -4.99 -12.00 -48.73
N ALA D 44 -4.61 -11.64 -47.50
CA ALA D 44 -3.90 -12.56 -46.64
C ALA D 44 -4.82 -13.75 -46.34
N PRO D 45 -4.26 -14.96 -46.18
CA PRO D 45 -5.12 -16.08 -45.79
C PRO D 45 -5.78 -15.93 -44.39
N GLY D 46 -6.94 -16.57 -44.24
CA GLY D 46 -7.65 -16.63 -42.95
C GLY D 46 -8.88 -15.73 -42.89
N GLU D 47 -9.50 -15.70 -41.72
CA GLU D 47 -10.70 -14.90 -41.49
C GLU D 47 -10.28 -13.50 -41.04
N HIS D 48 -10.54 -12.51 -41.89
CA HIS D 48 -10.23 -11.12 -41.58
C HIS D 48 -11.16 -10.56 -40.51
N ILE D 49 -10.56 -9.98 -39.48
CA ILE D 49 -11.31 -9.44 -38.35
C ILE D 49 -10.75 -8.06 -37.95
N LEU D 50 -11.64 -7.25 -37.37
CA LEU D 50 -11.26 -6.04 -36.68
C LEU D 50 -11.25 -6.33 -35.19
N LEU D 51 -10.24 -5.80 -34.51
CA LEU D 51 -10.17 -5.81 -33.04
C LEU D 51 -10.23 -4.36 -32.60
N LEU D 52 -10.95 -4.11 -31.51
CA LEU D 52 -10.99 -2.77 -30.93
C LEU D 52 -11.23 -2.86 -29.43
N GLY D 53 -10.85 -1.80 -28.75
CA GLY D 53 -10.99 -1.76 -27.29
C GLY D 53 -10.71 -0.41 -26.72
N GLN D 54 -11.07 -0.26 -25.45
CA GLN D 54 -10.77 0.88 -24.67
C GLN D 54 -10.05 0.39 -23.42
N VAL D 55 -9.35 1.31 -22.75
CA VAL D 55 -8.52 0.96 -21.60
C VAL D 55 -8.97 1.85 -20.44
N TYR D 56 -9.21 1.25 -19.28
CA TYR D 56 -9.76 1.93 -18.11
C TYR D 56 -8.81 1.89 -16.94
N ASP D 57 -8.71 3.04 -16.24
CA ASP D 57 -7.93 3.11 -15.02
C ASP D 57 -8.77 2.69 -13.83
N GLY D 58 -8.20 2.77 -12.64
CA GLY D 58 -8.83 2.26 -11.43
C GLY D 58 -10.01 3.08 -10.97
N ASN D 59 -10.19 4.24 -11.57
CA ASN D 59 -11.34 5.09 -11.31
C ASN D 59 -12.40 4.98 -12.37
N GLY D 60 -12.23 4.07 -13.31
CA GLY D 60 -13.23 3.89 -14.37
C GLY D 60 -13.12 4.88 -15.52
N HIS D 61 -12.02 5.63 -15.57
CA HIS D 61 -11.82 6.63 -16.61
C HIS D 61 -10.95 6.10 -17.74
N LEU D 62 -11.23 6.54 -18.94
CA LEU D 62 -10.44 6.12 -20.09
C LEU D 62 -8.95 6.53 -20.02
N VAL D 63 -8.06 5.60 -20.39
CA VAL D 63 -6.65 5.86 -20.53
C VAL D 63 -6.44 6.21 -22.00
N ARG D 64 -6.46 7.50 -22.28
CA ARG D 64 -6.53 7.97 -23.66
C ARG D 64 -5.19 8.04 -24.32
N ASP D 65 -4.12 7.74 -23.59
CA ASP D 65 -2.78 7.81 -24.12
C ASP D 65 -2.08 6.44 -24.09
N SER D 66 -2.81 5.35 -24.18
N SER D 66 -2.87 5.36 -24.18
CA SER D 66 -2.18 4.06 -24.15
CA SER D 66 -2.38 3.97 -24.22
C SER D 66 -1.71 3.63 -25.53
C SER D 66 -1.69 3.66 -25.55
N PHE D 67 -0.70 2.77 -25.50
CA PHE D 67 -0.01 2.30 -26.67
C PHE D 67 0.04 0.77 -26.49
N LEU D 68 -0.32 0.00 -27.52
CA LEU D 68 -0.36 -1.45 -27.44
C LEU D 68 0.51 -2.09 -28.51
N GLU D 69 1.25 -3.13 -28.15
CA GLU D 69 1.97 -3.94 -29.11
C GLU D 69 1.35 -5.33 -29.10
N VAL D 70 1.17 -5.88 -30.29
CA VAL D 70 0.53 -7.18 -30.42
C VAL D 70 1.40 -8.15 -31.20
N TRP D 71 1.24 -9.42 -30.90
CA TRP D 71 2.01 -10.51 -31.49
C TRP D 71 1.08 -11.71 -31.54
N GLN D 72 0.87 -12.25 -32.74
CA GLN D 72 -0.06 -13.35 -32.92
C GLN D 72 0.36 -14.23 -34.07
N ALA D 73 -0.06 -15.48 -34.01
CA ALA D 73 0.14 -16.40 -35.13
C ALA D 73 -0.76 -16.01 -36.30
N ASP D 74 -0.33 -16.38 -37.49
CA ASP D 74 -1.17 -16.21 -38.68
C ASP D 74 -2.29 -17.25 -38.64
N ALA D 75 -3.09 -17.29 -39.68
CA ALA D 75 -4.24 -18.20 -39.72
C ALA D 75 -3.87 -19.67 -39.67
N ASN D 76 -2.65 -19.98 -40.13
CA ASN D 76 -2.12 -21.34 -40.12
C ASN D 76 -1.34 -21.68 -38.86
N GLY D 77 -1.39 -20.79 -37.87
CA GLY D 77 -0.78 -21.05 -36.59
C GLY D 77 0.72 -20.81 -36.64
N GLU D 78 1.20 -19.99 -37.56
CA GLU D 78 2.64 -19.76 -37.69
C GLU D 78 2.95 -18.32 -37.31
N TYR D 79 4.02 -18.13 -36.53
CA TYR D 79 4.48 -16.78 -36.20
C TYR D 79 5.40 -16.28 -37.29
N GLN D 80 4.99 -15.18 -37.93
CA GLN D 80 5.73 -14.55 -39.04
C GLN D 80 6.59 -13.43 -38.47
N ASP D 81 7.84 -13.75 -38.19
CA ASP D 81 8.75 -12.81 -37.49
C ASP D 81 9.56 -11.91 -38.40
N ALA D 82 9.59 -12.17 -39.70
CA ALA D 82 10.36 -11.32 -40.59
C ALA D 82 9.56 -10.13 -41.01
N TYR D 83 9.52 -9.12 -40.14
CA TYR D 83 8.66 -7.99 -40.34
C TYR D 83 8.94 -7.26 -41.65
N ASN D 84 7.88 -6.95 -42.38
CA ASN D 84 8.02 -6.33 -43.69
C ASN D 84 6.66 -5.75 -44.12
N LEU D 85 6.64 -4.48 -44.48
CA LEU D 85 5.40 -3.83 -44.91
C LEU D 85 4.85 -4.44 -46.20
N GLU D 86 5.67 -5.24 -46.89
CA GLU D 86 5.19 -5.90 -48.13
C GLU D 86 4.66 -7.30 -47.87
N ASN D 87 4.79 -7.82 -46.63
CA ASN D 87 4.22 -9.11 -46.31
C ASN D 87 2.72 -9.09 -46.47
N ALA D 88 2.15 -10.20 -46.92
CA ALA D 88 0.70 -10.40 -46.82
C ALA D 88 0.22 -10.34 -45.36
N PHE D 89 1.03 -10.84 -44.43
CA PHE D 89 0.67 -10.86 -43.00
C PHE D 89 1.89 -10.59 -42.15
N ASN D 90 1.76 -9.67 -41.19
CA ASN D 90 2.72 -9.55 -40.11
C ASN D 90 2.10 -10.00 -38.80
N SER D 91 2.84 -10.84 -38.08
CA SER D 91 2.45 -11.29 -36.75
C SER D 91 2.52 -10.18 -35.71
N PHE D 92 3.32 -9.15 -36.00
CA PHE D 92 3.52 -8.00 -35.13
C PHE D 92 2.78 -6.77 -35.59
N GLY D 93 2.23 -6.02 -34.63
CA GLY D 93 1.76 -4.68 -34.92
C GLY D 93 1.70 -3.79 -33.71
N ARG D 94 1.32 -2.56 -33.94
CA ARG D 94 1.19 -1.55 -32.91
C ARG D 94 -0.09 -0.77 -33.14
N THR D 95 -0.69 -0.32 -32.05
CA THR D 95 -1.87 0.54 -32.12
C THR D 95 -1.90 1.45 -30.88
N ALA D 96 -2.75 2.45 -30.90
CA ALA D 96 -2.80 3.38 -29.79
C ALA D 96 -4.22 3.87 -29.68
N THR D 97 -4.61 4.22 -28.48
CA THR D 97 -5.94 4.78 -28.26
C THR D 97 -6.03 6.19 -28.83
N THR D 98 -7.15 6.50 -29.52
CA THR D 98 -7.45 7.87 -29.93
C THR D 98 -7.68 8.73 -28.69
N PHE D 99 -7.34 10.01 -28.74
CA PHE D 99 -7.44 10.85 -27.55
C PHE D 99 -8.88 11.22 -27.20
N ASP D 100 -9.71 11.34 -28.23
CA ASP D 100 -11.14 11.72 -28.12
C ASP D 100 -12.03 10.63 -27.51
N ALA D 101 -12.02 9.45 -28.11
CA ALA D 101 -12.83 8.31 -27.70
C ALA D 101 -12.06 7.30 -26.85
N GLY D 102 -10.73 7.40 -26.82
CA GLY D 102 -9.93 6.43 -26.10
C GLY D 102 -9.93 5.05 -26.68
N GLU D 103 -10.14 4.91 -27.99
CA GLU D 103 -10.34 3.61 -28.59
C GLU D 103 -9.18 3.25 -29.51
N TRP D 104 -8.65 2.03 -29.38
CA TRP D 104 -7.68 1.54 -30.34
C TRP D 104 -8.35 0.55 -31.30
N THR D 105 -7.78 0.42 -32.49
CA THR D 105 -8.21 -0.58 -33.48
C THR D 105 -7.02 -1.33 -34.09
N LEU D 106 -7.29 -2.56 -34.46
CA LEU D 106 -6.34 -3.40 -35.17
C LEU D 106 -7.03 -4.18 -36.27
N HIS D 107 -6.40 -4.27 -37.43
CA HIS D 107 -6.95 -5.03 -38.57
C HIS D 107 -6.07 -6.26 -38.76
N THR D 108 -6.66 -7.45 -38.65
CA THR D 108 -5.84 -8.66 -38.65
C THR D 108 -6.66 -9.85 -39.14
N VAL D 109 -6.16 -11.06 -38.88
CA VAL D 109 -6.92 -12.29 -39.12
C VAL D 109 -6.99 -13.02 -37.82
N LYS D 110 -7.95 -13.91 -37.68
CA LYS D 110 -8.01 -14.68 -36.46
C LYS D 110 -6.81 -15.63 -36.44
N PRO D 111 -6.03 -15.66 -35.34
CA PRO D 111 -4.89 -16.57 -35.29
C PRO D 111 -5.29 -18.05 -35.24
N GLY D 112 -4.46 -18.90 -35.84
CA GLY D 112 -4.55 -20.35 -35.69
C GLY D 112 -3.99 -20.84 -34.38
N VAL D 113 -4.26 -22.09 -34.05
CA VAL D 113 -3.85 -22.70 -32.79
C VAL D 113 -2.36 -22.99 -32.83
N VAL D 114 -1.66 -22.66 -31.74
CA VAL D 114 -0.28 -23.08 -31.54
C VAL D 114 -0.16 -23.87 -30.23
N ASN D 115 0.80 -24.79 -30.17
CA ASN D 115 1.01 -25.57 -28.97
C ASN D 115 1.96 -24.86 -27.99
N ASN D 116 1.73 -25.10 -26.71
CA ASN D 116 2.68 -24.72 -25.67
C ASN D 116 3.92 -25.63 -25.70
N ALA D 117 4.83 -25.43 -24.76
CA ALA D 117 6.12 -26.11 -24.81
C ALA D 117 5.97 -27.61 -24.54
N ALA D 118 4.93 -28.01 -23.79
CA ALA D 118 4.64 -29.43 -23.52
C ALA D 118 3.82 -30.10 -24.64
N GLY D 119 3.51 -29.36 -25.71
CA GLY D 119 2.78 -29.93 -26.85
C GLY D 119 1.25 -29.84 -26.73
N VAL D 120 0.76 -29.11 -25.72
CA VAL D 120 -0.69 -28.99 -25.50
C VAL D 120 -1.18 -27.76 -26.30
N PRO D 121 -2.26 -27.92 -27.08
CA PRO D 121 -2.78 -26.77 -27.85
C PRO D 121 -3.30 -25.63 -27.00
N MET D 122 -2.93 -24.40 -27.35
CA MET D 122 -3.47 -23.24 -26.68
C MET D 122 -4.64 -22.73 -27.53
N ALA D 123 -5.63 -22.15 -26.87
CA ALA D 123 -6.72 -21.54 -27.61
C ALA D 123 -6.24 -20.36 -28.46
N PRO D 124 -6.94 -20.06 -29.56
CA PRO D 124 -6.48 -18.93 -30.37
C PRO D 124 -6.35 -17.65 -29.54
N HIS D 125 -5.21 -16.97 -29.67
CA HIS D 125 -4.95 -15.79 -28.85
C HIS D 125 -4.05 -14.80 -29.52
N ILE D 126 -4.14 -13.56 -29.04
CA ILE D 126 -3.26 -12.47 -29.43
C ILE D 126 -2.51 -12.05 -28.16
N ASN D 127 -1.19 -11.99 -28.22
CA ASN D 127 -0.35 -11.52 -27.10
C ASN D 127 -0.33 -10.02 -27.16
N ILE D 128 -0.60 -9.37 -26.04
CA ILE D 128 -0.68 -7.91 -26.00
C ILE D 128 0.29 -7.36 -24.97
N SER D 129 1.02 -6.31 -25.30
CA SER D 129 1.77 -5.54 -24.28
C SER D 129 1.25 -4.12 -24.24
N LEU D 130 0.88 -3.65 -23.04
CA LEU D 130 0.24 -2.39 -22.85
C LEU D 130 1.23 -1.42 -22.16
N PHE D 131 1.37 -0.26 -22.78
CA PHE D 131 2.28 0.81 -22.36
C PHE D 131 1.48 2.12 -22.23
N ALA D 132 1.89 2.97 -21.30
CA ALA D 132 1.23 4.26 -21.11
C ALA D 132 1.94 5.08 -20.06
N ARG D 133 1.70 6.38 -20.13
CA ARG D 133 1.93 7.26 -19.00
C ARG D 133 1.37 6.63 -17.73
N GLY D 134 2.20 6.55 -16.67
CA GLY D 134 1.79 5.98 -15.41
C GLY D 134 1.98 4.49 -15.24
N ILE D 135 2.39 3.83 -16.32
CA ILE D 135 2.67 2.41 -16.30
C ILE D 135 4.20 2.28 -16.33
N ASN D 136 4.80 1.90 -15.19
CA ASN D 136 6.27 1.88 -15.06
C ASN D 136 6.95 0.76 -15.83
N ILE D 137 6.28 -0.40 -15.90
CA ILE D 137 6.74 -1.50 -16.73
C ILE D 137 5.48 -2.06 -17.42
N HIS D 138 5.61 -2.33 -18.71
CA HIS D 138 4.48 -2.72 -19.52
C HIS D 138 3.76 -3.96 -18.98
N LEU D 139 2.47 -3.99 -19.23
CA LEU D 139 1.59 -5.06 -18.75
C LEU D 139 1.34 -6.04 -19.88
N HIS D 140 1.59 -7.31 -19.63
CA HIS D 140 1.31 -8.35 -20.60
C HIS D 140 -0.07 -8.94 -20.39
N THR D 141 -0.81 -9.11 -21.47
CA THR D 141 -2.07 -9.86 -21.41
C THR D 141 -2.29 -10.70 -22.67
N ARG D 142 -3.41 -11.43 -22.74
CA ARG D 142 -3.77 -12.19 -23.95
C ARG D 142 -5.23 -11.88 -24.25
N LEU D 143 -5.52 -11.74 -25.54
CA LEU D 143 -6.88 -11.62 -26.05
C LEU D 143 -7.28 -12.98 -26.67
N TYR D 144 -8.30 -13.62 -26.10
CA TYR D 144 -8.88 -14.85 -26.62
C TYR D 144 -10.29 -14.48 -27.15
N PHE D 145 -11.01 -15.43 -27.74
CA PHE D 145 -12.20 -15.10 -28.53
C PHE D 145 -13.43 -15.82 -27.98
N ASP D 146 -14.55 -15.13 -27.85
CA ASP D 146 -15.70 -15.73 -27.17
C ASP D 146 -16.36 -16.79 -28.02
N ASP D 147 -16.03 -16.90 -29.30
CA ASP D 147 -16.59 -17.98 -30.14
C ASP D 147 -15.64 -19.16 -30.25
N GLU D 148 -14.69 -19.25 -29.30
CA GLU D 148 -13.77 -20.38 -29.20
C GLU D 148 -13.92 -21.04 -27.84
N ALA D 149 -15.14 -21.06 -27.32
CA ALA D 149 -15.36 -21.51 -25.95
C ALA D 149 -14.78 -22.89 -25.64
N GLN D 150 -14.88 -23.84 -26.57
CA GLN D 150 -14.37 -25.20 -26.32
C GLN D 150 -12.85 -25.17 -26.14
N ALA D 151 -12.18 -24.47 -27.06
CA ALA D 151 -10.73 -24.30 -26.99
C ALA D 151 -10.31 -23.58 -25.73
N ASN D 152 -11.03 -22.52 -25.37
CA ASN D 152 -10.67 -21.70 -24.19
C ASN D 152 -10.73 -22.49 -22.90
N ALA D 153 -11.74 -23.35 -22.79
CA ALA D 153 -11.94 -24.17 -21.60
C ALA D 153 -10.78 -25.15 -21.40
N LYS D 154 -10.09 -25.53 -22.47
CA LYS D 154 -8.97 -26.47 -22.37
C LYS D 154 -7.59 -25.80 -22.50
N CYS D 155 -7.55 -24.48 -22.62
CA CYS D 155 -6.25 -23.78 -22.80
C CYS D 155 -5.38 -23.94 -21.57
N PRO D 156 -4.16 -24.49 -21.75
CA PRO D 156 -3.27 -24.63 -20.59
C PRO D 156 -2.74 -23.31 -20.02
N VAL D 157 -2.90 -22.21 -20.74
CA VAL D 157 -2.55 -20.91 -20.15
C VAL D 157 -3.73 -20.34 -19.40
N LEU D 158 -4.91 -20.31 -20.02
CA LEU D 158 -6.11 -19.86 -19.27
C LEU D 158 -6.30 -20.65 -17.97
N ASN D 159 -5.97 -21.94 -18.03
CA ASN D 159 -6.11 -22.80 -16.86
C ASN D 159 -5.16 -22.53 -15.72
N LEU D 160 -4.10 -21.74 -15.95
CA LEU D 160 -3.25 -21.27 -14.88
C LEU D 160 -3.83 -20.11 -14.06
N ILE D 161 -4.91 -19.50 -14.54
CA ILE D 161 -5.62 -18.48 -13.78
C ILE D 161 -6.53 -19.23 -12.81
N GLU D 162 -6.33 -19.05 -11.50
CA GLU D 162 -6.97 -19.91 -10.49
C GLU D 162 -8.50 -19.77 -10.51
N GLN D 163 -8.98 -18.53 -10.62
CA GLN D 163 -10.41 -18.20 -10.60
C GLN D 163 -11.03 -18.08 -11.98
N PRO D 164 -12.03 -18.92 -12.27
CA PRO D 164 -12.76 -18.81 -13.52
C PRO D 164 -13.29 -17.43 -13.89
N GLN D 165 -13.72 -16.65 -12.89
CA GLN D 165 -14.24 -15.31 -13.14
C GLN D 165 -13.15 -14.40 -13.74
N ARG D 166 -11.92 -14.62 -13.33
CA ARG D 166 -10.80 -13.83 -13.90
C ARG D 166 -10.47 -14.25 -15.31
N ARG D 167 -10.70 -15.52 -15.66
CA ARG D 167 -10.49 -15.98 -17.02
C ARG D 167 -11.34 -15.20 -18.00
N GLU D 168 -12.56 -14.85 -17.53
CA GLU D 168 -13.50 -14.10 -18.35
C GLU D 168 -12.97 -12.75 -18.80
N THR D 169 -12.04 -12.16 -18.03
CA THR D 169 -11.48 -10.85 -18.39
C THR D 169 -10.64 -10.91 -19.69
N LEU D 170 -10.24 -12.11 -20.13
CA LEU D 170 -9.40 -12.24 -21.31
C LEU D 170 -10.17 -12.59 -22.56
N ILE D 171 -11.49 -12.64 -22.48
CA ILE D 171 -12.26 -13.14 -23.62
C ILE D 171 -12.94 -11.97 -24.33
N ALA D 172 -12.49 -11.71 -25.56
CA ALA D 172 -13.02 -10.62 -26.37
C ALA D 172 -14.41 -11.01 -26.86
N LYS D 173 -15.25 -9.99 -27.00
CA LYS D 173 -16.69 -10.16 -27.33
C LYS D 173 -16.89 -9.95 -28.81
N ARG D 174 -17.44 -10.95 -29.49
CA ARG D 174 -17.69 -10.83 -30.93
C ARG D 174 -18.79 -9.80 -31.14
N CYS D 175 -18.63 -8.96 -32.15
CA CYS D 175 -19.55 -7.87 -32.45
C CYS D 175 -19.37 -7.53 -33.90
N GLU D 176 -19.99 -6.43 -34.34
CA GLU D 176 -19.87 -5.95 -35.71
C GLU D 176 -19.64 -4.47 -35.71
N VAL D 177 -18.61 -4.07 -36.45
CA VAL D 177 -18.22 -2.67 -36.64
C VAL D 177 -18.35 -2.40 -38.13
N ASP D 178 -19.24 -1.46 -38.45
CA ASP D 178 -19.62 -1.17 -39.82
C ASP D 178 -19.98 -2.41 -40.62
N GLY D 179 -20.65 -3.35 -39.97
CA GLY D 179 -21.10 -4.55 -40.62
C GLY D 179 -20.07 -5.66 -40.73
N LYS D 180 -18.86 -5.44 -40.23
CA LYS D 180 -17.80 -6.43 -40.39
C LYS D 180 -17.51 -7.12 -39.06
N THR D 181 -17.04 -8.36 -39.16
CA THR D 181 -16.74 -9.14 -37.99
C THR D 181 -15.68 -8.40 -37.17
N ALA D 182 -15.95 -8.25 -35.89
CA ALA D 182 -15.05 -7.59 -34.96
C ALA D 182 -15.13 -8.28 -33.60
N TYR D 183 -14.13 -8.02 -32.75
CA TYR D 183 -14.14 -8.47 -31.37
C TYR D 183 -13.68 -7.33 -30.54
N ARG D 184 -14.39 -7.08 -29.45
CA ARG D 184 -14.04 -5.97 -28.55
C ARG D 184 -13.30 -6.53 -27.36
N PHE D 185 -12.18 -5.89 -27.02
CA PHE D 185 -11.36 -6.35 -25.93
C PHE D 185 -11.01 -5.13 -25.08
N ASP D 186 -11.84 -4.82 -24.10
CA ASP D 186 -11.55 -3.75 -23.16
C ASP D 186 -10.61 -4.30 -22.06
N ILE D 187 -9.72 -3.42 -21.61
CA ILE D 187 -8.75 -3.71 -20.56
C ILE D 187 -9.10 -2.81 -19.35
N ARG D 188 -9.15 -3.41 -18.16
CA ARG D 188 -9.36 -2.68 -16.91
C ARG D 188 -8.10 -2.89 -16.13
N ILE D 189 -7.36 -1.81 -15.94
CA ILE D 189 -6.05 -1.95 -15.32
C ILE D 189 -6.22 -2.32 -13.88
N GLN D 190 -7.27 -1.83 -13.24
CA GLN D 190 -7.34 -1.87 -11.82
C GLN D 190 -8.77 -1.87 -11.39
N GLY D 191 -9.05 -2.70 -10.41
CA GLY D 191 -10.30 -2.61 -9.70
C GLY D 191 -11.29 -3.64 -10.13
N GLU D 192 -12.53 -3.22 -10.24
CA GLU D 192 -13.60 -4.18 -10.55
C GLU D 192 -13.43 -4.66 -12.01
N GLY D 193 -13.46 -5.98 -12.22
CA GLY D 193 -13.19 -6.57 -13.53
C GLY D 193 -11.75 -6.45 -14.03
N GLU D 194 -10.82 -6.24 -13.11
CA GLU D 194 -9.39 -6.09 -13.46
C GLU D 194 -8.93 -7.19 -14.40
N THR D 195 -8.32 -6.80 -15.53
CA THR D 195 -7.85 -7.73 -16.54
C THR D 195 -6.67 -8.52 -15.97
N VAL D 196 -6.63 -9.81 -16.28
CA VAL D 196 -5.45 -10.62 -15.90
C VAL D 196 -4.21 -10.13 -16.65
N PHE D 197 -3.11 -9.91 -15.92
CA PHE D 197 -1.83 -9.57 -16.51
C PHE D 197 -0.86 -10.68 -16.11
N PHE D 198 0.01 -11.02 -17.07
CA PHE D 198 0.95 -12.15 -16.95
C PHE D 198 2.37 -11.71 -16.67
N ASP D 199 3.13 -12.62 -16.05
CA ASP D 199 4.57 -12.53 -15.97
C ASP D 199 5.10 -13.79 -16.60
N PHE D 200 6.14 -13.63 -17.40
CA PHE D 200 6.84 -14.73 -17.99
C PHE D 200 8.25 -14.27 -18.37
N PRO E 1 8.98 -19.35 -40.74
CA PRO E 1 8.44 -18.72 -39.53
C PRO E 1 9.28 -18.98 -38.27
N ALA E 2 8.87 -18.36 -37.17
CA ALA E 2 9.64 -18.36 -35.94
C ALA E 2 9.51 -19.68 -35.23
N GLN E 3 10.54 -20.10 -34.51
CA GLN E 3 10.49 -21.33 -33.74
C GLN E 3 10.82 -21.08 -32.28
N ASP E 4 10.31 -21.94 -31.41
CA ASP E 4 10.63 -21.88 -30.00
C ASP E 4 11.96 -22.61 -29.78
N ASN E 5 13.05 -21.88 -29.65
CA ASN E 5 14.35 -22.54 -29.50
C ASN E 5 15.15 -21.98 -28.33
N SER E 6 14.52 -21.17 -27.48
CA SER E 6 15.26 -20.54 -26.39
C SER E 6 14.38 -20.16 -25.22
N ARG E 7 15.03 -19.90 -24.09
CA ARG E 7 14.35 -19.42 -22.91
C ARG E 7 15.03 -18.14 -22.43
N PHE E 8 14.29 -17.33 -21.72
CA PHE E 8 14.74 -16.00 -21.30
C PHE E 8 14.70 -15.93 -19.79
N VAL E 9 15.81 -15.51 -19.22
CA VAL E 9 15.94 -15.40 -17.76
C VAL E 9 14.78 -14.58 -17.17
N ILE E 10 14.18 -15.09 -16.09
CA ILE E 10 13.03 -14.45 -15.47
C ILE E 10 13.41 -13.03 -14.99
N ARG E 11 12.50 -12.08 -15.19
CA ARG E 11 12.74 -10.70 -14.77
C ARG E 11 12.79 -10.53 -13.29
N ASP E 12 13.65 -9.64 -12.84
CA ASP E 12 13.65 -9.27 -11.43
C ASP E 12 12.76 -8.07 -11.27
N ARG E 13 11.53 -8.27 -10.77
CA ARG E 13 10.59 -7.16 -10.67
C ARG E 13 10.73 -6.30 -9.41
N ASN E 14 11.78 -6.56 -8.61
CA ASN E 14 12.25 -5.59 -7.62
C ASN E 14 13.45 -4.79 -8.07
N TRP E 15 14.01 -5.12 -9.23
CA TRP E 15 15.04 -4.35 -9.89
C TRP E 15 14.39 -3.31 -10.82
N HIS E 16 13.51 -3.78 -11.70
CA HIS E 16 12.53 -2.91 -12.36
C HIS E 16 11.67 -2.13 -11.35
N PRO E 17 11.11 -0.99 -11.78
CA PRO E 17 10.18 -0.25 -10.94
C PRO E 17 8.95 -1.15 -10.71
N LYS E 18 8.35 -1.08 -9.53
CA LYS E 18 7.07 -1.74 -9.34
C LYS E 18 5.98 -0.89 -9.98
N ALA E 19 4.79 -1.46 -10.09
CA ALA E 19 3.67 -0.73 -10.73
C ALA E 19 3.16 0.43 -9.87
N LEU E 20 2.94 0.20 -8.57
CA LEU E 20 2.42 1.21 -7.68
C LEU E 20 3.57 1.97 -6.98
N THR E 21 3.79 3.20 -7.42
CA THR E 21 4.86 4.07 -6.92
C THR E 21 4.20 5.44 -6.72
N PRO E 22 3.48 5.65 -5.58
CA PRO E 22 2.55 6.78 -5.51
C PRO E 22 3.12 8.18 -5.63
N ASP E 23 4.40 8.38 -5.38
CA ASP E 23 4.99 9.72 -5.62
C ASP E 23 4.90 10.11 -7.11
N TYR E 24 4.91 9.11 -7.97
CA TYR E 24 4.58 9.29 -9.39
C TYR E 24 3.04 9.14 -9.48
N LYS E 25 2.33 10.26 -9.40
CA LYS E 25 0.91 10.26 -9.10
C LYS E 25 0.06 9.47 -10.08
N THR E 26 0.37 9.56 -11.37
CA THR E 26 -0.41 8.82 -12.36
C THR E 26 -0.30 7.30 -12.19
N SER E 27 0.74 6.79 -11.51
CA SER E 27 0.82 5.36 -11.34
C SER E 27 -0.23 4.80 -10.36
N ILE E 28 -0.84 5.63 -9.52
CA ILE E 28 -1.73 5.14 -8.50
C ILE E 28 -2.94 4.46 -9.15
N ALA E 29 -3.55 5.15 -10.12
CA ALA E 29 -4.76 4.61 -10.77
C ALA E 29 -4.47 3.72 -11.99
N ARG E 30 -3.19 3.59 -12.38
CA ARG E 30 -2.81 2.82 -13.58
C ARG E 30 -1.92 1.64 -13.25
N SER E 31 -2.00 1.21 -12.01
CA SER E 31 -1.31 0.01 -11.53
C SER E 31 -2.30 -1.09 -11.14
N PRO E 32 -2.02 -2.35 -11.50
CA PRO E 32 -2.94 -3.39 -11.11
C PRO E 32 -2.99 -3.55 -9.58
N ARG E 33 -4.08 -4.05 -9.07
CA ARG E 33 -4.12 -4.42 -7.66
C ARG E 33 -4.06 -5.92 -7.44
N GLN E 34 -4.25 -6.69 -8.49
CA GLN E 34 -4.08 -8.12 -8.39
C GLN E 34 -2.69 -8.51 -8.80
N ALA E 35 -2.22 -9.63 -8.27
CA ALA E 35 -0.93 -10.15 -8.64
C ALA E 35 -0.88 -10.53 -10.10
N LEU E 36 0.27 -10.34 -10.71
CA LEU E 36 0.53 -10.92 -12.03
C LEU E 36 0.43 -12.45 -11.96
N VAL E 37 -0.10 -13.06 -13.02
CA VAL E 37 -0.18 -14.51 -13.12
C VAL E 37 1.04 -15.05 -13.86
N SER E 38 1.86 -15.87 -13.21
CA SER E 38 3.06 -16.37 -13.89
C SER E 38 2.68 -17.51 -14.83
N ILE E 39 3.26 -17.51 -16.01
CA ILE E 39 3.05 -18.58 -16.97
C ILE E 39 4.39 -19.02 -17.53
N PRO E 40 4.48 -20.29 -17.95
CA PRO E 40 5.72 -20.79 -18.54
C PRO E 40 5.91 -20.22 -19.92
N GLN E 41 7.14 -20.17 -20.37
CA GLN E 41 7.41 -19.67 -21.72
C GLN E 41 7.00 -20.68 -22.78
N SER E 42 6.31 -20.19 -23.81
CA SER E 42 5.94 -20.96 -24.97
C SER E 42 6.42 -20.18 -26.20
N ILE E 43 6.23 -20.74 -27.37
CA ILE E 43 6.56 -20.03 -28.60
C ILE E 43 5.92 -18.64 -28.68
N SER E 44 4.75 -18.44 -28.06
CA SER E 44 4.10 -17.12 -28.06
C SER E 44 4.98 -16.04 -27.39
N GLU E 45 5.75 -16.42 -26.39
CA GLU E 45 6.56 -15.49 -25.59
C GLU E 45 8.04 -15.48 -26.01
N THR E 46 8.54 -16.56 -26.60
CA THR E 46 9.97 -16.68 -26.88
C THR E 46 10.35 -16.29 -28.30
N THR E 47 9.37 -15.83 -29.06
CA THR E 47 9.53 -15.32 -30.43
C THR E 47 9.06 -13.85 -30.42
N GLY E 48 9.42 -13.14 -31.48
CA GLY E 48 9.05 -11.76 -31.66
C GLY E 48 9.52 -11.26 -33.02
N PRO E 49 9.15 -10.02 -33.37
CA PRO E 49 9.46 -9.45 -34.67
C PRO E 49 10.96 -9.22 -34.81
N ASN E 50 11.49 -9.49 -35.99
CA ASN E 50 12.81 -9.02 -36.39
C ASN E 50 12.60 -7.97 -37.45
N PHE E 51 13.34 -6.86 -37.36
CA PHE E 51 13.11 -5.71 -38.19
C PHE E 51 14.18 -5.51 -39.26
N SER E 52 14.95 -6.55 -39.55
CA SER E 52 16.00 -6.49 -40.57
C SER E 52 15.47 -5.95 -41.91
N HIS E 53 14.21 -6.25 -42.23
CA HIS E 53 13.66 -5.90 -43.54
C HIS E 53 12.77 -4.65 -43.50
N LEU E 54 12.77 -3.93 -42.37
CA LEU E 54 12.09 -2.66 -42.33
C LEU E 54 12.89 -1.66 -43.16
N GLY E 55 12.23 -0.78 -43.90
CA GLY E 55 12.96 0.16 -44.74
C GLY E 55 13.32 1.41 -43.93
N PHE E 56 14.59 1.60 -43.68
CA PHE E 56 15.01 2.79 -42.93
C PHE E 56 15.41 3.92 -43.87
N GLY E 57 14.92 5.12 -43.60
CA GLY E 57 15.40 6.31 -44.26
C GLY E 57 16.85 6.60 -43.94
N ALA E 58 17.49 7.33 -44.83
CA ALA E 58 18.89 7.67 -44.71
C ALA E 58 19.24 8.40 -43.41
N HIS E 59 18.32 9.21 -42.91
CA HIS E 59 18.58 10.03 -41.75
C HIS E 59 17.77 9.57 -40.55
N ASP E 60 17.24 8.35 -40.58
CA ASP E 60 16.34 7.93 -39.50
C ASP E 60 17.01 7.96 -38.11
N HIS E 61 18.32 7.77 -38.10
CA HIS E 61 19.12 7.73 -36.87
C HIS E 61 19.75 9.08 -36.54
N ASP E 62 19.47 10.09 -37.35
CA ASP E 62 20.14 11.39 -37.25
C ASP E 62 19.12 12.53 -37.07
N LEU E 63 18.89 12.89 -35.81
CA LEU E 63 17.89 13.89 -35.46
C LEU E 63 18.33 15.33 -35.81
N LEU E 64 19.59 15.50 -36.20
CA LEU E 64 20.09 16.77 -36.71
C LEU E 64 19.65 17.03 -38.15
N LEU E 65 19.25 15.98 -38.87
CA LEU E 65 18.95 16.11 -40.29
C LEU E 65 17.59 15.56 -40.67
N ASN E 66 16.95 14.82 -39.77
CA ASN E 66 15.70 14.12 -40.15
C ASN E 66 14.41 14.91 -40.03
N PHE E 67 14.51 16.14 -39.55
CA PHE E 67 13.41 17.11 -39.52
C PHE E 67 13.91 18.46 -40.05
N ASN E 68 14.47 18.42 -41.25
CA ASN E 68 15.16 19.56 -41.85
C ASN E 68 14.15 20.48 -42.53
N ASN E 69 13.90 21.62 -41.90
CA ASN E 69 13.11 22.70 -42.47
C ASN E 69 13.90 23.98 -42.75
N GLY E 70 15.12 23.86 -43.25
CA GLY E 70 15.96 25.02 -43.60
C GLY E 70 17.23 25.24 -42.81
N GLY E 71 17.38 24.58 -41.67
CA GLY E 71 18.60 24.75 -40.90
C GLY E 71 18.81 23.63 -39.91
N LEU E 72 19.80 23.84 -39.06
CA LEU E 72 20.17 22.87 -38.03
C LEU E 72 19.39 23.19 -36.77
N PRO E 73 19.01 22.17 -35.99
CA PRO E 73 18.46 22.43 -34.67
C PRO E 73 19.44 23.19 -33.75
N ILE E 74 18.88 23.95 -32.83
CA ILE E 74 19.66 24.68 -31.84
C ILE E 74 19.82 23.74 -30.65
N GLY E 75 21.01 23.60 -30.12
CA GLY E 75 21.21 22.72 -28.98
C GLY E 75 22.55 22.06 -28.94
N GLU E 76 22.79 21.33 -27.86
CA GLU E 76 24.10 20.69 -27.66
C GLU E 76 24.17 19.46 -28.57
N ARG E 77 25.02 19.50 -29.59
CA ARG E 77 25.15 18.40 -30.55
C ARG E 77 25.81 17.21 -29.86
N ILE E 78 25.16 16.05 -29.94
CA ILE E 78 25.69 14.84 -29.31
C ILE E 78 25.41 13.59 -30.11
N ILE E 79 26.37 12.68 -30.04
CA ILE E 79 26.16 11.29 -30.44
C ILE E 79 25.73 10.53 -29.20
N VAL E 80 24.72 9.68 -29.33
CA VAL E 80 24.32 8.76 -28.31
C VAL E 80 24.53 7.38 -28.88
N ALA E 81 25.42 6.59 -28.29
CA ALA E 81 25.80 5.31 -28.87
C ALA E 81 26.00 4.28 -27.81
N GLY E 82 25.94 3.02 -28.18
CA GLY E 82 26.26 2.00 -27.21
C GLY E 82 26.03 0.65 -27.78
N ARG E 83 26.01 -0.32 -26.89
CA ARG E 83 25.84 -1.71 -27.27
C ARG E 83 24.63 -2.32 -26.56
N VAL E 84 23.94 -3.18 -27.28
CA VAL E 84 22.83 -3.97 -26.71
C VAL E 84 23.37 -5.38 -26.57
N VAL E 85 23.39 -5.85 -25.33
CA VAL E 85 23.81 -7.20 -24.97
C VAL E 85 22.73 -7.84 -24.12
N ASP E 86 22.76 -9.15 -23.98
CA ASP E 86 21.91 -9.80 -23.00
C ASP E 86 22.64 -10.04 -21.69
N GLN E 87 21.96 -10.66 -20.73
CA GLN E 87 22.50 -10.72 -19.38
C GLN E 87 23.70 -11.64 -19.30
N TYR E 88 23.87 -12.51 -20.31
CA TYR E 88 25.06 -13.35 -20.40
C TYR E 88 26.22 -12.62 -21.05
N GLY E 89 26.01 -11.37 -21.46
CA GLY E 89 27.02 -10.57 -22.15
C GLY E 89 27.02 -10.75 -23.67
N LYS E 90 26.06 -11.47 -24.23
CA LYS E 90 26.08 -11.72 -25.66
C LYS E 90 25.48 -10.58 -26.41
N PRO E 91 26.16 -10.10 -27.47
CA PRO E 91 25.60 -9.02 -28.27
C PRO E 91 24.25 -9.36 -28.86
N VAL E 92 23.40 -8.36 -29.02
CA VAL E 92 22.09 -8.55 -29.62
C VAL E 92 22.11 -7.83 -30.94
N PRO E 93 22.44 -8.54 -32.04
CA PRO E 93 22.53 -7.87 -33.33
C PRO E 93 21.20 -7.70 -34.08
N ASN E 94 21.20 -6.78 -35.03
CA ASN E 94 20.07 -6.53 -35.88
C ASN E 94 18.75 -6.34 -35.13
N THR E 95 18.80 -5.59 -34.02
CA THR E 95 17.64 -5.32 -33.19
C THR E 95 17.22 -3.85 -33.27
N LEU E 96 15.92 -3.61 -33.15
CA LEU E 96 15.38 -2.28 -33.35
C LEU E 96 15.52 -1.47 -32.08
N VAL E 97 16.14 -0.32 -32.23
CA VAL E 97 16.28 0.65 -31.17
C VAL E 97 15.59 1.92 -31.63
N GLU E 98 14.60 2.35 -30.85
CA GLU E 98 13.86 3.57 -31.16
C GLU E 98 14.07 4.56 -30.05
N MET E 99 14.04 5.84 -30.38
CA MET E 99 14.15 6.85 -29.35
C MET E 99 13.32 8.07 -29.65
N TRP E 100 12.89 8.76 -28.59
CA TRP E 100 12.16 9.99 -28.74
C TRP E 100 12.44 10.93 -27.55
N GLN E 101 12.39 12.23 -27.82
CA GLN E 101 12.84 13.21 -26.84
C GLN E 101 12.28 14.58 -27.13
N ALA E 102 12.40 15.46 -26.14
CA ALA E 102 12.13 16.87 -26.30
C ALA E 102 13.32 17.57 -26.97
N ASN E 103 13.10 18.83 -27.33
CA ASN E 103 14.16 19.65 -27.88
C ASN E 103 15.06 20.24 -26.78
N ALA E 104 15.97 21.13 -27.16
CA ALA E 104 16.96 21.69 -26.23
C ALA E 104 16.35 22.44 -25.06
N GLY E 105 15.14 22.94 -25.22
CA GLY E 105 14.45 23.68 -24.15
C GLY E 105 13.44 22.86 -23.39
N GLY E 106 13.38 21.56 -23.68
CA GLY E 106 12.43 20.71 -22.99
C GLY E 106 11.03 20.74 -23.54
N ARG E 107 10.89 21.22 -24.76
CA ARG E 107 9.59 21.16 -25.45
C ARG E 107 9.50 19.92 -26.36
N TYR E 108 8.42 19.17 -26.19
CA TYR E 108 8.11 18.07 -27.08
C TYR E 108 7.28 18.52 -28.28
N ARG E 109 7.58 17.96 -29.44
CA ARG E 109 6.77 18.18 -30.64
C ARG E 109 5.59 17.19 -30.60
N HIS E 110 4.59 17.52 -29.80
CA HIS E 110 3.45 16.63 -29.57
C HIS E 110 2.30 17.57 -29.22
N LYS E 111 1.14 17.31 -29.82
CA LYS E 111 -0.04 18.18 -29.61
C LYS E 111 -0.45 18.36 -28.16
N ASN E 112 -0.17 17.38 -27.30
CA ASN E 112 -0.57 17.45 -25.91
C ASN E 112 0.44 18.11 -24.97
N ASP E 113 1.57 18.58 -25.48
CA ASP E 113 2.54 19.25 -24.60
C ASP E 113 2.17 20.72 -24.44
N ARG E 114 1.76 21.05 -23.20
CA ARG E 114 1.33 22.39 -22.82
C ARG E 114 2.47 23.30 -22.37
N TYR E 115 3.70 22.80 -22.29
CA TYR E 115 4.85 23.65 -21.92
C TYR E 115 5.07 24.77 -22.91
N LEU E 116 5.34 25.97 -22.34
CA LEU E 116 5.49 27.28 -23.03
C LEU E 116 6.74 27.40 -23.90
N ALA E 117 7.77 26.64 -23.56
CA ALA E 117 9.07 26.73 -24.20
C ALA E 117 8.88 26.46 -25.71
N PRO E 118 9.61 27.19 -26.60
CA PRO E 118 9.24 27.11 -28.02
C PRO E 118 9.66 25.82 -28.71
N LEU E 119 8.92 25.46 -29.74
CA LEU E 119 9.37 24.42 -30.66
C LEU E 119 10.59 24.93 -31.43
N ASP E 120 11.40 23.99 -31.89
CA ASP E 120 12.52 24.25 -32.77
C ASP E 120 12.08 23.80 -34.17
N PRO E 121 11.97 24.73 -35.14
CA PRO E 121 11.47 24.37 -36.47
C PRO E 121 12.31 23.30 -37.20
N ASN E 122 13.56 23.09 -36.77
CA ASN E 122 14.39 22.05 -37.33
C ASN E 122 14.62 20.81 -36.47
N PHE E 123 13.77 20.60 -35.48
CA PHE E 123 13.90 19.42 -34.62
C PHE E 123 12.57 18.74 -34.43
N GLY E 124 12.55 17.45 -34.74
CA GLY E 124 11.35 16.62 -34.59
C GLY E 124 11.39 15.85 -33.28
N GLY E 125 12.45 15.12 -33.03
CA GLY E 125 12.63 14.41 -31.78
C GLY E 125 12.45 12.90 -31.81
N VAL E 126 12.41 12.28 -32.99
CA VAL E 126 12.40 10.81 -33.09
C VAL E 126 13.50 10.22 -33.94
N GLY E 127 14.00 9.07 -33.50
CA GLY E 127 15.00 8.36 -34.24
C GLY E 127 14.82 6.87 -34.12
N ARG E 128 15.38 6.15 -35.08
CA ARG E 128 15.42 4.71 -35.01
C ARG E 128 16.60 4.18 -35.78
N CYS E 129 17.07 3.02 -35.35
CA CYS E 129 18.11 2.30 -36.07
C CYS E 129 18.09 0.83 -35.69
N LEU E 130 18.92 0.05 -36.36
N LEU E 130 18.83 0.00 -36.43
CA LEU E 130 19.09 -1.36 -36.05
CA LEU E 130 19.12 -1.37 -36.00
C LEU E 130 20.50 -1.53 -35.51
C LEU E 130 20.47 -1.36 -35.37
N THR E 131 20.68 -2.27 -34.41
CA THR E 131 22.03 -2.59 -33.97
C THR E 131 22.73 -3.32 -35.11
N ASP E 132 24.05 -3.15 -35.17
CA ASP E 132 24.87 -3.79 -36.18
C ASP E 132 25.15 -5.24 -35.81
N SER E 133 25.96 -5.93 -36.63
CA SER E 133 26.21 -7.34 -36.37
C SER E 133 26.92 -7.62 -35.05
N ASP E 134 27.50 -6.60 -34.41
CA ASP E 134 28.19 -6.73 -33.13
C ASP E 134 27.40 -6.11 -31.95
N GLY E 135 26.14 -5.71 -32.19
CA GLY E 135 25.27 -5.19 -31.15
C GLY E 135 25.30 -3.71 -30.93
N TYR E 136 26.07 -2.97 -31.74
CA TYR E 136 26.22 -1.51 -31.51
C TYR E 136 25.17 -0.70 -32.27
N TYR E 137 24.73 0.37 -31.65
CA TYR E 137 23.81 1.31 -32.29
C TYR E 137 24.44 2.71 -32.14
N SER E 138 23.94 3.63 -32.94
CA SER E 138 24.22 5.04 -32.69
C SER E 138 23.24 6.02 -33.33
N PHE E 139 23.06 7.13 -32.64
CA PHE E 139 22.16 8.19 -33.05
C PHE E 139 22.95 9.50 -32.94
N ARG E 140 22.54 10.51 -33.69
CA ARG E 140 23.04 11.86 -33.51
C ARG E 140 21.83 12.73 -33.21
N THR E 141 21.97 13.60 -32.21
CA THR E 141 20.84 14.39 -31.76
C THR E 141 21.33 15.65 -31.02
N ILE E 142 20.40 16.38 -30.42
CA ILE E 142 20.78 17.44 -29.50
C ILE E 142 20.35 16.99 -28.11
N LYS E 143 21.02 17.47 -27.09
CA LYS E 143 20.71 17.05 -25.73
C LYS E 143 19.40 17.70 -25.33
N PRO E 144 18.39 16.88 -24.91
CA PRO E 144 17.11 17.43 -24.51
C PRO E 144 17.23 18.24 -23.21
N GLY E 145 16.41 19.27 -23.08
CA GLY E 145 16.31 20.00 -21.84
C GLY E 145 15.37 19.35 -20.84
N PRO E 146 15.58 19.66 -19.55
CA PRO E 146 14.60 19.22 -18.56
C PRO E 146 13.25 19.84 -18.79
N TYR E 147 12.21 19.32 -18.22
N TYR E 147 12.25 19.22 -18.15
CA TYR E 147 10.98 20.06 -18.39
CA TYR E 147 10.80 19.37 -18.43
C TYR E 147 10.02 19.71 -17.31
C TYR E 147 9.97 19.55 -17.13
N PRO E 148 9.23 20.70 -16.97
CA PRO E 148 8.39 20.76 -15.80
C PRO E 148 7.11 20.00 -16.09
N TRP E 149 6.53 19.38 -15.07
CA TRP E 149 5.35 18.60 -15.28
C TRP E 149 4.45 18.62 -14.07
N ARG E 150 3.18 18.38 -14.33
CA ARG E 150 2.19 18.45 -13.25
C ARG E 150 2.11 17.19 -12.42
N ASN E 151 3.10 17.00 -11.58
CA ASN E 151 3.06 15.92 -10.61
C ASN E 151 2.92 16.63 -9.25
N GLY E 152 4.01 16.81 -8.53
CA GLY E 152 4.04 17.77 -7.45
C GLY E 152 4.01 19.21 -7.96
N PRO E 153 3.93 20.20 -7.06
CA PRO E 153 3.87 21.58 -7.51
C PRO E 153 5.17 22.18 -8.13
N ASN E 154 6.31 21.52 -7.99
CA ASN E 154 7.54 22.00 -8.62
C ASN E 154 8.43 20.85 -9.03
N ASP E 155 7.88 19.98 -9.87
CA ASP E 155 8.58 18.78 -10.34
C ASP E 155 9.08 19.00 -11.76
N TRP E 156 10.29 18.52 -12.00
CA TRP E 156 10.98 18.68 -13.27
C TRP E 156 11.60 17.37 -13.67
N ARG E 157 11.34 16.89 -14.88
CA ARG E 157 12.07 15.71 -15.35
C ARG E 157 13.53 16.11 -15.61
N PRO E 158 14.50 15.26 -15.23
CA PRO E 158 15.85 15.48 -15.72
C PRO E 158 15.87 15.38 -17.23
N ALA E 159 16.90 15.92 -17.87
CA ALA E 159 17.10 15.72 -19.29
C ALA E 159 17.05 14.23 -19.56
N HIS E 160 16.29 13.82 -20.55
CA HIS E 160 16.20 12.36 -20.82
C HIS E 160 15.79 12.06 -22.24
N ILE E 161 16.13 10.86 -22.70
CA ILE E 161 15.72 10.36 -24.01
C ILE E 161 15.01 9.03 -23.74
N HIS E 162 13.81 8.91 -24.25
CA HIS E 162 13.02 7.65 -24.20
C HIS E 162 13.61 6.65 -25.20
N PHE E 163 13.76 5.39 -24.76
CA PHE E 163 14.31 4.33 -25.61
C PHE E 163 13.31 3.19 -25.64
N GLY E 164 13.12 2.60 -26.82
CA GLY E 164 12.47 1.28 -26.93
C GLY E 164 13.41 0.34 -27.65
N ILE E 165 13.54 -0.89 -27.16
CA ILE E 165 14.42 -1.90 -27.72
C ILE E 165 13.63 -3.19 -27.87
N SER E 166 13.60 -3.74 -29.09
CA SER E 166 12.81 -4.98 -29.36
C SER E 166 13.46 -6.23 -28.78
N GLY E 167 14.73 -6.50 -29.16
CA GLY E 167 15.40 -7.70 -28.77
C GLY E 167 14.83 -8.90 -29.50
N PRO E 168 15.27 -10.08 -29.13
CA PRO E 168 14.89 -11.27 -29.87
C PRO E 168 13.48 -11.79 -29.72
N SER E 169 12.74 -11.31 -28.73
CA SER E 169 11.39 -11.83 -28.49
C SER E 169 10.52 -10.80 -27.84
N ILE E 170 9.21 -11.05 -27.80
CA ILE E 170 8.33 -10.15 -27.05
C ILE E 170 8.64 -10.17 -25.55
N ALA E 171 9.27 -11.25 -25.08
CA ALA E 171 9.73 -11.36 -23.69
C ALA E 171 10.85 -10.36 -23.37
N THR E 172 11.63 -10.00 -24.37
CA THR E 172 12.76 -9.09 -24.16
C THR E 172 12.45 -7.62 -24.39
N LYS E 173 11.34 -7.31 -25.03
CA LYS E 173 11.02 -5.95 -25.37
C LYS E 173 11.02 -5.05 -24.14
N LEU E 174 11.63 -3.87 -24.29
CA LEU E 174 11.80 -2.97 -23.14
C LEU E 174 11.60 -1.55 -23.59
N ILE E 175 10.88 -0.79 -22.80
CA ILE E 175 10.93 0.68 -22.90
C ILE E 175 11.56 1.21 -21.64
N THR E 176 12.47 2.18 -21.81
CA THR E 176 13.21 2.73 -20.70
C THR E 176 13.53 4.20 -21.00
N GLN E 177 14.34 4.82 -20.15
CA GLN E 177 14.71 6.23 -20.33
C GLN E 177 16.20 6.35 -20.02
N LEU E 178 16.89 7.09 -20.86
CA LEU E 178 18.31 7.38 -20.68
C LEU E 178 18.38 8.74 -19.96
N TYR E 179 19.25 8.83 -18.95
CA TYR E 179 19.54 10.11 -18.27
C TYR E 179 21.00 10.44 -18.49
N PHE E 180 21.42 11.64 -18.07
CA PHE E 180 22.76 12.10 -18.36
C PHE E 180 23.64 12.28 -17.14
N GLU E 181 24.85 11.75 -17.25
CA GLU E 181 25.86 11.82 -16.20
C GLU E 181 25.89 13.18 -15.48
N GLY E 182 25.72 13.12 -14.17
CA GLY E 182 25.88 14.25 -13.28
C GLY E 182 24.68 15.15 -13.12
N ASP E 183 23.60 14.88 -13.86
CA ASP E 183 22.41 15.75 -13.79
C ASP E 183 21.82 15.78 -12.39
N PRO E 184 21.78 16.98 -11.76
CA PRO E 184 21.36 17.03 -10.37
C PRO E 184 19.85 16.80 -10.18
N LEU E 185 19.08 16.85 -11.26
CA LEU E 185 17.66 16.53 -11.19
C LEU E 185 17.37 15.05 -11.01
N ILE E 186 18.32 14.19 -11.33
CA ILE E 186 18.05 12.73 -11.34
C ILE E 186 17.55 12.21 -9.97
N PRO E 187 18.27 12.53 -8.87
CA PRO E 187 17.78 11.97 -7.59
C PRO E 187 16.51 12.58 -7.03
N MET E 188 15.97 13.61 -7.68
CA MET E 188 14.77 14.30 -7.23
C MET E 188 13.53 13.86 -7.99
N CYS E 189 13.70 13.03 -9.02
CA CYS E 189 12.60 12.74 -9.93
C CYS E 189 11.79 11.51 -9.49
N PRO E 190 10.48 11.67 -9.27
CA PRO E 190 9.65 10.55 -8.86
C PRO E 190 9.53 9.41 -9.88
N ILE E 191 9.75 9.71 -11.15
CA ILE E 191 9.80 8.69 -12.19
C ILE E 191 11.11 7.90 -12.12
N VAL E 192 12.25 8.57 -12.02
CA VAL E 192 13.48 7.85 -11.71
C VAL E 192 13.32 6.97 -10.47
N LYS E 193 12.80 7.57 -9.41
CA LYS E 193 12.67 6.91 -8.12
C LYS E 193 11.52 5.88 -8.04
N SER E 194 10.79 5.70 -9.13
CA SER E 194 9.98 4.51 -9.29
C SER E 194 10.82 3.24 -9.16
N ILE E 195 12.10 3.34 -9.55
CA ILE E 195 13.08 2.31 -9.33
C ILE E 195 13.60 2.40 -7.89
N ALA E 196 13.38 1.35 -7.11
CA ALA E 196 13.63 1.38 -5.68
C ALA E 196 15.12 1.28 -5.35
N ASN E 197 15.88 0.57 -6.19
CA ASN E 197 17.31 0.32 -5.98
C ASN E 197 18.14 1.36 -6.72
N PRO E 198 18.83 2.27 -5.98
CA PRO E 198 19.66 3.22 -6.71
C PRO E 198 20.74 2.64 -7.65
N GLU E 199 21.24 1.44 -7.38
CA GLU E 199 22.15 0.76 -8.32
C GLU E 199 21.50 0.47 -9.67
N ALA E 200 20.19 0.20 -9.66
CA ALA E 200 19.44 0.01 -10.91
C ALA E 200 19.34 1.34 -11.65
N VAL E 201 19.07 2.42 -10.93
CA VAL E 201 19.05 3.74 -11.56
C VAL E 201 20.37 4.08 -12.24
N GLN E 202 21.49 3.67 -11.64
CA GLN E 202 22.80 3.90 -12.23
C GLN E 202 22.92 3.36 -13.67
N GLN E 203 22.22 2.26 -13.95
CA GLN E 203 22.24 1.64 -15.23
C GLN E 203 21.56 2.47 -16.34
N LEU E 204 20.78 3.47 -15.95
CA LEU E 204 20.10 4.32 -16.88
C LEU E 204 20.85 5.62 -17.14
N ILE E 205 22.02 5.76 -16.54
CA ILE E 205 22.72 7.04 -16.66
C ILE E 205 23.82 6.93 -17.71
N ALA E 206 23.67 7.67 -18.78
CA ALA E 206 24.63 7.61 -19.86
C ALA E 206 25.88 8.37 -19.43
N LYS E 207 27.04 7.84 -19.77
CA LYS E 207 28.29 8.49 -19.45
C LYS E 207 28.88 9.30 -20.60
N LEU E 208 29.44 10.45 -20.25
CA LEU E 208 30.15 11.24 -21.26
C LEU E 208 31.26 10.40 -21.84
N ASP E 209 31.39 10.41 -23.16
CA ASP E 209 32.29 9.51 -23.91
C ASP E 209 33.15 10.32 -24.86
N MET E 210 34.22 10.89 -24.34
CA MET E 210 35.03 11.82 -25.15
C MET E 210 35.72 11.15 -26.29
N ASN E 211 36.00 9.84 -26.14
CA ASN E 211 36.66 9.04 -27.13
C ASN E 211 35.84 8.91 -28.41
N ASN E 212 34.52 9.10 -28.28
CA ASN E 212 33.59 8.98 -29.39
C ASN E 212 33.11 10.32 -29.94
N ALA E 213 33.61 11.42 -29.39
CA ALA E 213 33.22 12.73 -29.82
C ALA E 213 33.87 13.05 -31.17
N ASN E 214 33.22 13.91 -31.94
CA ASN E 214 33.84 14.52 -33.10
C ASN E 214 34.34 15.90 -32.73
N PRO E 215 35.67 16.10 -32.70
CA PRO E 215 36.23 17.41 -32.35
C PRO E 215 35.67 18.54 -33.18
N MET E 216 35.46 19.69 -32.57
CA MET E 216 34.93 20.87 -33.21
C MET E 216 33.54 20.64 -33.78
N ASP E 217 32.78 19.68 -33.22
CA ASP E 217 31.56 19.28 -33.88
C ASP E 217 30.50 18.79 -32.87
N CYS E 218 30.74 17.63 -32.27
CA CYS E 218 29.75 17.09 -31.32
C CYS E 218 30.40 16.25 -30.23
N LEU E 219 29.79 16.29 -29.04
CA LEU E 219 30.18 15.45 -27.92
C LEU E 219 29.53 14.08 -28.12
N ALA E 220 29.77 13.14 -27.21
CA ALA E 220 29.18 11.82 -27.31
C ALA E 220 28.92 11.28 -25.90
N TYR E 221 27.89 10.45 -25.81
CA TYR E 221 27.44 9.81 -24.58
C TYR E 221 27.30 8.33 -24.92
N ARG E 222 27.63 7.47 -23.96
CA ARG E 222 27.55 6.04 -24.13
C ARG E 222 26.43 5.50 -23.25
N PHE E 223 25.54 4.72 -23.86
CA PHE E 223 24.42 4.11 -23.15
C PHE E 223 24.32 2.65 -23.61
N ASP E 224 24.74 1.72 -22.77
CA ASP E 224 24.67 0.31 -23.08
C ASP E 224 23.38 -0.21 -22.46
N ILE E 225 22.79 -1.19 -23.13
CA ILE E 225 21.49 -1.73 -22.74
C ILE E 225 21.63 -3.22 -22.59
N VAL E 226 21.09 -3.75 -21.49
CA VAL E 226 21.13 -5.17 -21.19
C VAL E 226 19.71 -5.71 -21.23
N LEU E 227 19.46 -6.63 -22.14
CA LEU E 227 18.18 -7.35 -22.22
C LEU E 227 18.26 -8.68 -21.51
N ARG E 228 17.10 -9.30 -21.31
CA ARG E 228 17.08 -10.60 -20.63
C ARG E 228 18.00 -11.63 -21.27
N GLY E 229 18.73 -12.33 -20.44
CA GLY E 229 19.52 -13.44 -20.88
C GLY E 229 18.77 -14.50 -21.65
N GLN E 230 19.36 -14.88 -22.79
CA GLN E 230 18.78 -15.94 -23.63
C GLN E 230 19.63 -17.22 -23.57
N ARG E 231 18.97 -18.34 -23.30
CA ARG E 231 19.68 -19.62 -23.27
C ARG E 231 18.88 -20.66 -24.03
N LYS E 232 19.54 -21.71 -24.47
CA LYS E 232 18.85 -22.86 -25.07
C LYS E 232 18.03 -23.59 -24.00
N THR E 233 16.97 -24.29 -24.45
CA THR E 233 16.23 -25.17 -23.58
C THR E 233 17.13 -26.33 -23.18
N HIS E 234 16.89 -26.93 -22.02
CA HIS E 234 17.62 -28.13 -21.62
C HIS E 234 16.73 -28.98 -20.75
N PHE E 235 16.86 -30.29 -20.94
CA PHE E 235 16.12 -31.27 -20.18
C PHE E 235 14.61 -31.01 -20.10
N GLU E 236 14.01 -30.48 -21.16
CA GLU E 236 12.57 -30.28 -21.15
C GLU E 236 11.76 -31.44 -21.80
N ASN E 237 10.62 -31.76 -21.21
CA ASN E 237 9.72 -32.84 -21.67
C ASN E 237 10.30 -34.26 -21.52
N CYS E 238 11.46 -34.50 -22.13
CA CYS E 238 12.25 -35.72 -21.91
C CYS E 238 11.45 -37.02 -21.94
N PRO F 1 -10.86 -26.11 36.09
CA PRO F 1 -10.83 -25.35 34.84
C PRO F 1 -9.69 -24.32 34.81
N ALA F 2 -9.49 -23.66 33.68
CA ALA F 2 -8.43 -22.66 33.55
C ALA F 2 -8.79 -21.35 34.28
N GLN F 3 -7.76 -20.59 34.67
CA GLN F 3 -7.92 -19.30 35.33
C GLN F 3 -7.13 -18.21 34.63
N ASP F 4 -7.60 -16.99 34.82
CA ASP F 4 -6.92 -15.79 34.33
C ASP F 4 -5.91 -15.27 35.37
N ASN F 5 -4.72 -15.84 35.35
CA ASN F 5 -3.71 -15.39 36.27
C ASN F 5 -2.40 -15.01 35.59
N SER F 6 -2.42 -14.85 34.28
CA SER F 6 -1.23 -14.36 33.62
C SER F 6 -1.55 -13.44 32.47
N ARG F 7 -0.52 -12.73 32.04
CA ARG F 7 -0.57 -11.81 30.94
C ARG F 7 0.58 -12.16 30.02
N PHE F 8 0.40 -11.92 28.74
CA PHE F 8 1.37 -12.27 27.72
C PHE F 8 1.84 -11.02 27.04
N VAL F 9 3.16 -10.88 26.91
CA VAL F 9 3.77 -9.68 26.33
C VAL F 9 3.20 -9.41 24.95
N ILE F 10 2.87 -8.17 24.70
CA ILE F 10 2.22 -7.81 23.39
C ILE F 10 3.14 -8.12 22.20
N ARG F 11 2.55 -8.64 21.12
CA ARG F 11 3.33 -9.00 19.94
C ARG F 11 3.85 -7.80 19.23
N ASP F 12 5.06 -7.95 18.70
CA ASP F 12 5.63 -6.93 17.84
C ASP F 12 5.28 -7.29 16.42
N ARG F 13 4.27 -6.62 15.88
CA ARG F 13 3.78 -6.95 14.54
C ARG F 13 4.57 -6.32 13.39
N ASN F 14 5.69 -5.70 13.73
CA ASN F 14 6.72 -5.42 12.71
C ASN F 14 7.90 -6.37 12.76
N TRP F 15 7.91 -7.27 13.74
CA TRP F 15 8.88 -8.34 13.84
C TRP F 15 8.36 -9.56 13.09
N HIS F 16 7.15 -9.97 13.46
CA HIS F 16 6.36 -10.84 12.62
C HIS F 16 6.15 -10.23 11.22
N PRO F 17 5.86 -11.09 10.26
CA PRO F 17 5.51 -10.58 8.94
C PRO F 17 4.18 -9.82 9.04
N LYS F 18 4.06 -8.74 8.28
CA LYS F 18 2.75 -8.10 8.10
C LYS F 18 1.82 -8.93 7.25
N ALA F 19 0.54 -8.56 7.24
CA ALA F 19 -0.43 -9.30 6.45
C ALA F 19 -0.20 -9.07 4.95
N LEU F 20 -0.02 -7.82 4.54
CA LEU F 20 0.09 -7.49 3.13
C LEU F 20 1.55 -7.43 2.71
N THR F 21 2.00 -8.47 2.01
CA THR F 21 3.39 -8.63 1.55
C THR F 21 3.32 -9.03 0.07
N PRO F 22 3.13 -8.02 -0.82
CA PRO F 22 2.67 -8.35 -2.20
C PRO F 22 3.53 -9.28 -3.06
N ASP F 23 4.83 -9.36 -2.79
CA ASP F 23 5.69 -10.34 -3.50
C ASP F 23 5.28 -11.79 -3.26
N TYR F 24 4.67 -12.03 -2.11
CA TYR F 24 4.01 -13.28 -1.81
C TYR F 24 2.57 -13.09 -2.30
N LYS F 25 2.30 -13.52 -3.51
CA LYS F 25 1.14 -13.05 -4.23
C LYS F 25 -0.20 -13.35 -3.56
N THR F 26 -0.33 -14.53 -2.97
CA THR F 26 -1.59 -14.95 -2.33
C THR F 26 -1.93 -14.08 -1.12
N SER F 27 -0.97 -13.34 -0.60
CA SER F 27 -1.24 -12.46 0.52
C SER F 27 -2.06 -11.22 0.12
N ILE F 28 -2.06 -10.85 -1.16
CA ILE F 28 -2.70 -9.63 -1.56
C ILE F 28 -4.19 -9.71 -1.25
N ALA F 29 -4.84 -10.80 -1.64
CA ALA F 29 -6.30 -10.90 -1.47
C ALA F 29 -6.71 -11.49 -0.11
N ARG F 30 -5.75 -11.98 0.67
CA ARG F 30 -6.00 -12.68 1.94
C ARG F 30 -5.45 -11.92 3.14
N SER F 31 -5.30 -10.63 2.96
CA SER F 31 -4.90 -9.74 4.04
C SER F 31 -6.02 -8.74 4.33
N PRO F 32 -6.27 -8.46 5.60
CA PRO F 32 -7.30 -7.46 5.86
C PRO F 32 -6.86 -6.06 5.40
N ARG F 33 -7.80 -5.19 5.10
CA ARG F 33 -7.49 -3.79 4.85
C ARG F 33 -7.89 -2.87 6.00
N GLN F 34 -8.66 -3.36 6.97
CA GLN F 34 -8.93 -2.56 8.15
C GLN F 34 -7.92 -2.91 9.22
N ALA F 35 -7.67 -1.95 10.10
CA ALA F 35 -6.75 -2.17 11.22
C ALA F 35 -7.34 -3.24 12.12
N LEU F 36 -6.44 -4.02 12.69
CA LEU F 36 -6.80 -4.90 13.78
C LEU F 36 -7.36 -4.12 14.96
N VAL F 37 -8.34 -4.68 15.66
CA VAL F 37 -8.92 -4.05 16.84
C VAL F 37 -8.25 -4.58 18.09
N SER F 38 -7.54 -3.73 18.83
CA SER F 38 -6.87 -4.21 20.05
C SER F 38 -7.87 -4.38 21.18
N ILE F 39 -7.71 -5.46 21.92
CA ILE F 39 -8.54 -5.68 23.08
C ILE F 39 -7.67 -6.10 24.24
N PRO F 40 -8.11 -5.82 25.45
CA PRO F 40 -7.33 -6.22 26.62
C PRO F 40 -7.43 -7.71 26.83
N GLN F 41 -6.41 -8.30 27.46
CA GLN F 41 -6.46 -9.71 27.71
C GLN F 41 -7.50 -10.03 28.78
N SER F 42 -8.24 -11.11 28.52
CA SER F 42 -9.19 -11.69 29.44
C SER F 42 -8.89 -13.16 29.52
N ILE F 43 -9.67 -13.86 30.33
CA ILE F 43 -9.52 -15.29 30.42
C ILE F 43 -9.71 -15.98 29.06
N SER F 44 -10.47 -15.37 28.15
CA SER F 44 -10.66 -15.99 26.85
C SER F 44 -9.33 -16.09 26.09
N GLU F 45 -8.43 -15.13 26.28
CA GLU F 45 -7.16 -15.10 25.53
C GLU F 45 -5.98 -15.65 26.28
N THR F 46 -6.04 -15.70 27.61
CA THR F 46 -4.86 -16.06 28.42
C THR F 46 -4.85 -17.51 28.88
N THR F 47 -5.85 -18.27 28.45
CA THR F 47 -5.93 -19.70 28.66
C THR F 47 -5.88 -20.39 27.31
N GLY F 48 -5.71 -21.69 27.33
CA GLY F 48 -5.69 -22.50 26.13
C GLY F 48 -5.51 -23.95 26.50
N PRO F 49 -5.58 -24.82 25.51
CA PRO F 49 -5.52 -26.27 25.71
C PRO F 49 -4.11 -26.74 26.18
N ASN F 50 -4.13 -27.69 27.11
CA ASN F 50 -2.97 -28.44 27.59
C ASN F 50 -3.20 -29.86 27.05
N PHE F 51 -2.21 -30.38 26.34
CA PHE F 51 -2.27 -31.62 25.62
C PHE F 51 -1.52 -32.76 26.32
N SER F 52 -1.26 -32.58 27.62
CA SER F 52 -0.57 -33.57 28.43
C SER F 52 -1.17 -34.96 28.29
N HIS F 53 -2.48 -35.04 28.14
CA HIS F 53 -3.19 -36.34 28.05
C HIS F 53 -3.72 -36.70 26.69
N LEU F 54 -3.24 -36.01 25.66
CA LEU F 54 -3.47 -36.43 24.29
C LEU F 54 -2.69 -37.75 24.15
N GLY F 55 -3.24 -38.72 23.45
CA GLY F 55 -2.57 -40.02 23.32
C GLY F 55 -1.68 -40.05 22.10
N PHE F 56 -0.38 -40.09 22.33
CA PHE F 56 0.55 -40.16 21.21
C PHE F 56 0.93 -41.61 20.90
N GLY F 57 0.95 -41.97 19.63
CA GLY F 57 1.55 -43.21 19.19
C GLY F 57 3.05 -43.24 19.39
N ALA F 58 3.58 -44.46 19.46
CA ALA F 58 4.99 -44.66 19.77
C ALA F 58 5.92 -43.98 18.75
N HIS F 59 5.48 -43.84 17.51
CA HIS F 59 6.34 -43.24 16.48
C HIS F 59 5.90 -41.86 16.01
N ASP F 60 5.03 -41.20 16.79
CA ASP F 60 4.47 -39.92 16.34
C ASP F 60 5.54 -38.85 16.06
N HIS F 61 6.65 -38.93 16.75
CA HIS F 61 7.76 -37.97 16.63
C HIS F 61 8.84 -38.46 15.67
N ASP F 62 8.60 -39.61 15.05
CA ASP F 62 9.63 -40.29 14.25
C ASP F 62 9.16 -40.58 12.84
N LEU F 63 9.46 -39.63 11.93
CA LEU F 63 9.00 -39.69 10.53
C LEU F 63 9.72 -40.77 9.71
N LEU F 64 10.78 -41.35 10.24
CA LEU F 64 11.42 -42.50 9.60
C LEU F 64 10.68 -43.81 9.83
N LEU F 65 9.82 -43.86 10.84
CA LEU F 65 9.10 -45.08 11.16
C LEU F 65 7.58 -44.94 11.17
N ASN F 66 7.06 -43.72 11.17
CA ASN F 66 5.60 -43.55 11.28
C ASN F 66 4.76 -43.66 9.99
N PHE F 67 5.40 -43.92 8.85
CA PHE F 67 4.71 -44.20 7.61
C PHE F 67 5.42 -45.37 6.93
N ASN F 68 5.56 -46.44 7.68
CA ASN F 68 6.38 -47.57 7.27
C ASN F 68 5.52 -48.47 6.38
N ASN F 69 5.83 -48.47 5.10
CA ASN F 69 5.24 -49.39 4.12
C ASN F 69 6.25 -50.40 3.50
N GLY F 70 7.12 -50.95 4.33
CA GLY F 70 8.09 -51.96 3.89
C GLY F 70 9.57 -51.56 3.91
N GLY F 71 9.87 -50.31 4.24
CA GLY F 71 11.24 -49.87 4.18
C GLY F 71 11.44 -48.51 4.82
N LEU F 72 12.67 -48.04 4.72
CA LEU F 72 13.05 -46.70 5.22
C LEU F 72 12.87 -45.62 4.14
N PRO F 73 12.48 -44.41 4.53
CA PRO F 73 12.40 -43.36 3.53
C PRO F 73 13.79 -43.05 2.97
N ILE F 74 13.83 -42.60 1.74
CA ILE F 74 15.08 -42.19 1.09
C ILE F 74 15.34 -40.72 1.43
N GLY F 75 16.55 -40.40 1.82
CA GLY F 75 16.89 -39.04 2.12
C GLY F 75 17.83 -38.88 3.29
N GLU F 76 18.19 -37.63 3.54
CA GLU F 76 19.17 -37.30 4.57
C GLU F 76 18.55 -37.46 5.93
N ARG F 77 19.01 -38.45 6.69
CA ARG F 77 18.49 -38.72 8.01
C ARG F 77 18.92 -37.64 8.97
N ILE F 78 17.96 -37.03 9.66
CA ILE F 78 18.24 -35.95 10.61
C ILE F 78 17.37 -35.99 11.85
N ILE F 79 17.96 -35.60 12.96
CA ILE F 79 17.19 -35.26 14.14
C ILE F 79 16.94 -33.75 14.10
N VAL F 80 15.72 -33.35 14.39
CA VAL F 80 15.40 -31.95 14.61
C VAL F 80 14.96 -31.79 16.06
N ALA F 81 15.70 -30.99 16.83
CA ALA F 81 15.47 -30.87 18.26
C ALA F 81 15.69 -29.45 18.71
N GLY F 82 15.15 -29.10 19.85
CA GLY F 82 15.44 -27.79 20.41
C GLY F 82 14.61 -27.59 21.66
N ARG F 83 14.58 -26.36 22.13
CA ARG F 83 13.87 -26.00 23.36
C ARG F 83 12.80 -24.96 23.02
N VAL F 84 11.65 -25.06 23.69
CA VAL F 84 10.63 -24.04 23.64
C VAL F 84 10.72 -23.28 24.96
N VAL F 85 11.02 -22.00 24.83
CA VAL F 85 11.04 -21.04 25.95
C VAL F 85 10.12 -19.87 25.66
N ASP F 86 9.84 -19.07 26.67
CA ASP F 86 9.15 -17.82 26.46
C ASP F 86 10.15 -16.66 26.42
N GLN F 87 9.66 -15.45 26.22
CA GLN F 87 10.57 -14.29 26.02
C GLN F 87 11.40 -13.91 27.26
N TYR F 88 10.95 -14.35 28.42
CA TYR F 88 11.71 -14.21 29.67
C TYR F 88 12.73 -15.32 29.87
N GLY F 89 12.80 -16.27 28.95
CA GLY F 89 13.74 -17.37 29.04
C GLY F 89 13.22 -18.59 29.76
N LYS F 90 11.96 -18.58 30.15
CA LYS F 90 11.40 -19.68 30.93
C LYS F 90 11.01 -20.80 30.02
N PRO F 91 11.47 -22.03 30.33
CA PRO F 91 11.03 -23.15 29.51
C PRO F 91 9.51 -23.30 29.51
N VAL F 92 9.01 -23.90 28.43
CA VAL F 92 7.57 -24.11 28.23
C VAL F 92 7.43 -25.62 28.15
N PRO F 93 7.18 -26.27 29.31
CA PRO F 93 7.06 -27.72 29.37
C PRO F 93 5.71 -28.27 28.92
N ASN F 94 5.70 -29.53 28.48
CA ASN F 94 4.46 -30.24 28.21
C ASN F 94 3.59 -29.49 27.18
N THR F 95 4.23 -28.88 26.17
CA THR F 95 3.51 -28.10 25.15
C THR F 95 3.54 -28.90 23.83
N LEU F 96 2.48 -28.76 23.04
CA LEU F 96 2.35 -29.49 21.80
C LEU F 96 3.14 -28.80 20.66
N VAL F 97 4.00 -29.60 20.05
CA VAL F 97 4.78 -29.26 18.87
C VAL F 97 4.43 -30.20 17.74
N GLU F 98 3.93 -29.65 16.62
CA GLU F 98 3.55 -30.40 15.46
C GLU F 98 4.35 -29.90 14.27
N MET F 99 4.67 -30.80 13.36
CA MET F 99 5.46 -30.42 12.19
C MET F 99 4.99 -31.17 10.98
N TRP F 100 5.15 -30.52 9.82
CA TRP F 100 4.86 -31.19 8.58
C TRP F 100 5.79 -30.72 7.49
N GLN F 101 6.01 -31.57 6.51
CA GLN F 101 7.05 -31.29 5.50
C GLN F 101 6.87 -32.14 4.27
N ALA F 102 7.57 -31.74 3.21
CA ALA F 102 7.75 -32.53 2.03
C ALA F 102 8.82 -33.63 2.20
N ASN F 103 8.90 -34.51 1.22
CA ASN F 103 9.91 -35.56 1.25
C ASN F 103 11.23 -35.05 0.69
N ALA F 104 12.20 -35.96 0.51
CA ALA F 104 13.56 -35.56 0.15
C ALA F 104 13.61 -34.81 -1.19
N GLY F 105 12.61 -35.04 -2.04
CA GLY F 105 12.55 -34.43 -3.37
C GLY F 105 11.66 -33.21 -3.45
N GLY F 106 11.13 -32.77 -2.31
CA GLY F 106 10.23 -31.64 -2.29
C GLY F 106 8.79 -31.92 -2.67
N ARG F 107 8.41 -33.18 -2.65
CA ARG F 107 7.01 -33.57 -2.89
C ARG F 107 6.25 -33.75 -1.59
N TYR F 108 5.09 -33.10 -1.49
CA TYR F 108 4.20 -33.28 -0.36
C TYR F 108 3.21 -34.40 -0.61
N ARG F 109 2.91 -35.15 0.44
CA ARG F 109 1.85 -36.16 0.40
C ARG F 109 0.52 -35.45 0.73
N HIS F 110 -0.03 -34.78 -0.27
CA HIS F 110 -1.25 -34.01 -0.15
C HIS F 110 -1.88 -34.01 -1.54
N LYS F 111 -3.18 -34.28 -1.61
CA LYS F 111 -3.91 -34.33 -2.89
C LYS F 111 -3.71 -33.15 -3.81
N ASN F 112 -3.39 -31.97 -3.25
CA ASN F 112 -3.33 -30.75 -4.00
C ASN F 112 -1.94 -30.42 -4.53
N ASP F 113 -0.92 -31.25 -4.20
CA ASP F 113 0.45 -30.97 -4.69
C ASP F 113 0.65 -31.44 -6.14
N ARG F 114 0.77 -30.49 -7.07
CA ARG F 114 0.92 -30.79 -8.48
C ARG F 114 2.36 -31.00 -8.94
N TYR F 115 3.34 -30.92 -8.02
CA TYR F 115 4.75 -31.11 -8.42
C TYR F 115 5.03 -32.52 -8.87
N LEU F 116 5.77 -32.66 -9.96
CA LEU F 116 6.07 -33.93 -10.63
C LEU F 116 6.92 -34.88 -9.81
N ALA F 117 7.72 -34.37 -8.86
CA ALA F 117 8.67 -35.24 -8.16
C ALA F 117 7.93 -36.35 -7.38
N PRO F 118 8.52 -37.57 -7.31
CA PRO F 118 7.74 -38.70 -6.82
C PRO F 118 7.53 -38.70 -5.32
N LEU F 119 6.42 -39.31 -4.91
CA LEU F 119 6.21 -39.66 -3.53
C LEU F 119 7.24 -40.71 -3.13
N ASP F 120 7.46 -40.80 -1.83
CA ASP F 120 8.29 -41.80 -1.23
C ASP F 120 7.33 -42.69 -0.44
N PRO F 121 7.23 -43.99 -0.80
CA PRO F 121 6.18 -44.82 -0.23
C PRO F 121 6.33 -45.05 1.28
N ASN F 122 7.55 -44.80 1.82
CA ASN F 122 7.82 -44.95 3.25
C ASN F 122 7.94 -43.61 4.01
N PHE F 123 7.38 -42.55 3.44
CA PHE F 123 7.42 -41.23 4.08
C PHE F 123 6.08 -40.53 3.96
N GLY F 124 5.56 -40.14 5.11
CA GLY F 124 4.30 -39.42 5.21
C GLY F 124 4.50 -37.92 5.38
N GLY F 125 5.29 -37.49 6.35
CA GLY F 125 5.63 -36.05 6.45
C GLY F 125 5.00 -35.30 7.61
N VAL F 126 4.40 -36.03 8.56
CA VAL F 126 3.81 -35.42 9.75
C VAL F 126 4.43 -35.99 11.01
N GLY F 127 4.73 -35.12 11.98
CA GLY F 127 5.10 -35.54 13.31
C GLY F 127 4.50 -34.67 14.40
N ARG F 128 4.46 -35.19 15.61
CA ARG F 128 4.05 -34.40 16.76
C ARG F 128 4.70 -34.96 18.00
N CYS F 129 4.89 -34.09 18.99
CA CYS F 129 5.36 -34.50 20.30
C CYS F 129 4.99 -33.43 21.33
N LEU F 130 5.21 -33.73 22.60
CA LEU F 130 5.14 -32.76 23.66
C LEU F 130 6.55 -32.40 24.04
N THR F 131 6.79 -31.14 24.42
CA THR F 131 8.06 -30.79 25.08
C THR F 131 8.10 -31.52 26.42
N ASP F 132 9.30 -31.87 26.85
CA ASP F 132 9.49 -32.51 28.16
C ASP F 132 9.39 -31.49 29.30
N SER F 133 9.68 -31.92 30.53
CA SER F 133 9.52 -31.07 31.70
C SER F 133 10.45 -29.88 31.70
N ASP F 134 11.50 -29.93 30.86
CA ASP F 134 12.51 -28.88 30.75
C ASP F 134 12.38 -28.06 29.43
N GLY F 135 11.31 -28.28 28.69
CA GLY F 135 11.03 -27.52 27.47
C GLY F 135 11.60 -28.06 26.16
N TYR F 136 12.26 -29.22 26.22
CA TYR F 136 12.91 -29.81 25.02
C TYR F 136 12.00 -30.70 24.21
N TYR F 137 12.11 -30.60 22.89
CA TYR F 137 11.42 -31.50 21.99
C TYR F 137 12.43 -32.18 21.05
N SER F 138 11.98 -33.26 20.41
CA SER F 138 12.83 -33.98 19.47
C SER F 138 12.01 -34.73 18.43
N PHE F 139 12.41 -34.61 17.16
CA PHE F 139 11.84 -35.36 16.07
C PHE F 139 13.00 -36.05 15.29
N ARG F 140 12.67 -37.14 14.60
CA ARG F 140 13.58 -37.72 13.63
C ARG F 140 12.87 -37.72 12.30
N THR F 141 13.58 -37.30 11.26
CA THR F 141 12.97 -37.16 9.97
C THR F 141 14.02 -37.23 8.85
N ILE F 142 13.59 -36.87 7.64
CA ILE F 142 14.43 -36.73 6.49
C ILE F 142 14.49 -35.24 6.13
N LYS F 143 15.62 -34.72 5.69
CA LYS F 143 15.67 -33.30 5.32
C LYS F 143 14.80 -33.09 4.09
N PRO F 144 13.84 -32.15 4.15
CA PRO F 144 12.99 -31.98 2.96
C PRO F 144 13.73 -31.27 1.84
N GLY F 145 13.35 -31.57 0.62
CA GLY F 145 13.84 -30.83 -0.53
C GLY F 145 13.10 -29.53 -0.82
N PRO F 146 13.77 -28.61 -1.52
CA PRO F 146 13.17 -27.38 -1.99
C PRO F 146 12.01 -27.70 -2.88
N TYR F 147 11.07 -26.82 -3.05
N TYR F 147 11.07 -26.72 -2.94
CA TYR F 147 10.22 -27.17 -4.12
CA TYR F 147 9.72 -26.85 -3.55
C TYR F 147 9.70 -25.90 -4.72
C TYR F 147 9.40 -25.73 -4.61
N PRO F 148 9.34 -26.06 -5.94
CA PRO F 148 8.94 -24.99 -6.84
C PRO F 148 7.47 -24.69 -6.66
N TRP F 149 7.10 -23.44 -6.83
CA TRP F 149 5.72 -23.05 -6.66
C TRP F 149 5.33 -21.85 -7.52
N ARG F 150 4.04 -21.75 -7.75
CA ARG F 150 3.54 -20.76 -8.72
C ARG F 150 3.34 -19.40 -8.08
N ASN F 151 4.42 -18.73 -7.78
CA ASN F 151 4.37 -17.40 -7.29
C ASN F 151 4.90 -16.55 -8.45
N GLY F 152 6.15 -16.12 -8.42
CA GLY F 152 6.83 -15.71 -9.64
C GLY F 152 7.11 -16.86 -10.59
N PRO F 153 7.69 -16.56 -11.77
CA PRO F 153 7.83 -17.64 -12.76
C PRO F 153 8.99 -18.63 -12.49
N ASN F 154 9.83 -18.35 -11.52
CA ASN F 154 10.89 -19.33 -11.14
C ASN F 154 11.19 -19.21 -9.66
N ASP F 155 10.15 -19.40 -8.86
CA ASP F 155 10.24 -19.36 -7.41
C ASP F 155 10.32 -20.76 -6.81
N TRP F 156 11.17 -20.87 -5.81
CA TRP F 156 11.44 -22.12 -5.12
C TRP F 156 11.51 -21.86 -3.63
N ARG F 157 10.76 -22.64 -2.85
CA ARG F 157 10.85 -22.54 -1.39
C ARG F 157 12.18 -23.16 -1.03
N PRO F 158 12.91 -22.54 -0.10
CA PRO F 158 14.02 -23.27 0.54
C PRO F 158 13.50 -24.55 1.20
N ALA F 159 14.39 -25.51 1.43
CA ALA F 159 14.07 -26.66 2.28
C ALA F 159 13.45 -26.14 3.56
N HIS F 160 12.31 -26.67 3.96
CA HIS F 160 11.68 -26.15 5.18
C HIS F 160 10.77 -27.13 5.84
N ILE F 161 10.59 -26.97 7.15
CA ILE F 161 9.68 -27.79 7.91
C ILE F 161 8.68 -26.83 8.57
N HIS F 162 7.40 -27.15 8.42
CA HIS F 162 6.36 -26.29 9.02
C HIS F 162 6.25 -26.72 10.48
N PHE F 163 6.10 -25.77 11.39
CA PHE F 163 5.93 -26.05 12.81
C PHE F 163 4.70 -25.37 13.35
N GLY F 164 4.00 -26.05 14.26
CA GLY F 164 2.94 -25.42 15.05
C GLY F 164 3.26 -25.69 16.51
N ILE F 165 3.16 -24.67 17.35
CA ILE F 165 3.42 -24.75 18.77
C ILE F 165 2.27 -24.15 19.55
N SER F 166 1.70 -24.89 20.50
CA SER F 166 0.56 -24.39 21.26
C SER F 166 0.91 -23.36 22.31
N GLY F 167 1.84 -23.69 23.19
CA GLY F 167 2.14 -22.84 24.30
C GLY F 167 1.05 -22.87 25.34
N PRO F 168 1.20 -21.98 26.33
CA PRO F 168 0.29 -21.98 27.48
C PRO F 168 -1.07 -21.41 27.21
N SER F 169 -1.28 -20.73 26.10
CA SER F 169 -2.59 -20.12 25.86
C SER F 169 -2.84 -19.93 24.39
N ILE F 170 -4.09 -19.63 24.01
CA ILE F 170 -4.34 -19.27 22.63
C ILE F 170 -3.59 -18.00 22.17
N ALA F 171 -3.20 -17.14 23.12
CA ALA F 171 -2.41 -15.97 22.81
C ALA F 171 -0.98 -16.32 22.34
N THR F 172 -0.46 -17.48 22.77
CA THR F 172 0.92 -17.90 22.45
C THR F 172 1.04 -18.79 21.22
N LYS F 173 -0.08 -19.35 20.77
CA LYS F 173 -0.05 -20.30 19.69
C LYS F 173 0.60 -19.68 18.46
N LEU F 174 1.45 -20.45 17.79
CA LEU F 174 2.23 -19.95 16.68
C LEU F 174 2.36 -21.04 15.63
N ILE F 175 2.25 -20.64 14.36
CA ILE F 175 2.68 -21.46 13.27
C ILE F 175 3.83 -20.69 12.59
N THR F 176 4.89 -21.43 12.31
CA THR F 176 6.06 -20.90 11.68
C THR F 176 6.70 -21.93 10.73
N GLN F 177 7.88 -21.60 10.20
CA GLN F 177 8.63 -22.52 9.36
C GLN F 177 10.09 -22.49 9.79
N LEU F 178 10.69 -23.68 9.82
CA LEU F 178 12.10 -23.87 10.04
C LEU F 178 12.81 -23.94 8.69
N TYR F 179 13.94 -23.25 8.56
CA TYR F 179 14.83 -23.32 7.39
C TYR F 179 16.16 -23.88 7.84
N PHE F 180 17.02 -24.22 6.89
CA PHE F 180 18.30 -24.88 7.20
C PHE F 180 19.52 -24.02 6.93
N GLU F 181 20.42 -23.99 7.93
CA GLU F 181 21.69 -23.27 7.89
C GLU F 181 22.37 -23.31 6.51
N GLY F 182 22.65 -22.13 5.99
CA GLY F 182 23.41 -21.97 4.75
C GLY F 182 22.64 -22.09 3.44
N ASP F 183 21.34 -22.39 3.48
CA ASP F 183 20.60 -22.67 2.25
C ASP F 183 20.52 -21.38 1.46
N PRO F 184 21.08 -21.38 0.25
CA PRO F 184 21.14 -20.17 -0.53
C PRO F 184 19.77 -19.75 -1.08
N LEU F 185 18.76 -20.60 -0.99
CA LEU F 185 17.41 -20.20 -1.39
C LEU F 185 16.73 -19.25 -0.39
N ILE F 186 17.19 -19.23 0.86
CA ILE F 186 16.52 -18.47 1.91
C ILE F 186 16.35 -16.95 1.60
N PRO F 187 17.42 -16.23 1.21
CA PRO F 187 17.23 -14.79 0.94
C PRO F 187 16.46 -14.49 -0.34
N MET F 188 16.16 -15.50 -1.14
CA MET F 188 15.44 -15.30 -2.40
C MET F 188 13.91 -15.57 -2.29
N CYS F 189 13.44 -16.06 -1.14
CA CYS F 189 12.08 -16.56 -1.00
C CYS F 189 11.15 -15.45 -0.54
N PRO F 190 10.08 -15.15 -1.32
CA PRO F 190 9.15 -14.10 -0.88
C PRO F 190 8.33 -14.45 0.37
N ILE F 191 8.23 -15.73 0.72
CA ILE F 191 7.62 -16.09 2.01
C ILE F 191 8.57 -15.81 3.18
N VAL F 192 9.81 -16.24 3.09
CA VAL F 192 10.83 -15.76 4.03
C VAL F 192 10.80 -14.23 4.18
N LYS F 193 10.75 -13.54 3.04
CA LYS F 193 10.91 -12.09 3.04
C LYS F 193 9.62 -11.34 3.37
N SER F 194 8.56 -12.08 3.68
CA SER F 194 7.37 -11.48 4.31
C SER F 194 7.75 -10.89 5.67
N ILE F 195 8.80 -11.45 6.27
CA ILE F 195 9.41 -10.89 7.46
C ILE F 195 10.37 -9.78 7.03
N ALA F 196 10.09 -8.54 7.44
CA ALA F 196 10.82 -7.37 6.94
C ALA F 196 12.23 -7.28 7.51
N ASN F 197 12.42 -7.73 8.74
CA ASN F 197 13.69 -7.58 9.48
C ASN F 197 14.55 -8.85 9.31
N PRO F 198 15.67 -8.78 8.57
CA PRO F 198 16.48 -9.99 8.44
C PRO F 198 16.94 -10.64 9.73
N GLU F 199 17.01 -9.89 10.82
CA GLU F 199 17.36 -10.47 12.13
C GLU F 199 16.27 -11.38 12.64
N ALA F 200 15.03 -11.10 12.24
CA ALA F 200 13.93 -11.99 12.60
C ALA F 200 14.01 -13.28 11.81
N VAL F 201 14.35 -13.18 10.51
CA VAL F 201 14.53 -14.34 9.68
C VAL F 201 15.60 -15.27 10.28
N GLN F 202 16.65 -14.71 10.86
CA GLN F 202 17.73 -15.51 11.44
C GLN F 202 17.21 -16.47 12.50
N GLN F 203 16.17 -16.06 13.21
CA GLN F 203 15.56 -16.86 14.25
C GLN F 203 14.86 -18.13 13.71
N LEU F 204 14.58 -18.18 12.42
CA LEU F 204 13.96 -19.36 11.79
C LEU F 204 14.94 -20.36 11.18
N ILE F 205 16.23 -20.04 11.28
CA ILE F 205 17.24 -20.85 10.62
C ILE F 205 17.84 -21.84 11.64
N ALA F 206 17.56 -23.12 11.44
CA ALA F 206 18.07 -24.19 12.29
C ALA F 206 19.55 -24.36 12.01
N LYS F 207 20.31 -24.59 13.05
CA LYS F 207 21.76 -24.74 12.94
C LYS F 207 22.15 -26.21 13.00
N LEU F 208 23.12 -26.57 12.18
CA LEU F 208 23.70 -27.92 12.20
C LEU F 208 24.23 -28.17 13.61
N ASP F 209 23.90 -29.31 14.18
CA ASP F 209 24.19 -29.57 15.59
C ASP F 209 24.94 -30.91 15.69
N MET F 210 26.26 -30.88 15.46
CA MET F 210 27.02 -32.16 15.34
C MET F 210 27.04 -32.91 16.65
N ASN F 211 26.96 -32.16 17.76
CA ASN F 211 26.94 -32.73 19.09
C ASN F 211 25.74 -33.65 19.35
N ASN F 212 24.63 -33.43 18.61
CA ASN F 212 23.44 -34.19 18.75
C ASN F 212 23.24 -35.29 17.69
N ALA F 213 24.20 -35.36 16.76
CA ALA F 213 24.17 -36.37 15.74
C ALA F 213 24.41 -37.77 16.31
N ASN F 214 23.85 -38.78 15.63
CA ASN F 214 24.19 -40.19 15.85
C ASN F 214 25.20 -40.62 14.82
N PRO F 215 26.49 -40.79 15.22
CA PRO F 215 27.51 -41.18 14.24
C PRO F 215 27.09 -42.39 13.44
N MET F 216 27.47 -42.42 12.18
CA MET F 216 27.14 -43.51 11.24
C MET F 216 25.66 -43.72 11.05
N ASP F 217 24.85 -42.69 11.30
CA ASP F 217 23.39 -42.88 11.34
C ASP F 217 22.64 -41.63 10.87
N CYS F 218 22.65 -40.57 11.64
CA CYS F 218 21.85 -39.38 11.29
C CYS F 218 22.54 -38.12 11.80
N LEU F 219 22.39 -37.03 11.05
CA LEU F 219 22.88 -35.71 11.51
C LEU F 219 21.78 -35.11 12.40
N ALA F 220 21.96 -33.88 12.83
CA ALA F 220 21.01 -33.24 13.70
C ALA F 220 21.06 -31.74 13.45
N TYR F 221 19.91 -31.12 13.63
CA TYR F 221 19.70 -29.69 13.55
C TYR F 221 19.04 -29.20 14.84
N ARG F 222 19.38 -27.98 15.22
CA ARG F 222 18.83 -27.37 16.43
C ARG F 222 17.93 -26.21 16.05
N PHE F 223 16.70 -26.24 16.56
CA PHE F 223 15.73 -25.18 16.33
C PHE F 223 15.01 -24.84 17.65
N ASP F 224 15.42 -23.73 18.26
CA ASP F 224 14.81 -23.26 19.49
C ASP F 224 13.67 -22.29 19.13
N ILE F 225 12.60 -22.32 19.92
CA ILE F 225 11.43 -21.54 19.66
C ILE F 225 11.16 -20.65 20.86
N VAL F 226 10.84 -19.36 20.60
CA VAL F 226 10.51 -18.42 21.65
C VAL F 226 9.06 -17.97 21.50
N LEU F 227 8.26 -18.28 22.52
CA LEU F 227 6.87 -17.84 22.59
C LEU F 227 6.76 -16.56 23.42
N ARG F 228 5.60 -15.91 23.36
CA ARG F 228 5.37 -14.69 24.09
C ARG F 228 5.66 -14.86 25.55
N GLY F 229 6.32 -13.87 26.14
CA GLY F 229 6.58 -13.90 27.57
C GLY F 229 5.34 -13.90 28.41
N GLN F 230 5.36 -14.69 29.48
CA GLN F 230 4.24 -14.84 30.38
C GLN F 230 4.61 -14.27 31.75
N ARG F 231 3.75 -13.41 32.28
CA ARG F 231 3.97 -12.84 33.60
C ARG F 231 2.68 -12.90 34.40
N LYS F 232 2.81 -12.83 35.72
CA LYS F 232 1.66 -12.65 36.58
C LYS F 232 1.02 -11.29 36.37
N THR F 233 -0.29 -11.23 36.55
CA THR F 233 -0.98 -9.94 36.68
C THR F 233 -0.44 -9.16 37.88
N HIS F 234 -0.40 -7.85 37.79
CA HIS F 234 -0.09 -7.03 38.93
C HIS F 234 -0.89 -5.74 38.91
N PHE F 235 -1.32 -5.31 40.09
CA PHE F 235 -1.98 -4.02 40.28
C PHE F 235 -3.17 -3.82 39.35
N GLU F 236 -3.90 -4.89 39.07
CA GLU F 236 -5.10 -4.80 38.26
C GLU F 236 -6.35 -4.63 39.15
N ASN F 237 -7.31 -3.85 38.67
CA ASN F 237 -8.52 -3.55 39.42
C ASN F 237 -8.12 -2.97 40.77
N CYS F 238 -7.50 -1.79 40.66
CA CYS F 238 -6.71 -1.17 41.73
C CYS F 238 -6.82 0.36 41.65
CL CL G . -18.49 -33.23 10.10
C1 3N8 H . -23.73 -3.98 18.83
C2 3N8 H . -24.25 -3.52 17.63
C3 3N8 H . -24.52 -4.37 16.58
C4 3N8 H . -24.24 -5.71 16.74
C5 3N8 H . -23.73 -6.21 17.95
C6 3N8 H . -23.47 -5.33 18.99
O7 3N8 H . -23.48 -3.08 19.81
O8 3N8 H . -24.50 -2.21 17.53
F9 3N8 H . -24.48 -6.57 15.74
CL CL I . -15.67 -18.81 -5.10
C1 3N8 J . -16.49 21.58 -14.40
C2 3N8 J . -17.14 20.38 -14.56
C3 3N8 J . -17.96 19.86 -13.57
C4 3N8 J . -18.14 20.60 -12.40
C5 3N8 J . -17.50 21.83 -12.22
C6 3N8 J . -16.67 22.33 -13.23
O7 3N8 J . -15.67 22.02 -15.39
O8 3N8 J . -16.94 19.68 -15.70
F9 3N8 J . -18.95 20.11 -11.43
FE FE K . -2.21 14.24 22.51
C1 3N8 L . 10.83 6.66 12.08
C2 3N8 L . 11.35 5.45 12.56
C3 3N8 L . 12.09 5.45 13.74
C4 3N8 L . 12.30 6.66 14.44
C5 3N8 L . 11.79 7.85 13.95
C6 3N8 L . 11.04 7.85 12.76
O7 3N8 L . 10.11 6.63 10.94
O8 3N8 L . 11.09 4.32 11.84
F9 3N8 L . 13.00 6.70 15.60
C1 3N8 M . -2.98 4.76 -2.86
C2 3N8 M . -2.30 5.89 -2.45
C3 3N8 M . -1.11 5.76 -1.72
C4 3N8 M . -0.63 4.48 -1.43
C5 3N8 M . -1.32 3.35 -1.85
C6 3N8 M . -2.50 3.48 -2.57
O7 3N8 M . -4.15 4.91 -3.55
O8 3N8 M . -2.79 7.12 -2.75
F9 3N8 M . 0.52 4.36 -0.73
C1 3N8 N . 0.63 25.08 -12.92
C2 3N8 N . 1.59 25.35 -11.98
C3 3N8 N . 1.72 24.54 -10.88
C4 3N8 N . 0.88 23.44 -10.76
C5 3N8 N . -0.09 23.14 -11.72
C6 3N8 N . -0.21 23.98 -12.82
O7 3N8 N . 0.55 25.89 -14.00
O8 3N8 N . 2.42 26.42 -12.14
F9 3N8 N . 1.01 22.68 -9.68
C1 BME O . 4.20 3.59 7.49
C2 BME O . 4.08 2.60 8.63
O1 BME O . 5.38 3.25 6.75
S2 BME O . 2.79 3.21 9.71
C1 BME P . 15.93 10.11 19.24
C2 BME P . 14.44 9.77 19.19
O1 BME P . 16.11 11.53 19.36
S2 BME P . 13.95 9.22 17.52
C BCT Q . -12.23 19.26 37.88
O1 BCT Q . -12.39 18.42 38.79
O2 BCT Q . -13.12 19.57 37.07
O3 BCT Q . -11.05 19.83 37.76
C1 3N8 R . -10.02 27.89 29.36
C2 3N8 R . -9.89 26.51 29.17
C3 3N8 R . -8.65 25.89 29.43
C4 3N8 R . -7.53 26.66 29.86
C5 3N8 R . -7.70 28.05 30.05
C6 3N8 R . -8.94 28.66 29.79
O7 3N8 R . -11.20 28.51 29.13
O8 3N8 R . -10.97 25.77 28.73
F9 3N8 R . -6.29 26.10 30.10
C BCT S . -13.71 16.77 31.01
O1 BCT S . -14.53 15.84 31.18
O2 BCT S . -14.04 17.89 30.58
O3 BCT S . -12.44 16.56 31.32
C1 BME T . 13.45 21.91 18.13
C2 BME T . 14.19 21.67 16.82
O1 BME T . 13.93 23.13 18.73
S2 BME T . 15.97 21.60 17.10
C1 3N8 U . -12.50 -20.88 -18.57
C2 3N8 U . -13.48 -20.29 -17.80
C3 3N8 U . -14.02 -19.07 -18.15
C4 3N8 U . -13.59 -18.44 -19.31
C5 3N8 U . -12.61 -19.02 -20.12
C6 3N8 U . -12.06 -20.25 -19.75
O7 3N8 U . -11.99 -22.08 -18.13
O8 3N8 U . -13.85 -20.93 -16.66
F9 3N8 U . -14.14 -17.27 -19.65
C1 BME V . -13.58 -7.49 -23.19
C2 BME V . -13.75 -7.37 -21.69
O1 BME V . -14.21 -6.38 -23.84
S2 BME V . -14.41 -8.92 -21.04
CL CL W . -7.67 2.51 -38.39
S SO4 X . -13.91 9.39 -19.19
O1 SO4 X . -14.84 9.45 -20.35
O2 SO4 X . -13.31 8.07 -19.15
O3 SO4 X . -12.84 10.40 -19.31
O4 SO4 X . -14.66 9.64 -17.92
FE FE Y . 9.68 12.58 -21.42
C1 3N8 Z . 9.23 12.60 -38.67
C2 3N8 Z . 8.86 13.14 -37.43
C3 3N8 Z . 9.84 13.49 -36.47
C4 3N8 Z . 11.21 13.32 -36.76
C5 3N8 Z . 11.56 12.78 -38.02
C6 3N8 Z . 10.58 12.41 -38.96
O7 3N8 Z . 8.29 12.26 -39.59
O8 3N8 Z . 7.53 13.29 -37.14
F9 3N8 Z . 12.20 13.63 -35.85
C1 3N8 AA . 15.63 5.65 -5.53
C2 3N8 AA . 15.81 6.61 -4.53
C3 3N8 AA . 16.80 7.57 -4.67
C4 3N8 AA . 17.60 7.57 -5.81
C5 3N8 AA . 17.42 6.60 -6.80
C6 3N8 AA . 16.42 5.63 -6.65
O7 3N8 AA . 14.65 4.74 -5.35
O8 3N8 AA . 14.97 6.56 -3.44
F9 3N8 AA . 18.56 8.49 -5.97
C1 3N8 BA . -0.80 -4.68 -4.78
C2 3N8 BA . -1.83 -4.35 -3.91
C3 3N8 BA . -1.61 -3.46 -2.86
C4 3N8 BA . -0.33 -2.92 -2.69
C5 3N8 BA . 0.71 -3.25 -3.56
C6 3N8 BA . 0.48 -4.14 -4.61
O7 3N8 BA . -1.05 -5.54 -5.78
O8 3N8 BA . -3.06 -4.87 -4.13
F9 3N8 BA . -0.10 -2.06 -1.68
C1 3N8 CA . 19.49 -17.64 -29.99
C2 3N8 CA . 20.42 -17.04 -29.15
C3 3N8 CA . 20.82 -17.67 -27.98
C4 3N8 CA . 20.29 -18.92 -27.66
C5 3N8 CA . 19.36 -19.55 -28.50
C6 3N8 CA . 18.96 -18.90 -29.67
O7 3N8 CA . 19.11 -16.98 -31.12
O8 3N8 CA . 20.93 -15.82 -29.46
F9 3N8 CA . 20.70 -19.49 -26.53
C1 BME DA . 25.57 2.72 -19.88
C2 BME DA . 24.94 2.45 -18.51
O1 BME DA . 26.80 3.48 -19.73
S2 BME DA . 26.28 1.97 -17.38
NA NA EA . 6.78 6.31 -4.90
C1 GOL FA . 12.37 -21.95 -18.98
O1 GOL FA . 13.01 -23.03 -18.29
C2 GOL FA . 11.68 -20.84 -18.17
O2 GOL FA . 10.28 -20.73 -18.59
C3 GOL FA . 12.34 -19.45 -18.35
O3 GOL FA . 13.55 -19.21 -17.59
FE FE GA . 5.74 -25.90 2.52
C1 3N8 HA . -8.18 -1.52 25.09
C2 3N8 HA . -6.98 -2.17 25.31
C3 3N8 HA . -6.55 -2.40 26.61
C4 3N8 HA . -7.35 -1.99 27.69
C5 3N8 HA . -8.56 -1.34 27.47
C6 3N8 HA . -8.98 -1.11 26.15
O7 3N8 HA . -8.52 -1.31 23.80
O8 3N8 HA . -6.29 -2.53 24.20
F9 3N8 HA . -6.97 -2.22 28.98
C1 3N8 IA . -4.33 -0.77 4.15
C2 3N8 IA . -3.68 -1.54 5.12
C3 3N8 IA . -2.31 -1.74 5.04
C4 3N8 IA . -1.59 -1.16 3.99
C5 3N8 IA . -2.24 -0.39 3.02
C6 3N8 IA . -3.60 -0.20 3.11
O7 3N8 IA . -5.67 -0.60 4.25
O8 3N8 IA . -4.44 -2.09 6.11
F9 3N8 IA . -0.25 -1.33 3.87
C1 3N8 JA . 13.91 -9.60 4.25
C2 3N8 JA . 14.72 -9.27 3.17
C3 3N8 JA . 15.85 -10.02 2.91
C4 3N8 JA . 16.16 -11.11 3.71
C5 3N8 JA . 15.35 -11.45 4.79
C6 3N8 JA . 14.22 -10.68 5.06
O7 3N8 JA . 12.80 -8.85 4.50
O8 3N8 JA . 14.38 -8.20 2.40
F9 3N8 JA . 17.24 -11.85 3.46
C1 3N8 KA . 5.71 -22.88 -14.97
C2 3N8 KA . 4.52 -23.54 -14.86
C3 3N8 KA . 3.39 -22.93 -14.31
C4 3N8 KA . 3.53 -21.61 -13.89
C5 3N8 KA . 4.73 -20.91 -14.02
C6 3N8 KA . 5.84 -21.55 -14.56
O7 3N8 KA . 6.77 -23.55 -15.51
O8 3N8 KA . 4.45 -24.83 -15.28
F9 3N8 KA . 2.46 -21.01 -13.37
C1 BME LA . 4.69 -17.37 34.36
C2 BME LA . 3.83 -16.34 35.10
O1 BME LA . 4.08 -18.67 34.28
S2 BME LA . 2.09 -16.82 35.34
C1 3N8 MA . 17.41 -21.43 26.12
C2 3N8 MA . 17.45 -21.87 24.81
C3 3N8 MA . 17.15 -20.98 23.79
C4 3N8 MA . 16.83 -19.66 24.09
C5 3N8 MA . 16.79 -19.23 25.41
C6 3N8 MA . 17.08 -20.12 26.43
O7 3N8 MA . 17.70 -22.30 27.11
O8 3N8 MA . 17.79 -23.16 24.52
F9 3N8 MA . 16.54 -18.81 23.08
C1 BME NA . 17.01 -20.36 16.18
C2 BME NA . 17.28 -21.77 16.70
O1 BME NA . 18.08 -19.51 16.63
S2 BME NA . 19.04 -22.21 16.55
C1 BME OA . 21.70 -19.08 4.51
C2 BME OA . 21.65 -18.25 5.77
O1 BME OA . 21.09 -18.42 3.41
S2 BME OA . 22.36 -19.25 7.10
C1 3N8 PA . -3.89 -38.15 -2.17
C2 3N8 PA . -3.22 -37.99 -3.39
C3 3N8 PA . -1.85 -37.77 -3.41
C4 3N8 PA . -1.16 -37.71 -2.19
C5 3N8 PA . -1.83 -37.86 -0.98
C6 3N8 PA . -3.19 -38.07 -0.97
O7 3N8 PA . -5.24 -38.36 -2.14
O8 3N8 PA . -3.92 -38.05 -4.56
F9 3N8 PA . 0.15 -37.48 -2.18
C BCT QA . 18.20 -24.71 32.47
O1 BCT QA . 17.83 -25.90 32.58
O2 BCT QA . 19.40 -24.41 32.43
O3 BCT QA . 17.29 -23.75 32.42
C1 3N9 RA . 4.11 -22.67 1.82
C2 3N9 RA . 4.38 -24.06 1.38
C3 3N9 RA . 4.43 -24.21 -0.06
C4 3N9 RA . 4.13 -23.13 -0.85
C5 3N9 RA . 3.95 -21.83 -0.44
C6 3N9 RA . 3.87 -21.63 0.94
O2 3N9 RA . 5.67 -24.10 1.92
O3 3N9 RA . 3.52 -25.15 1.69
O4 3N9 RA . 4.12 -26.44 1.97
O1 3N9 RA . 4.15 -22.45 3.02
F4 3N9 RA . 3.95 -23.49 -2.11
#